data_1BPO
#
_entry.id   1BPO
#
_cell.length_a   205.825
_cell.length_b   205.825
_cell.length_c   87.630
_cell.angle_alpha   90.00
_cell.angle_beta   90.00
_cell.angle_gamma   120.00
#
_symmetry.space_group_name_H-M   'P 32 2 1'
#
loop_
_entity.id
_entity.type
_entity.pdbx_description
1 polymer 'PROTEIN (CLATHRIN)'
2 water water
#
_entity_poly.entity_id   1
_entity_poly.type   'polypeptide(L)'
_entity_poly.pdbx_seq_one_letter_code
;MAQILPIRFQEHLQLQNLGINPANIGFSTLTMESDKFICIREKVGEQAQVVIIDMNDPSNPIRRPISADSAIMNPASKVI
ALKAGKTLQIFNIEMKSKMKAHTMTDDVTFWKWISLNTVALVTDNAVYHWSMEGESQPVKMFDRHSSLAGCQIINYRTDA
KQKWLLLTGISAQQNRVVGAMQLYSVDRKVSQPIEGHAASFAQFKMEGNAEESTLFCFAVRGQAGGKLHIIEVGTPPTGN
QPFPKKAVDVFFPPEAQNDFPVAMQISEKHDVVFLITKYGYIHLYDLETGTCIYMNRISGETIFVTAPHEATAGIIGVNR
KGQVLSVCVEEENIIPYITNVLQNPDLALRMAVRNNLAGAEELFARKFNALFAQGNYSEAAKVAANAPKGILRTPDTIRR
FQSVPAQPGQTSPLLQYFGILLDQGQLNKYESLELCRPVLQQGRKQLLEKWLKEDKLECSEELGDLVKSVDPTLALSVYL
RANVPNKVIQCFAE
;
_entity_poly.pdbx_strand_id   A,B,C
#
# COMPACT_ATOMS: atom_id res chain seq x y z
N MET A 1 31.41 3.82 -40.06
CA MET A 1 31.11 4.54 -38.78
C MET A 1 30.13 3.72 -37.94
N ALA A 2 29.57 4.34 -36.91
CA ALA A 2 28.63 3.66 -36.06
C ALA A 2 27.28 3.50 -36.77
N GLN A 3 26.80 2.26 -36.76
CA GLN A 3 25.52 1.89 -37.34
C GLN A 3 24.52 2.02 -36.18
N ILE A 4 24.99 1.80 -34.94
CA ILE A 4 24.14 1.92 -33.74
C ILE A 4 24.87 2.75 -32.67
N LEU A 5 24.14 3.35 -31.74
CA LEU A 5 24.76 4.18 -30.71
C LEU A 5 24.76 3.28 -29.48
N PRO A 6 25.96 2.90 -28.96
CA PRO A 6 26.05 2.02 -27.80
C PRO A 6 25.85 2.64 -26.41
N ILE A 7 25.87 3.98 -26.32
CA ILE A 7 25.70 4.69 -25.05
C ILE A 7 24.56 5.70 -24.99
N ARG A 8 24.15 6.09 -23.79
CA ARG A 8 23.18 7.19 -23.68
C ARG A 8 24.03 8.41 -23.19
N PHE A 9 23.72 9.66 -23.60
CA PHE A 9 24.48 10.88 -23.20
C PHE A 9 23.39 11.86 -22.83
N GLN A 10 23.33 12.17 -21.55
CA GLN A 10 22.25 12.97 -21.04
C GLN A 10 22.72 14.24 -20.27
N GLU A 11 21.88 15.27 -20.24
CA GLU A 11 22.17 16.49 -19.47
C GLU A 11 21.21 16.35 -18.30
N HIS A 12 21.68 16.54 -17.09
CA HIS A 12 20.82 16.32 -15.96
C HIS A 12 20.41 17.63 -15.37
N LEU A 13 21.23 18.63 -15.57
CA LEU A 13 20.94 19.89 -14.96
C LEU A 13 21.86 20.96 -15.56
N GLN A 14 21.36 22.18 -15.70
CA GLN A 14 22.26 23.23 -16.18
C GLN A 14 22.47 24.07 -14.94
N LEU A 15 23.68 24.06 -14.38
CA LEU A 15 23.82 24.76 -13.14
C LEU A 15 23.48 26.22 -13.19
N GLN A 16 23.85 26.92 -14.25
CA GLN A 16 23.54 28.36 -14.32
C GLN A 16 22.03 28.62 -14.28
N ASN A 17 21.20 27.69 -14.77
CA ASN A 17 19.76 27.82 -14.69
C ASN A 17 19.36 27.83 -13.22
N LEU A 18 20.29 27.53 -12.31
CA LEU A 18 19.94 27.54 -10.89
C LEU A 18 20.56 28.82 -10.43
N GLY A 19 20.91 29.65 -11.42
CA GLY A 19 21.57 30.92 -11.15
C GLY A 19 22.81 30.80 -10.29
N ILE A 20 23.74 29.94 -10.71
CA ILE A 20 24.98 29.75 -9.95
C ILE A 20 26.03 30.49 -10.68
N ASN A 21 26.83 31.26 -9.95
CA ASN A 21 27.90 32.01 -10.56
C ASN A 21 28.88 31.00 -11.16
N PRO A 22 29.12 31.11 -12.47
CA PRO A 22 30.03 30.23 -13.20
C PRO A 22 31.50 30.39 -12.81
N ALA A 23 31.75 31.26 -11.86
CA ALA A 23 33.10 31.47 -11.39
C ALA A 23 33.26 30.43 -10.34
N ASN A 24 32.14 29.96 -9.82
CA ASN A 24 32.15 28.95 -8.79
C ASN A 24 32.01 27.51 -9.22
N ILE A 25 32.01 27.27 -10.53
CA ILE A 25 31.86 25.93 -11.06
C ILE A 25 33.25 25.47 -11.39
N GLY A 26 33.95 25.07 -10.33
CA GLY A 26 35.28 24.57 -10.46
C GLY A 26 35.67 23.58 -9.37
N PHE A 27 36.84 22.99 -9.64
CA PHE A 27 37.48 22.00 -8.79
C PHE A 27 37.46 22.40 -7.34
N SER A 28 37.85 23.63 -7.06
CA SER A 28 37.93 24.05 -5.68
C SER A 28 36.69 24.56 -5.07
N THR A 29 35.70 24.84 -5.89
CA THR A 29 34.47 25.39 -5.36
C THR A 29 33.29 24.44 -5.55
N LEU A 30 33.44 23.51 -6.48
CA LEU A 30 32.35 22.55 -6.71
C LEU A 30 32.83 21.11 -6.40
N THR A 31 32.02 20.36 -5.67
CA THR A 31 32.36 18.99 -5.38
C THR A 31 31.19 18.04 -5.65
N MET A 32 31.54 16.86 -6.12
CA MET A 32 30.55 15.83 -6.37
C MET A 32 31.06 14.47 -5.84
N GLU A 33 30.75 14.19 -4.57
CA GLU A 33 31.21 12.97 -3.87
C GLU A 33 30.43 11.74 -4.27
N SER A 34 29.27 11.95 -4.86
CA SER A 34 28.40 10.87 -5.32
C SER A 34 27.35 11.51 -6.25
N ASP A 35 26.52 10.71 -6.91
CA ASP A 35 25.55 11.30 -7.80
C ASP A 35 24.38 11.83 -7.02
N LYS A 36 24.48 11.82 -5.70
CA LYS A 36 23.35 12.26 -4.87
C LYS A 36 23.25 13.78 -4.61
N PHE A 37 24.38 14.48 -4.51
CA PHE A 37 24.38 15.92 -4.23
C PHE A 37 25.50 16.55 -4.97
N ILE A 38 25.37 17.86 -5.21
CA ILE A 38 26.47 18.64 -5.79
C ILE A 38 26.55 19.76 -4.76
N CYS A 39 27.76 20.22 -4.45
CA CYS A 39 27.88 21.22 -3.39
C CYS A 39 28.84 22.28 -3.83
N ILE A 40 28.32 23.52 -3.89
CA ILE A 40 29.08 24.69 -4.35
C ILE A 40 29.23 25.67 -3.19
N ARG A 41 30.41 26.27 -3.17
CA ARG A 41 30.79 27.26 -2.18
C ARG A 41 30.80 28.58 -2.98
N GLU A 42 29.86 29.49 -2.62
CA GLU A 42 29.66 30.80 -3.27
C GLU A 42 29.70 31.97 -2.29
N LYS A 43 30.22 33.10 -2.76
CA LYS A 43 30.29 34.31 -1.92
C LYS A 43 29.19 35.24 -2.41
N VAL A 44 27.94 35.04 -2.01
CA VAL A 44 26.90 35.92 -2.53
C VAL A 44 27.04 37.28 -1.88
N GLY A 45 27.48 38.21 -2.70
CA GLY A 45 27.72 39.54 -2.21
C GLY A 45 29.04 39.54 -1.48
N GLU A 46 28.99 39.79 -0.19
CA GLU A 46 30.20 39.82 0.59
C GLU A 46 30.07 38.61 1.48
N GLN A 47 28.94 37.91 1.36
CA GLN A 47 28.67 36.73 2.19
C GLN A 47 29.01 35.40 1.53
N ALA A 48 29.47 34.48 2.37
CA ALA A 48 29.87 33.16 1.91
C ALA A 48 28.82 32.14 2.29
N GLN A 49 28.45 31.33 1.31
CA GLN A 49 27.46 30.30 1.53
C GLN A 49 27.83 29.00 0.83
N VAL A 50 27.00 27.99 1.11
CA VAL A 50 27.16 26.66 0.53
C VAL A 50 25.84 26.34 -0.14
N VAL A 51 25.93 26.03 -1.43
CA VAL A 51 24.74 25.64 -2.13
C VAL A 51 24.80 24.13 -2.26
N ILE A 52 23.75 23.44 -1.81
CA ILE A 52 23.72 21.99 -1.84
C ILE A 52 22.60 21.54 -2.71
N ILE A 53 22.96 21.01 -3.87
CA ILE A 53 21.99 20.52 -4.82
C ILE A 53 21.80 19.02 -4.66
N ASP A 54 20.56 18.66 -4.31
CA ASP A 54 20.16 17.29 -4.11
C ASP A 54 19.68 16.79 -5.45
N MET A 55 20.48 15.99 -6.11
CA MET A 55 20.11 15.53 -7.40
C MET A 55 18.76 14.82 -7.45
N ASN A 56 18.04 14.75 -6.36
CA ASN A 56 16.77 14.10 -6.50
C ASN A 56 15.64 15.09 -6.54
N ASP A 57 15.99 16.34 -6.77
CA ASP A 57 15.06 17.47 -6.86
C ASP A 57 16.02 18.59 -7.01
N PRO A 58 16.82 18.57 -8.07
CA PRO A 58 17.85 19.60 -8.35
C PRO A 58 17.32 21.00 -8.50
N SER A 59 16.04 21.04 -8.84
CA SER A 59 15.31 22.26 -9.07
C SER A 59 15.31 23.12 -7.81
N ASN A 60 15.65 22.54 -6.67
CA ASN A 60 15.57 23.31 -5.45
C ASN A 60 16.77 23.23 -4.51
N PRO A 61 17.86 23.93 -4.82
CA PRO A 61 19.07 23.91 -3.97
C PRO A 61 18.76 24.23 -2.52
N ILE A 62 19.74 24.02 -1.65
CA ILE A 62 19.66 24.32 -0.20
C ILE A 62 20.85 25.25 -0.04
N ARG A 63 20.63 26.41 0.52
CA ARG A 63 21.73 27.36 0.67
C ARG A 63 21.93 27.61 2.15
N ARG A 64 23.19 27.82 2.56
CA ARG A 64 23.47 28.10 3.96
C ARG A 64 24.73 28.95 4.00
N PRO A 65 24.76 29.95 4.92
CA PRO A 65 25.95 30.84 5.03
C PRO A 65 26.88 29.94 5.72
N ILE A 66 28.05 29.77 5.18
CA ILE A 66 28.94 28.84 5.79
C ILE A 66 30.30 29.13 5.26
N SER A 67 31.15 29.73 6.09
CA SER A 67 32.50 30.01 5.61
C SER A 67 33.25 28.71 5.85
N ALA A 68 33.91 28.25 4.79
CA ALA A 68 34.64 27.01 4.83
C ALA A 68 35.65 27.01 3.71
N ASP A 69 36.83 26.53 3.99
CA ASP A 69 37.85 26.47 2.97
C ASP A 69 37.37 25.42 2.00
N SER A 70 36.55 24.49 2.51
CA SER A 70 36.06 23.40 1.69
C SER A 70 34.84 22.71 2.28
N ALA A 71 34.01 22.12 1.41
CA ALA A 71 32.81 21.41 1.87
C ALA A 71 32.54 20.24 0.96
N ILE A 72 32.29 19.07 1.54
CA ILE A 72 32.02 17.88 0.75
C ILE A 72 30.94 17.15 1.49
N MET A 73 29.88 16.84 0.76
CA MET A 73 28.73 16.15 1.29
C MET A 73 28.90 14.62 1.40
N ASN A 74 28.11 14.01 2.27
CA ASN A 74 28.18 12.56 2.44
C ASN A 74 27.72 11.90 1.14
N PRO A 75 28.26 10.70 0.82
CA PRO A 75 27.80 10.11 -0.43
C PRO A 75 26.35 9.78 -0.38
N ALA A 76 25.78 9.72 0.81
CA ALA A 76 24.41 9.31 0.86
C ALA A 76 23.48 10.03 1.78
N SER A 77 24.00 10.63 2.84
CA SER A 77 23.12 11.32 3.77
C SER A 77 23.35 12.82 3.77
N LYS A 78 22.40 13.55 4.33
CA LYS A 78 22.50 15.01 4.42
C LYS A 78 23.45 15.35 5.53
N VAL A 79 24.69 14.91 5.41
CA VAL A 79 25.70 15.15 6.42
C VAL A 79 26.74 15.82 5.56
N ILE A 80 27.33 16.91 6.04
CA ILE A 80 28.34 17.66 5.30
C ILE A 80 29.63 17.80 6.11
N ALA A 81 30.77 17.74 5.44
CA ALA A 81 32.04 17.89 6.11
C ALA A 81 32.72 19.23 5.76
N LEU A 82 32.69 20.18 6.66
CA LEU A 82 33.26 21.47 6.39
C LEU A 82 34.66 21.58 6.95
N LYS A 83 35.53 22.26 6.24
CA LYS A 83 36.90 22.43 6.70
C LYS A 83 37.31 23.88 6.78
N ALA A 84 37.55 24.34 8.01
CA ALA A 84 37.99 25.70 8.26
C ALA A 84 39.47 25.70 8.52
N GLY A 85 40.25 25.76 7.46
CA GLY A 85 41.70 25.79 7.60
C GLY A 85 42.36 24.52 8.15
N LYS A 86 42.06 24.18 9.41
CA LYS A 86 42.65 22.98 10.05
C LYS A 86 41.62 22.36 10.97
N THR A 87 40.53 23.06 11.17
CA THR A 87 39.49 22.52 11.99
C THR A 87 38.43 21.84 11.11
N LEU A 88 38.43 20.52 11.12
CA LEU A 88 37.46 19.77 10.34
C LEU A 88 36.20 19.70 11.16
N GLN A 89 35.05 19.69 10.49
CA GLN A 89 33.78 19.60 11.17
C GLN A 89 32.90 18.73 10.29
N ILE A 90 32.02 17.96 10.92
CA ILE A 90 31.08 17.07 10.23
C ILE A 90 29.71 17.39 10.81
N PHE A 91 28.96 18.19 10.06
CA PHE A 91 27.65 18.70 10.46
C PHE A 91 26.46 18.01 9.82
N ASN A 92 25.34 18.00 10.48
CA ASN A 92 24.18 17.36 9.91
C ASN A 92 23.22 18.43 9.41
N ILE A 93 23.36 18.70 8.12
CA ILE A 93 22.60 19.66 7.33
C ILE A 93 21.10 19.42 7.62
N GLU A 94 20.73 18.14 7.54
CA GLU A 94 19.39 17.66 7.77
C GLU A 94 18.75 18.33 8.97
N MET A 95 19.27 18.03 10.17
CA MET A 95 18.75 18.59 11.42
C MET A 95 19.73 19.57 12.09
N LYS A 96 20.45 20.31 11.24
CA LYS A 96 21.38 21.35 11.63
C LYS A 96 22.21 21.11 12.89
N SER A 97 22.43 19.86 13.27
CA SER A 97 23.22 19.61 14.47
C SER A 97 24.66 19.38 14.07
N LYS A 98 25.62 19.66 14.97
CA LYS A 98 27.05 19.46 14.67
C LYS A 98 27.53 18.08 15.15
N MET A 99 27.70 17.17 14.22
CA MET A 99 28.10 15.82 14.55
C MET A 99 29.48 15.57 15.07
N LYS A 100 30.48 16.36 14.71
CA LYS A 100 31.81 15.96 15.17
C LYS A 100 32.90 16.80 14.54
N ALA A 101 33.94 17.18 15.28
CA ALA A 101 34.98 18.03 14.69
C ALA A 101 36.35 17.59 15.09
N HIS A 102 37.38 18.28 14.63
CA HIS A 102 38.74 17.86 14.96
C HIS A 102 39.77 18.76 14.33
N THR A 103 40.56 19.42 15.17
CA THR A 103 41.58 20.26 14.56
C THR A 103 42.74 19.41 14.21
N MET A 104 43.05 19.33 12.93
CA MET A 104 44.19 18.57 12.51
C MET A 104 45.44 19.31 12.96
N THR A 105 46.56 18.62 12.97
CA THR A 105 47.81 19.21 13.39
C THR A 105 48.42 19.88 12.17
N ASP A 106 48.26 19.26 11.02
CA ASP A 106 48.75 19.87 9.81
C ASP A 106 47.48 20.09 8.98
N ASP A 107 47.56 20.91 7.93
CA ASP A 107 46.39 21.20 7.10
C ASP A 107 46.03 20.09 6.14
N VAL A 108 44.75 19.73 6.12
CA VAL A 108 44.33 18.70 5.18
C VAL A 108 44.45 19.28 3.78
N THR A 109 45.28 18.65 3.00
CA THR A 109 45.52 19.13 1.72
C THR A 109 44.62 18.64 0.61
N PHE A 110 43.67 17.77 0.96
CA PHE A 110 42.73 17.19 0.00
C PHE A 110 41.92 16.28 0.88
N TRP A 111 40.65 16.10 0.63
CA TRP A 111 39.93 15.17 1.47
C TRP A 111 38.75 14.61 0.67
N LYS A 112 37.96 13.66 1.19
CA LYS A 112 36.91 13.13 0.33
C LYS A 112 36.28 11.93 0.92
N TRP A 113 34.95 11.88 0.95
CA TRP A 113 34.28 10.72 1.49
C TRP A 113 34.64 9.49 0.70
N ILE A 114 35.11 8.42 1.37
CA ILE A 114 35.45 7.17 0.69
C ILE A 114 34.39 6.15 1.02
N SER A 115 33.36 6.60 1.72
CA SER A 115 32.29 5.71 2.01
C SER A 115 31.20 6.39 2.75
N LEU A 116 30.09 5.69 2.92
CA LEU A 116 28.93 6.18 3.61
C LEU A 116 29.25 6.82 4.92
N ASN A 117 30.43 6.58 5.50
CA ASN A 117 30.70 7.27 6.76
C ASN A 117 32.12 7.48 7.16
N THR A 118 33.02 7.49 6.21
CA THR A 118 34.40 7.72 6.49
C THR A 118 34.93 8.79 5.52
N VAL A 119 35.68 9.77 6.03
CA VAL A 119 36.27 10.82 5.25
C VAL A 119 37.73 10.44 5.13
N ALA A 120 38.42 10.85 4.09
CA ALA A 120 39.83 10.53 3.96
C ALA A 120 40.52 11.89 3.96
N LEU A 121 41.48 12.11 4.88
CA LEU A 121 42.18 13.37 4.98
C LEU A 121 43.55 13.17 4.43
N VAL A 122 43.91 13.92 3.41
CA VAL A 122 45.24 13.83 2.89
C VAL A 122 46.02 15.04 3.38
N THR A 123 47.10 14.72 4.08
CA THR A 123 47.96 15.70 4.65
C THR A 123 49.18 15.76 3.74
N ASP A 124 50.01 16.76 4.00
CA ASP A 124 51.18 16.95 3.21
C ASP A 124 52.08 15.76 3.33
N ASN A 125 51.89 14.99 4.40
CA ASN A 125 52.72 13.82 4.66
C ASN A 125 51.96 12.51 4.85
N ALA A 126 50.70 12.59 5.25
CA ALA A 126 49.97 11.36 5.45
C ALA A 126 48.46 11.37 5.16
N VAL A 127 47.94 10.19 4.86
CA VAL A 127 46.54 10.00 4.58
C VAL A 127 45.98 9.34 5.83
N TYR A 128 44.82 9.82 6.31
CA TYR A 128 44.15 9.29 7.51
C TYR A 128 42.74 8.94 7.07
N HIS A 129 41.95 8.32 7.91
CA HIS A 129 40.59 8.01 7.57
C HIS A 129 39.84 8.37 8.86
N TRP A 130 38.81 9.20 8.75
CA TRP A 130 38.05 9.65 9.91
C TRP A 130 36.62 9.16 9.81
N SER A 131 36.16 8.35 10.74
CA SER A 131 34.79 7.89 10.65
C SER A 131 33.85 8.93 11.25
N MET A 132 32.73 9.20 10.58
CA MET A 132 31.78 10.18 11.09
C MET A 132 31.01 9.56 12.26
N GLU A 133 31.46 8.39 12.67
CA GLU A 133 30.81 7.72 13.78
C GLU A 133 31.58 7.91 15.10
N GLY A 134 30.81 8.07 16.18
CA GLY A 134 31.37 8.21 17.51
C GLY A 134 32.35 9.33 17.88
N GLU A 135 33.07 9.08 18.97
CA GLU A 135 34.04 10.02 19.51
C GLU A 135 35.38 9.81 18.87
N SER A 136 35.48 8.78 18.04
CA SER A 136 36.72 8.44 17.34
C SER A 136 37.46 9.63 16.72
N GLN A 137 38.75 9.47 16.47
CA GLN A 137 39.51 10.54 15.85
C GLN A 137 40.15 10.04 14.55
N PRO A 138 40.69 10.96 13.74
CA PRO A 138 41.33 10.55 12.48
C PRO A 138 42.35 9.44 12.75
N VAL A 139 42.51 8.50 11.82
CA VAL A 139 43.46 7.40 12.00
C VAL A 139 44.44 7.19 10.85
N LYS A 140 45.67 7.64 11.00
CA LYS A 140 46.60 7.47 9.89
C LYS A 140 46.53 6.07 9.24
N MET A 141 46.60 6.01 7.92
CA MET A 141 46.57 4.72 7.21
C MET A 141 47.91 4.50 6.54
N PHE A 142 48.60 5.59 6.27
CA PHE A 142 49.88 5.45 5.69
C PHE A 142 50.49 6.80 5.55
N ASP A 143 51.73 6.81 5.05
CA ASP A 143 52.52 8.00 4.87
C ASP A 143 52.79 8.21 3.42
N ARG A 144 52.55 9.43 2.96
CA ARG A 144 52.74 9.74 1.57
C ARG A 144 54.07 9.26 1.07
N HIS A 145 54.07 8.57 -0.05
CA HIS A 145 55.28 8.09 -0.66
C HIS A 145 55.95 9.32 -1.23
N SER A 146 57.26 9.26 -1.48
CA SER A 146 58.01 10.42 -1.97
C SER A 146 57.85 10.83 -3.46
N SER A 147 57.39 9.91 -4.28
CA SER A 147 57.21 10.20 -5.70
C SER A 147 56.11 11.25 -5.86
N LEU A 148 55.35 11.42 -4.79
CA LEU A 148 54.24 12.36 -4.75
C LEU A 148 54.55 13.62 -3.97
N ALA A 149 55.82 13.97 -3.90
CA ALA A 149 56.20 15.17 -3.17
C ALA A 149 56.00 16.38 -4.10
N GLY A 150 55.30 17.39 -3.56
CA GLY A 150 55.02 18.60 -4.31
C GLY A 150 54.05 18.37 -5.47
N CYS A 151 53.18 17.37 -5.34
CA CYS A 151 52.21 17.05 -6.37
C CYS A 151 50.90 17.69 -6.01
N GLN A 152 50.13 18.04 -7.02
CA GLN A 152 48.82 18.62 -6.83
C GLN A 152 48.01 17.33 -6.62
N ILE A 153 47.48 17.12 -5.43
CA ILE A 153 46.71 15.91 -5.16
C ILE A 153 45.32 16.08 -5.79
N ILE A 154 45.01 15.22 -6.78
CA ILE A 154 43.72 15.32 -7.45
C ILE A 154 42.70 14.23 -7.07
N ASN A 155 43.14 13.11 -6.51
CA ASN A 155 42.20 12.08 -6.07
C ASN A 155 42.75 11.02 -5.10
N TYR A 156 41.83 10.35 -4.42
CA TYR A 156 42.12 9.30 -3.50
C TYR A 156 40.99 8.29 -3.56
N ARG A 157 41.33 7.05 -3.85
CA ARG A 157 40.37 5.97 -3.94
C ARG A 157 40.81 4.75 -3.10
N THR A 158 39.84 3.88 -2.89
CA THR A 158 39.92 2.69 -2.08
C THR A 158 39.31 1.49 -2.80
N ASP A 159 39.61 0.26 -2.39
CA ASP A 159 38.94 -0.85 -3.04
C ASP A 159 37.70 -1.06 -2.15
N ALA A 160 36.76 -1.90 -2.54
CA ALA A 160 35.57 -2.01 -1.68
C ALA A 160 35.89 -2.32 -0.26
N LYS A 161 36.86 -3.17 -0.05
CA LYS A 161 37.20 -3.58 1.30
C LYS A 161 38.18 -2.67 2.01
N GLN A 162 38.51 -1.53 1.39
CA GLN A 162 39.47 -0.57 1.96
C GLN A 162 40.74 -1.27 2.42
N LYS A 163 41.21 -2.20 1.62
CA LYS A 163 42.42 -2.88 1.99
C LYS A 163 43.51 -2.39 1.08
N TRP A 164 43.12 -1.76 -0.02
CA TRP A 164 44.09 -1.19 -0.96
C TRP A 164 43.62 0.27 -1.12
N LEU A 165 44.56 1.21 -0.95
CA LEU A 165 44.28 2.63 -1.08
C LEU A 165 45.18 3.22 -2.13
N LEU A 166 44.62 4.16 -2.90
CA LEU A 166 45.38 4.78 -3.99
C LEU A 166 45.35 6.33 -3.87
N LEU A 167 46.51 6.97 -4.03
CA LEU A 167 46.56 8.41 -3.94
C LEU A 167 47.17 8.92 -5.26
N THR A 168 46.54 9.93 -5.87
CA THR A 168 47.02 10.47 -7.14
C THR A 168 47.22 11.94 -7.07
N GLY A 169 48.31 12.36 -7.73
CA GLY A 169 48.69 13.74 -7.78
C GLY A 169 49.27 13.93 -9.15
N ILE A 170 49.31 15.20 -9.53
CA ILE A 170 49.86 15.60 -10.80
C ILE A 170 50.79 16.79 -10.47
N SER A 171 51.61 17.10 -11.45
CA SER A 171 52.53 18.17 -11.31
C SER A 171 53.10 18.38 -12.65
N ALA A 172 53.35 19.59 -13.00
CA ALA A 172 53.98 19.80 -14.25
C ALA A 172 55.47 19.61 -14.07
N GLN A 173 55.91 18.75 -14.85
CA GLN A 173 57.32 18.46 -15.09
C GLN A 173 57.74 18.92 -16.49
N GLN A 174 58.25 20.11 -16.51
CA GLN A 174 58.55 20.72 -17.85
C GLN A 174 57.21 20.91 -18.58
N ASN A 175 56.96 20.42 -19.60
CA ASN A 175 55.86 20.63 -20.52
C ASN A 175 54.51 20.16 -19.91
N ARG A 176 54.36 18.85 -19.68
CA ARG A 176 53.09 18.38 -19.11
C ARG A 176 52.92 17.90 -17.69
N VAL A 177 51.67 17.48 -17.46
CA VAL A 177 51.17 16.99 -16.19
C VAL A 177 51.60 15.54 -16.05
N VAL A 178 52.36 15.30 -14.99
CA VAL A 178 52.82 13.96 -14.72
C VAL A 178 51.94 13.47 -13.61
N GLY A 179 51.27 12.35 -13.85
CA GLY A 179 50.43 11.85 -12.79
C GLY A 179 51.27 10.92 -11.97
N ALA A 180 51.08 11.01 -10.66
CA ALA A 180 51.80 10.17 -9.72
C ALA A 180 50.86 9.45 -8.80
N MET A 181 50.84 8.13 -8.87
CA MET A 181 49.96 7.41 -7.95
C MET A 181 50.74 6.56 -6.94
N GLN A 182 50.19 6.48 -5.73
CA GLN A 182 50.76 5.71 -4.64
C GLN A 182 49.75 4.66 -4.24
N LEU A 183 50.02 3.40 -4.60
CA LEU A 183 49.15 2.28 -4.28
C LEU A 183 49.64 1.62 -2.99
N TYR A 184 48.94 1.85 -1.89
CA TYR A 184 49.30 1.32 -0.60
C TYR A 184 48.50 0.09 -0.14
N SER A 185 49.22 -0.99 0.20
CA SER A 185 48.56 -2.18 0.72
C SER A 185 48.38 -2.11 2.23
N VAL A 186 47.14 -2.17 2.67
CA VAL A 186 46.79 -2.13 4.08
C VAL A 186 47.27 -3.38 4.81
N ASP A 187 46.76 -4.53 4.36
CA ASP A 187 47.12 -5.82 4.95
C ASP A 187 48.62 -6.05 4.83
N ARG A 188 49.18 -5.93 3.64
CA ARG A 188 50.60 -6.17 3.53
C ARG A 188 51.44 -4.92 3.74
N LYS A 189 50.94 -3.99 4.57
CA LYS A 189 51.62 -2.73 4.90
C LYS A 189 52.75 -2.23 3.99
N VAL A 190 52.68 -2.56 2.71
CA VAL A 190 53.67 -2.12 1.73
C VAL A 190 53.01 -1.02 0.88
N SER A 191 53.81 -0.29 0.09
CA SER A 191 53.25 0.75 -0.78
C SER A 191 54.13 1.00 -2.00
N GLN A 192 53.52 1.08 -3.16
CA GLN A 192 54.30 1.27 -4.35
C GLN A 192 53.81 2.37 -5.25
N PRO A 193 54.76 3.02 -5.94
CA PRO A 193 54.52 4.10 -6.86
C PRO A 193 54.24 3.64 -8.29
N ILE A 194 53.19 4.23 -8.88
CA ILE A 194 52.80 3.98 -10.26
C ILE A 194 52.57 5.32 -10.97
N GLU A 195 52.95 5.39 -12.24
CA GLU A 195 52.71 6.59 -13.01
C GLU A 195 51.30 6.41 -13.56
N GLY A 196 50.36 7.21 -13.12
CA GLY A 196 49.03 7.02 -13.61
C GLY A 196 48.30 8.33 -13.57
N HIS A 197 47.36 8.46 -14.49
CA HIS A 197 46.52 9.65 -14.57
C HIS A 197 45.14 9.50 -13.91
N ALA A 198 44.53 8.34 -14.11
CA ALA A 198 43.22 8.08 -13.54
C ALA A 198 43.12 6.58 -13.32
N ALA A 199 42.34 6.19 -12.32
CA ALA A 199 42.16 4.79 -12.00
C ALA A 199 40.94 4.54 -11.17
N SER A 200 40.66 3.26 -10.95
CA SER A 200 39.51 2.89 -10.13
C SER A 200 39.71 1.38 -9.85
N PHE A 201 39.09 0.87 -8.79
CA PHE A 201 39.15 -0.54 -8.43
C PHE A 201 37.81 -1.12 -8.86
N ALA A 202 37.72 -2.45 -8.99
CA ALA A 202 36.45 -3.08 -9.35
C ALA A 202 36.42 -4.49 -8.83
N GLN A 203 35.26 -4.99 -8.40
CA GLN A 203 35.11 -6.37 -7.92
C GLN A 203 34.69 -7.07 -9.16
N PHE A 204 35.28 -8.22 -9.49
CA PHE A 204 34.89 -8.86 -10.74
C PHE A 204 34.99 -10.35 -10.56
N LYS A 205 33.88 -11.07 -10.57
CA LYS A 205 33.92 -12.51 -10.42
C LYS A 205 34.21 -13.17 -11.74
N MET A 206 35.42 -13.72 -11.93
CA MET A 206 35.79 -14.33 -13.22
C MET A 206 34.97 -15.50 -13.61
N GLU A 207 35.01 -15.80 -14.90
CA GLU A 207 34.28 -16.93 -15.42
C GLU A 207 34.93 -18.15 -14.81
N GLY A 208 34.13 -18.90 -14.07
CA GLY A 208 34.65 -20.10 -13.46
C GLY A 208 35.23 -19.99 -12.06
N ASN A 209 35.09 -18.86 -11.38
CA ASN A 209 35.61 -18.76 -10.02
C ASN A 209 34.44 -18.47 -9.14
N ALA A 210 34.58 -18.68 -7.84
CA ALA A 210 33.44 -18.45 -7.00
C ALA A 210 33.52 -17.22 -6.19
N GLU A 211 34.66 -16.54 -6.30
CA GLU A 211 34.89 -15.31 -5.57
C GLU A 211 35.17 -14.16 -6.52
N GLU A 212 34.86 -12.94 -6.08
CA GLU A 212 35.14 -11.82 -6.98
C GLU A 212 36.58 -11.50 -6.78
N SER A 213 37.22 -11.16 -7.88
CA SER A 213 38.59 -10.69 -7.85
C SER A 213 38.44 -9.18 -7.50
N THR A 214 39.55 -8.60 -7.07
CA THR A 214 39.58 -7.19 -6.78
C THR A 214 40.55 -6.69 -7.81
N LEU A 215 40.04 -5.90 -8.74
CA LEU A 215 40.91 -5.39 -9.77
C LEU A 215 41.20 -3.93 -9.49
N PHE A 216 42.26 -3.47 -10.13
CA PHE A 216 42.69 -2.11 -10.00
C PHE A 216 43.00 -1.77 -11.46
N CYS A 217 42.28 -0.76 -11.96
CA CYS A 217 42.45 -0.35 -13.34
C CYS A 217 42.99 1.07 -13.33
N PHE A 218 43.91 1.40 -14.24
CA PHE A 218 44.40 2.75 -14.20
C PHE A 218 44.85 3.07 -15.60
N ALA A 219 44.82 4.37 -15.92
CA ALA A 219 45.21 4.84 -17.24
C ALA A 219 46.16 6.01 -17.12
N VAL A 220 46.97 6.15 -18.15
CA VAL A 220 48.02 7.15 -18.17
C VAL A 220 48.40 7.43 -19.62
N ARG A 221 48.93 8.62 -19.85
CA ARG A 221 49.43 9.00 -21.17
C ARG A 221 50.92 9.42 -21.08
N GLY A 222 51.63 8.91 -20.07
CA GLY A 222 53.05 9.23 -19.90
C GLY A 222 54.01 8.26 -20.59
N GLN A 223 55.14 8.27 -20.88
CA GLN A 223 56.31 8.12 -21.73
C GLN A 223 56.04 7.09 -22.83
N ALA A 224 55.44 6.00 -22.63
CA ALA A 224 55.05 5.01 -23.62
C ALA A 224 53.77 5.51 -24.27
N GLY A 225 53.18 6.51 -23.65
CA GLY A 225 51.98 7.08 -24.19
C GLY A 225 50.78 6.68 -23.37
N GLY A 226 49.61 6.67 -24.02
CA GLY A 226 48.45 6.31 -23.27
C GLY A 226 48.29 4.82 -23.22
N LYS A 227 48.07 4.34 -22.00
CA LYS A 227 47.84 2.92 -21.82
C LYS A 227 46.89 2.78 -20.64
N LEU A 228 46.16 1.67 -20.68
CA LEU A 228 45.20 1.31 -19.66
C LEU A 228 45.68 -0.05 -19.16
N HIS A 229 45.65 -0.19 -17.86
CA HIS A 229 46.06 -1.41 -17.23
C HIS A 229 44.96 -1.88 -16.31
N ILE A 230 44.66 -3.18 -16.41
CA ILE A 230 43.70 -3.82 -15.53
C ILE A 230 44.48 -4.97 -14.82
N ILE A 231 44.65 -4.88 -13.49
CA ILE A 231 45.36 -5.93 -12.80
C ILE A 231 44.68 -6.30 -11.51
N GLU A 232 44.80 -7.58 -11.12
CA GLU A 232 44.24 -8.08 -9.88
C GLU A 232 45.10 -7.55 -8.75
N VAL A 233 44.51 -7.24 -7.62
CA VAL A 233 45.31 -6.68 -6.58
C VAL A 233 45.20 -7.57 -5.33
N GLY A 234 46.36 -8.11 -4.90
CA GLY A 234 46.38 -9.01 -3.75
C GLY A 234 46.36 -10.50 -4.10
N THR A 235 45.98 -11.32 -3.11
CA THR A 235 45.95 -12.76 -3.29
C THR A 235 44.56 -13.27 -3.56
N PRO A 236 44.41 -13.92 -4.71
CA PRO A 236 43.13 -14.47 -5.16
C PRO A 236 42.41 -15.18 -4.06
N PRO A 237 41.08 -15.08 -4.01
CA PRO A 237 40.44 -15.85 -2.93
C PRO A 237 40.96 -17.30 -3.10
N THR A 238 40.93 -18.09 -2.03
CA THR A 238 41.43 -19.46 -2.19
C THR A 238 40.52 -20.21 -3.12
N GLY A 239 41.11 -20.82 -4.14
CA GLY A 239 40.30 -21.57 -5.06
C GLY A 239 39.95 -20.80 -6.32
N ASN A 240 40.46 -19.57 -6.42
CA ASN A 240 40.19 -18.74 -7.59
C ASN A 240 41.34 -18.81 -8.55
N GLN A 241 41.04 -18.89 -9.84
CA GLN A 241 42.11 -18.85 -10.82
C GLN A 241 42.50 -17.39 -10.77
N PRO A 242 43.76 -17.06 -11.04
CA PRO A 242 44.06 -15.62 -10.98
C PRO A 242 43.62 -14.89 -12.25
N PHE A 243 43.47 -13.57 -12.12
CA PHE A 243 43.01 -12.72 -13.23
C PHE A 243 44.21 -12.25 -14.02
N PRO A 244 44.33 -12.67 -15.27
CA PRO A 244 45.46 -12.27 -16.08
C PRO A 244 45.53 -10.77 -16.27
N LYS A 245 46.53 -10.14 -15.65
CA LYS A 245 46.76 -8.70 -15.80
C LYS A 245 46.60 -8.35 -17.30
N LYS A 246 46.02 -7.16 -17.54
CA LYS A 246 45.80 -6.65 -18.90
C LYS A 246 46.42 -5.28 -19.16
N ALA A 247 46.70 -5.00 -20.41
CA ALA A 247 47.25 -3.71 -20.79
C ALA A 247 46.87 -3.45 -22.24
N VAL A 248 46.25 -2.28 -22.42
CA VAL A 248 45.70 -1.82 -23.68
C VAL A 248 46.16 -0.39 -23.87
N ASP A 249 46.32 0.08 -25.09
CA ASP A 249 46.70 1.49 -25.15
C ASP A 249 45.42 2.31 -25.31
N VAL A 250 45.43 3.56 -24.83
CA VAL A 250 44.27 4.42 -25.00
C VAL A 250 44.70 5.46 -25.99
N PHE A 251 43.99 5.48 -27.12
CA PHE A 251 44.22 6.38 -28.25
C PHE A 251 43.98 7.89 -27.99
N PHE A 252 44.73 8.73 -28.69
CA PHE A 252 44.53 10.14 -28.57
C PHE A 252 44.67 10.63 -30.00
N PRO A 253 43.68 11.34 -30.53
CA PRO A 253 43.94 11.73 -31.89
C PRO A 253 44.84 12.94 -31.88
N PRO A 254 45.41 13.26 -33.04
CA PRO A 254 46.32 14.38 -33.27
C PRO A 254 45.73 15.67 -32.76
N GLU A 255 44.46 15.86 -33.04
CA GLU A 255 43.78 17.05 -32.60
C GLU A 255 43.82 17.09 -31.11
N ALA A 256 43.79 15.92 -30.47
CA ALA A 256 43.87 15.83 -28.99
C ALA A 256 45.39 15.93 -28.64
N GLN A 257 45.92 17.12 -28.92
CA GLN A 257 47.32 17.43 -28.71
C GLN A 257 47.85 16.89 -27.42
N ASN A 258 47.65 17.63 -26.35
CA ASN A 258 48.16 17.19 -25.10
C ASN A 258 47.06 16.80 -24.15
N ASP A 259 46.18 15.95 -24.63
CA ASP A 259 45.12 15.47 -23.76
C ASP A 259 45.72 14.39 -22.86
N PHE A 260 45.00 14.02 -21.82
CA PHE A 260 45.49 12.97 -20.94
C PHE A 260 44.31 12.55 -20.03
N PRO A 261 44.30 11.30 -19.54
CA PRO A 261 43.23 10.84 -18.68
C PRO A 261 42.94 11.73 -17.51
N VAL A 262 41.70 11.77 -17.12
CA VAL A 262 41.35 12.64 -16.05
C VAL A 262 40.38 12.03 -15.09
N ALA A 263 39.55 11.11 -15.54
CA ALA A 263 38.60 10.48 -14.63
C ALA A 263 38.26 9.09 -15.09
N MET A 264 37.95 8.20 -14.15
CA MET A 264 37.57 6.85 -14.50
C MET A 264 36.51 6.34 -13.57
N GLN A 265 35.57 5.59 -14.11
CA GLN A 265 34.54 4.98 -13.25
C GLN A 265 34.20 3.70 -13.97
N ILE A 266 33.98 2.64 -13.20
CA ILE A 266 33.70 1.34 -13.79
C ILE A 266 32.28 0.90 -13.52
N SER A 267 31.59 0.37 -14.51
CA SER A 267 30.21 -0.05 -14.27
C SER A 267 30.28 -1.47 -13.76
N GLU A 268 29.80 -1.70 -12.54
CA GLU A 268 29.88 -3.05 -12.06
C GLU A 268 28.74 -3.81 -12.71
N LYS A 269 27.67 -3.11 -13.03
CA LYS A 269 26.55 -3.75 -13.70
C LYS A 269 26.95 -4.25 -15.13
N HIS A 270 27.88 -3.64 -15.82
CA HIS A 270 28.19 -4.09 -17.16
C HIS A 270 29.64 -4.47 -17.38
N ASP A 271 30.47 -4.22 -16.37
CA ASP A 271 31.91 -4.52 -16.46
C ASP A 271 32.56 -3.81 -17.61
N VAL A 272 32.31 -2.50 -17.62
CA VAL A 272 32.80 -1.57 -18.63
C VAL A 272 33.46 -0.48 -17.86
N VAL A 273 34.65 -0.11 -18.34
CA VAL A 273 35.48 0.96 -17.74
C VAL A 273 35.19 2.27 -18.51
N PHE A 274 34.78 3.33 -17.80
CA PHE A 274 34.52 4.62 -18.46
C PHE A 274 35.68 5.51 -18.21
N LEU A 275 36.34 5.96 -19.29
CA LEU A 275 37.50 6.88 -19.14
C LEU A 275 37.24 8.24 -19.79
N ILE A 276 37.44 9.31 -19.00
CA ILE A 276 37.25 10.68 -19.49
C ILE A 276 38.61 11.41 -19.53
N THR A 277 38.91 12.02 -20.68
CA THR A 277 40.16 12.75 -20.86
C THR A 277 40.02 14.23 -20.52
N LYS A 278 41.14 14.94 -20.44
CA LYS A 278 41.15 16.36 -20.10
C LYS A 278 40.33 17.27 -21.04
N TYR A 279 40.34 16.91 -22.32
CA TYR A 279 39.66 17.62 -23.38
C TYR A 279 38.24 17.18 -23.72
N GLY A 280 37.58 16.51 -22.78
CA GLY A 280 36.19 16.12 -22.95
C GLY A 280 35.90 14.85 -23.69
N TYR A 281 36.91 14.00 -23.95
CA TYR A 281 36.67 12.72 -24.64
C TYR A 281 36.26 11.61 -23.66
N ILE A 282 35.50 10.63 -24.17
CA ILE A 282 35.05 9.49 -23.36
C ILE A 282 35.33 8.16 -24.05
N HIS A 283 35.85 7.18 -23.30
CA HIS A 283 36.11 5.86 -23.87
C HIS A 283 35.46 4.84 -22.97
N LEU A 284 35.05 3.74 -23.59
CA LEU A 284 34.46 2.64 -22.89
C LEU A 284 35.35 1.49 -23.26
N TYR A 285 35.77 0.76 -22.22
CA TYR A 285 36.64 -0.40 -22.34
C TYR A 285 35.97 -1.58 -21.63
N ASP A 286 36.17 -2.77 -22.20
CA ASP A 286 35.68 -3.99 -21.57
C ASP A 286 36.59 -4.24 -20.36
N LEU A 287 36.02 -4.30 -19.16
CA LEU A 287 36.78 -4.50 -17.93
C LEU A 287 37.58 -5.78 -17.86
N GLU A 288 37.04 -6.87 -18.42
CA GLU A 288 37.70 -8.16 -18.37
C GLU A 288 38.82 -8.35 -19.38
N THR A 289 38.71 -7.75 -20.55
CA THR A 289 39.74 -7.91 -21.56
C THR A 289 40.47 -6.61 -21.86
N GLY A 290 39.86 -5.48 -21.55
CA GLY A 290 40.48 -4.20 -21.83
C GLY A 290 40.23 -3.80 -23.26
N THR A 291 39.39 -4.55 -23.95
CA THR A 291 39.06 -4.23 -25.35
C THR A 291 38.38 -2.89 -25.39
N CYS A 292 38.73 -2.03 -26.36
CA CYS A 292 38.10 -0.71 -26.46
C CYS A 292 36.83 -0.86 -27.25
N ILE A 293 35.73 -0.51 -26.60
CA ILE A 293 34.38 -0.62 -27.16
C ILE A 293 33.88 0.63 -27.90
N TYR A 294 34.20 1.80 -27.35
CA TYR A 294 33.68 3.01 -27.92
C TYR A 294 34.48 4.21 -27.45
N MET A 295 34.63 5.18 -28.35
CA MET A 295 35.26 6.47 -28.08
C MET A 295 34.45 7.56 -28.78
N ASN A 296 34.46 8.74 -28.21
CA ASN A 296 33.82 9.88 -28.79
C ASN A 296 34.09 11.08 -27.93
N ARG A 297 33.66 12.24 -28.38
CA ARG A 297 33.91 13.41 -27.60
C ARG A 297 32.54 13.94 -27.17
N ILE A 298 32.35 14.18 -25.89
CA ILE A 298 31.07 14.63 -25.45
C ILE A 298 31.07 16.05 -24.93
N SER A 299 32.23 16.55 -24.55
CA SER A 299 32.38 17.88 -24.01
C SER A 299 33.64 18.58 -24.59
N GLY A 300 33.58 19.89 -24.64
CA GLY A 300 34.67 20.66 -25.20
C GLY A 300 35.35 21.21 -23.99
N GLU A 301 34.53 21.53 -23.02
CA GLU A 301 35.03 22.02 -21.74
C GLU A 301 35.45 20.74 -20.98
N THR A 302 36.20 20.92 -19.90
CA THR A 302 36.69 19.80 -19.09
C THR A 302 35.70 19.38 -18.01
N ILE A 303 35.52 18.06 -17.88
CA ILE A 303 34.61 17.48 -16.89
C ILE A 303 35.55 17.33 -15.69
N PHE A 304 35.53 18.33 -14.83
CA PHE A 304 36.42 18.37 -13.68
C PHE A 304 35.97 17.58 -12.44
N VAL A 305 34.91 16.83 -12.52
CA VAL A 305 34.53 16.05 -11.36
C VAL A 305 33.53 15.03 -11.83
N THR A 306 33.58 13.82 -11.29
CA THR A 306 32.67 12.77 -11.71
C THR A 306 32.34 11.77 -10.61
N ALA A 307 31.49 10.82 -10.89
CA ALA A 307 31.18 9.88 -9.87
C ALA A 307 30.44 8.80 -10.56
N PRO A 308 30.31 7.63 -9.95
CA PRO A 308 29.54 6.65 -10.70
C PRO A 308 28.10 7.08 -10.64
N HIS A 309 27.37 6.78 -11.71
CA HIS A 309 25.95 7.12 -11.82
C HIS A 309 25.20 5.84 -11.46
N GLU A 310 24.70 5.71 -10.23
CA GLU A 310 24.09 4.47 -9.86
C GLU A 310 22.92 4.09 -10.71
N ALA A 311 22.00 5.00 -10.95
CA ALA A 311 20.82 4.63 -11.74
C ALA A 311 21.12 3.98 -13.05
N THR A 312 22.17 4.38 -13.72
CA THR A 312 22.42 3.78 -14.99
C THR A 312 23.64 2.93 -15.00
N ALA A 313 24.39 2.95 -13.90
CA ALA A 313 25.66 2.20 -13.82
C ALA A 313 26.54 2.82 -14.88
N GLY A 314 26.62 4.16 -14.84
CA GLY A 314 27.41 4.86 -15.82
C GLY A 314 28.26 5.89 -15.11
N ILE A 315 28.58 6.98 -15.78
CA ILE A 315 29.39 7.99 -15.19
C ILE A 315 28.69 9.32 -15.30
N ILE A 316 28.70 10.11 -14.23
CA ILE A 316 28.11 11.45 -14.25
C ILE A 316 29.17 12.48 -13.80
N GLY A 317 29.26 13.60 -14.48
CA GLY A 317 30.25 14.59 -14.12
C GLY A 317 29.73 16.01 -14.38
N VAL A 318 30.54 17.01 -14.05
CA VAL A 318 30.16 18.39 -14.26
C VAL A 318 31.30 19.03 -15.00
N ASN A 319 30.99 19.87 -16.00
CA ASN A 319 32.08 20.52 -16.71
C ASN A 319 32.11 22.01 -16.44
N ARG A 320 33.03 22.73 -17.06
CA ARG A 320 33.10 24.18 -16.82
C ARG A 320 31.88 25.06 -17.14
N LYS A 321 31.02 24.64 -18.07
CA LYS A 321 29.80 25.42 -18.39
C LYS A 321 28.73 25.20 -17.33
N GLY A 322 28.86 24.16 -16.53
CA GLY A 322 27.87 23.97 -15.51
C GLY A 322 26.95 22.90 -15.95
N GLN A 323 27.30 22.18 -17.01
CA GLN A 323 26.49 21.05 -17.45
C GLN A 323 26.77 19.84 -16.55
N VAL A 324 25.72 19.23 -16.00
CA VAL A 324 25.89 18.03 -15.22
C VAL A 324 25.50 16.97 -16.26
N LEU A 325 26.51 16.35 -16.89
CA LEU A 325 26.40 15.31 -17.92
C LEU A 325 26.58 13.92 -17.33
N SER A 326 26.17 12.94 -18.12
CA SER A 326 26.26 11.54 -17.78
C SER A 326 26.35 10.68 -19.05
N VAL A 327 27.10 9.59 -18.99
CA VAL A 327 27.20 8.65 -20.09
C VAL A 327 26.99 7.24 -19.53
N CYS A 328 26.44 6.34 -20.32
CA CYS A 328 26.17 5.01 -19.85
C CYS A 328 25.96 4.09 -21.02
N VAL A 329 25.91 2.78 -20.77
CA VAL A 329 25.75 1.78 -21.80
C VAL A 329 24.29 1.76 -22.17
N GLU A 330 23.96 1.65 -23.46
CA GLU A 330 22.56 1.61 -23.80
C GLU A 330 22.38 0.11 -23.88
N GLU A 331 21.80 -0.49 -22.84
CA GLU A 331 21.63 -1.96 -22.73
C GLU A 331 20.94 -2.63 -23.86
N GLU A 332 20.23 -1.88 -24.67
CA GLU A 332 19.58 -2.51 -25.78
C GLU A 332 20.35 -2.35 -27.07
N ASN A 333 21.41 -1.52 -27.07
CA ASN A 333 22.21 -1.28 -28.29
C ASN A 333 23.62 -1.80 -28.32
N ILE A 334 24.20 -1.95 -27.15
CA ILE A 334 25.58 -2.43 -27.08
C ILE A 334 25.91 -3.77 -27.69
N ILE A 335 25.18 -4.85 -27.36
CA ILE A 335 25.50 -6.14 -27.99
C ILE A 335 25.44 -6.02 -29.54
N PRO A 336 24.35 -5.44 -30.08
CA PRO A 336 24.27 -5.29 -31.53
C PRO A 336 25.40 -4.39 -32.02
N TYR A 337 25.81 -3.42 -31.23
CA TYR A 337 26.89 -2.54 -31.67
C TYR A 337 28.21 -3.30 -31.79
N ILE A 338 28.51 -4.15 -30.81
CA ILE A 338 29.77 -4.93 -30.80
C ILE A 338 29.73 -5.97 -31.92
N THR A 339 28.63 -6.73 -31.95
CA THR A 339 28.42 -7.70 -32.97
C THR A 339 28.61 -7.02 -34.34
N ASN A 340 27.70 -6.09 -34.67
CA ASN A 340 27.68 -5.37 -35.94
C ASN A 340 28.63 -4.23 -36.22
N VAL A 341 28.81 -3.28 -35.33
CA VAL A 341 29.72 -2.21 -35.70
C VAL A 341 31.17 -2.63 -35.47
N LEU A 342 31.44 -3.21 -34.31
CA LEU A 342 32.77 -3.68 -33.92
C LEU A 342 33.16 -5.00 -34.59
N GLN A 343 32.13 -5.74 -35.01
CA GLN A 343 32.29 -7.04 -35.67
C GLN A 343 32.96 -8.10 -34.82
N ASN A 344 32.89 -7.93 -33.51
CA ASN A 344 33.48 -8.83 -32.56
C ASN A 344 32.30 -9.52 -31.92
N PRO A 345 31.74 -10.60 -32.54
CA PRO A 345 30.57 -11.33 -31.98
C PRO A 345 30.87 -12.19 -30.80
N ASP A 346 32.12 -12.58 -30.68
CA ASP A 346 32.49 -13.39 -29.55
C ASP A 346 32.44 -12.55 -28.29
N LEU A 347 33.00 -11.34 -28.39
CA LEU A 347 32.98 -10.41 -27.26
C LEU A 347 31.52 -10.13 -26.94
N ALA A 348 30.71 -9.96 -27.98
CA ALA A 348 29.27 -9.69 -27.86
C ALA A 348 28.47 -10.76 -27.10
N LEU A 349 28.73 -12.03 -27.42
CA LEU A 349 28.04 -13.13 -26.74
C LEU A 349 28.52 -13.28 -25.32
N ARG A 350 29.81 -13.01 -25.08
CA ARG A 350 30.34 -13.14 -23.73
C ARG A 350 29.79 -12.07 -22.84
N MET A 351 29.93 -10.84 -23.33
CA MET A 351 29.43 -9.69 -22.61
C MET A 351 27.94 -9.88 -22.38
N ALA A 352 27.21 -10.33 -23.41
CA ALA A 352 25.76 -10.56 -23.29
C ALA A 352 25.40 -11.57 -22.18
N VAL A 353 25.98 -12.76 -22.22
CA VAL A 353 25.72 -13.74 -21.16
C VAL A 353 26.27 -13.26 -19.83
N ARG A 354 27.52 -12.79 -19.85
CA ARG A 354 28.11 -12.31 -18.62
C ARG A 354 27.25 -11.30 -17.94
N ASN A 355 26.80 -10.33 -18.71
CA ASN A 355 26.01 -9.29 -18.12
C ASN A 355 24.53 -9.37 -18.43
N ASN A 356 24.07 -10.53 -18.92
CA ASN A 356 22.66 -10.80 -19.27
C ASN A 356 21.94 -9.67 -19.92
N LEU A 357 22.40 -9.36 -21.11
CA LEU A 357 21.90 -8.28 -21.90
C LEU A 357 21.31 -8.78 -23.25
N ALA A 358 20.21 -8.15 -23.66
CA ALA A 358 19.53 -8.43 -24.90
C ALA A 358 20.38 -8.15 -26.13
N GLY A 359 19.99 -8.66 -27.28
CA GLY A 359 20.73 -8.35 -28.47
C GLY A 359 21.48 -9.41 -29.20
N ALA A 360 21.69 -10.61 -28.64
CA ALA A 360 22.41 -11.66 -29.38
C ALA A 360 21.58 -12.92 -29.53
N GLU A 361 20.26 -12.80 -29.43
CA GLU A 361 19.34 -13.93 -29.51
C GLU A 361 19.53 -14.88 -30.69
N GLU A 362 19.80 -14.36 -31.88
CA GLU A 362 19.97 -15.20 -33.05
C GLU A 362 21.29 -15.96 -33.02
N LEU A 363 22.31 -15.36 -32.43
CA LEU A 363 23.62 -15.99 -32.32
C LEU A 363 23.58 -17.12 -31.31
N PHE A 364 22.71 -16.97 -30.31
CA PHE A 364 22.53 -17.97 -29.25
C PHE A 364 21.73 -19.18 -29.74
N ALA A 365 20.69 -18.95 -30.51
CA ALA A 365 19.90 -20.05 -31.03
C ALA A 365 20.85 -20.81 -31.89
N ARG A 366 21.47 -20.09 -32.80
CA ARG A 366 22.44 -20.61 -33.75
C ARG A 366 23.45 -21.54 -33.08
N LYS A 367 24.03 -21.03 -31.99
CA LYS A 367 25.04 -21.72 -31.19
C LYS A 367 24.48 -22.96 -30.52
N PHE A 368 23.25 -22.85 -30.02
CA PHE A 368 22.57 -23.98 -29.42
C PHE A 368 22.34 -25.01 -30.53
N ASN A 369 21.59 -24.61 -31.54
CA ASN A 369 21.36 -25.47 -32.67
C ASN A 369 22.64 -26.15 -33.15
N ALA A 370 23.71 -25.40 -33.32
CA ALA A 370 24.94 -26.02 -33.78
C ALA A 370 25.48 -27.12 -32.87
N LEU A 371 25.55 -26.87 -31.57
CA LEU A 371 26.04 -27.88 -30.64
C LEU A 371 25.06 -29.06 -30.61
N PHE A 372 23.75 -28.78 -30.66
CA PHE A 372 22.77 -29.86 -30.64
C PHE A 372 23.06 -30.77 -31.83
N ALA A 373 23.17 -30.16 -33.01
CA ALA A 373 23.42 -30.99 -34.16
C ALA A 373 24.62 -31.87 -33.91
N GLN A 374 25.69 -31.33 -33.39
CA GLN A 374 26.86 -32.17 -33.17
C GLN A 374 26.73 -33.16 -32.04
N GLY A 375 25.65 -33.15 -31.32
CA GLY A 375 25.63 -34.12 -30.28
C GLY A 375 26.30 -33.63 -29.04
N ASN A 376 26.68 -32.36 -28.99
CA ASN A 376 27.28 -31.88 -27.76
C ASN A 376 26.18 -31.42 -26.79
N TYR A 377 25.32 -32.35 -26.38
CA TYR A 377 24.21 -32.01 -25.48
C TYR A 377 24.46 -31.38 -24.12
N SER A 378 25.67 -31.46 -23.62
CA SER A 378 25.93 -30.85 -22.32
C SER A 378 26.31 -29.38 -22.58
N GLU A 379 27.08 -29.14 -23.63
CA GLU A 379 27.45 -27.79 -23.91
C GLU A 379 26.18 -27.11 -24.35
N ALA A 380 25.41 -27.78 -25.18
CA ALA A 380 24.16 -27.23 -25.65
C ALA A 380 23.24 -26.75 -24.53
N ALA A 381 23.25 -27.42 -23.39
CA ALA A 381 22.39 -27.09 -22.25
C ALA A 381 22.96 -25.98 -21.40
N LYS A 382 24.27 -25.81 -21.47
CA LYS A 382 24.93 -24.73 -20.73
C LYS A 382 24.37 -23.47 -21.43
N VAL A 383 24.51 -23.42 -22.76
CA VAL A 383 24.02 -22.32 -23.59
C VAL A 383 22.56 -21.97 -23.35
N ALA A 384 21.68 -22.93 -23.32
CA ALA A 384 20.31 -22.60 -23.07
C ALA A 384 20.12 -22.16 -21.64
N ALA A 385 20.89 -22.68 -20.71
CA ALA A 385 20.67 -22.27 -19.31
C ALA A 385 21.24 -20.88 -19.02
N ASN A 386 22.20 -20.44 -19.83
CA ASN A 386 22.82 -19.15 -19.60
C ASN A 386 22.56 -18.04 -20.60
N ALA A 387 22.01 -18.37 -21.78
CA ALA A 387 21.65 -17.33 -22.76
C ALA A 387 20.70 -16.42 -21.95
N PRO A 388 20.95 -15.07 -22.03
CA PRO A 388 20.30 -13.91 -21.39
C PRO A 388 18.86 -13.72 -21.59
N LYS A 389 18.21 -13.24 -20.54
CA LYS A 389 16.79 -12.98 -20.56
C LYS A 389 15.90 -14.19 -20.79
N GLY A 390 16.33 -15.37 -20.41
CA GLY A 390 15.49 -16.53 -20.63
C GLY A 390 15.23 -16.77 -22.09
N ILE A 391 16.19 -16.42 -22.95
CA ILE A 391 15.87 -16.63 -24.33
C ILE A 391 15.64 -18.11 -24.79
N LEU A 392 16.44 -19.08 -24.30
CA LEU A 392 16.24 -20.45 -24.71
C LEU A 392 15.54 -21.24 -23.61
N ARG A 393 15.12 -20.57 -22.54
CA ARG A 393 14.47 -21.27 -21.46
C ARG A 393 13.04 -21.43 -21.87
N THR A 394 12.84 -22.15 -22.97
CA THR A 394 11.52 -22.37 -23.52
C THR A 394 11.10 -23.83 -23.48
N PRO A 395 9.87 -24.15 -23.84
CA PRO A 395 9.51 -25.57 -23.82
C PRO A 395 10.15 -26.18 -25.04
N ASP A 396 10.24 -25.43 -26.11
CA ASP A 396 10.89 -26.01 -27.24
C ASP A 396 12.24 -26.56 -26.90
N THR A 397 12.97 -25.91 -26.01
CA THR A 397 14.31 -26.42 -25.71
C THR A 397 14.17 -27.73 -25.00
N ILE A 398 13.22 -27.78 -24.08
CA ILE A 398 12.94 -28.99 -23.34
C ILE A 398 12.62 -30.12 -24.32
N ARG A 399 11.78 -29.79 -25.29
CA ARG A 399 11.34 -30.73 -26.29
C ARG A 399 12.44 -31.20 -27.22
N ARG A 400 13.45 -30.38 -27.39
CA ARG A 400 14.59 -30.69 -28.26
C ARG A 400 15.42 -31.70 -27.49
N PHE A 401 15.44 -31.54 -26.19
CA PHE A 401 16.19 -32.45 -25.38
C PHE A 401 15.39 -33.72 -25.28
N GLN A 402 14.08 -33.57 -25.19
CA GLN A 402 13.24 -34.74 -25.12
C GLN A 402 13.27 -35.58 -26.42
N SER A 403 13.84 -35.07 -27.51
CA SER A 403 13.93 -35.83 -28.77
C SER A 403 15.12 -36.75 -28.76
N VAL A 404 16.11 -36.45 -27.94
CA VAL A 404 17.28 -37.29 -27.92
C VAL A 404 16.97 -38.71 -27.39
N PRO A 405 17.16 -39.74 -28.22
CA PRO A 405 16.93 -41.13 -27.85
C PRO A 405 17.78 -41.46 -26.67
N ALA A 406 17.30 -42.32 -25.77
CA ALA A 406 18.11 -42.66 -24.61
C ALA A 406 19.41 -43.48 -24.89
N GLN A 407 20.19 -43.74 -23.84
CA GLN A 407 21.41 -44.53 -23.95
C GLN A 407 21.96 -44.96 -22.59
N PRO A 408 21.60 -46.19 -22.17
CA PRO A 408 21.97 -46.88 -20.94
C PRO A 408 23.29 -46.43 -20.35
N GLY A 409 23.21 -45.89 -19.15
CA GLY A 409 24.40 -45.41 -18.48
C GLY A 409 24.53 -43.90 -18.65
N GLN A 410 24.42 -43.47 -19.90
CA GLN A 410 24.50 -42.05 -20.27
C GLN A 410 23.29 -41.32 -19.71
N THR A 411 23.54 -40.17 -19.10
CA THR A 411 22.45 -39.41 -18.51
C THR A 411 21.84 -38.52 -19.54
N SER A 412 20.51 -38.50 -19.55
CA SER A 412 19.81 -37.73 -20.54
C SER A 412 20.22 -36.30 -20.64
N PRO A 413 20.28 -35.79 -21.89
CA PRO A 413 20.65 -34.38 -22.07
C PRO A 413 19.60 -33.50 -21.39
N LEU A 414 18.39 -34.03 -21.19
CA LEU A 414 17.36 -33.23 -20.57
C LEU A 414 17.58 -33.16 -19.12
N LEU A 415 17.83 -34.32 -18.50
CA LEU A 415 18.04 -34.37 -17.06
C LEU A 415 19.27 -33.56 -16.82
N GLN A 416 20.22 -33.63 -17.74
CA GLN A 416 21.46 -32.84 -17.63
C GLN A 416 21.14 -31.33 -17.50
N TYR A 417 20.37 -30.84 -18.49
CA TYR A 417 19.89 -29.48 -18.62
C TYR A 417 19.19 -29.14 -17.32
N PHE A 418 18.15 -29.86 -16.94
CA PHE A 418 17.45 -29.62 -15.67
C PHE A 418 18.42 -29.62 -14.49
N GLY A 419 19.56 -30.28 -14.67
CA GLY A 419 20.53 -30.31 -13.60
C GLY A 419 21.06 -28.92 -13.45
N ILE A 420 21.58 -28.41 -14.57
CA ILE A 420 22.12 -27.06 -14.70
C ILE A 420 21.16 -26.02 -14.15
N LEU A 421 19.92 -26.11 -14.54
CA LEU A 421 18.94 -25.16 -14.07
C LEU A 421 18.83 -25.25 -12.57
N LEU A 422 18.58 -26.45 -12.05
CA LEU A 422 18.40 -26.67 -10.62
C LEU A 422 19.58 -26.12 -9.80
N ASP A 423 20.74 -26.05 -10.43
CA ASP A 423 21.92 -25.54 -9.77
C ASP A 423 21.82 -24.04 -9.84
N GLN A 424 21.74 -23.51 -11.05
CA GLN A 424 21.64 -22.07 -11.23
C GLN A 424 20.46 -21.41 -10.48
N GLY A 425 19.41 -22.13 -10.14
CA GLY A 425 18.36 -21.45 -9.40
C GLY A 425 17.03 -22.18 -9.34
N GLN A 426 15.97 -21.52 -9.74
CA GLN A 426 14.65 -22.10 -9.71
C GLN A 426 14.18 -22.35 -11.17
N LEU A 427 13.10 -23.10 -11.35
CA LEU A 427 12.59 -23.40 -12.69
C LEU A 427 11.17 -22.90 -12.80
N ASN A 428 10.69 -22.67 -14.03
CA ASN A 428 9.32 -22.15 -14.24
C ASN A 428 8.23 -23.18 -14.07
N LYS A 429 7.06 -22.89 -14.61
CA LYS A 429 5.97 -23.84 -14.47
C LYS A 429 6.12 -25.03 -15.42
N TYR A 430 6.54 -24.82 -16.66
CA TYR A 430 6.72 -25.93 -17.63
C TYR A 430 7.88 -26.85 -17.29
N GLU A 431 8.99 -26.28 -16.83
CA GLU A 431 10.20 -27.03 -16.51
C GLU A 431 9.97 -27.82 -15.27
N SER A 432 9.23 -27.23 -14.34
CA SER A 432 8.96 -27.93 -13.09
C SER A 432 8.08 -29.12 -13.38
N LEU A 433 7.13 -28.96 -14.30
CA LEU A 433 6.21 -30.03 -14.63
C LEU A 433 6.97 -31.15 -15.32
N GLU A 434 7.81 -30.83 -16.29
CA GLU A 434 8.56 -31.85 -17.03
C GLU A 434 9.60 -32.55 -16.16
N LEU A 435 10.08 -31.86 -15.12
CA LEU A 435 11.09 -32.38 -14.17
C LEU A 435 10.41 -33.34 -13.20
N CYS A 436 9.25 -32.94 -12.72
CA CYS A 436 8.51 -33.69 -11.73
C CYS A 436 7.70 -34.87 -12.20
N ARG A 437 7.07 -34.74 -13.37
CA ARG A 437 6.23 -35.80 -13.95
C ARG A 437 6.83 -37.22 -13.78
N PRO A 438 8.02 -37.46 -14.33
CA PRO A 438 8.65 -38.78 -14.21
C PRO A 438 8.81 -39.13 -12.75
N VAL A 439 9.63 -38.38 -12.05
CA VAL A 439 9.84 -38.64 -10.65
C VAL A 439 8.49 -38.93 -10.00
N LEU A 440 7.53 -38.04 -10.17
CA LEU A 440 6.25 -38.28 -9.55
C LEU A 440 5.65 -39.64 -9.96
N GLN A 441 5.72 -40.01 -11.25
CA GLN A 441 5.15 -41.30 -11.69
C GLN A 441 5.79 -42.49 -10.95
N GLN A 442 6.83 -42.21 -10.19
CA GLN A 442 7.53 -43.23 -9.42
C GLN A 442 7.26 -42.96 -7.95
N GLY A 443 6.07 -42.41 -7.67
CA GLY A 443 5.63 -42.08 -6.33
C GLY A 443 6.73 -41.76 -5.34
N ARG A 444 7.71 -40.97 -5.78
CA ARG A 444 8.80 -40.61 -4.86
C ARG A 444 8.99 -39.11 -4.56
N LYS A 445 8.07 -38.64 -3.71
CA LYS A 445 8.02 -37.28 -3.25
C LYS A 445 9.25 -36.93 -2.44
N GLN A 446 10.08 -37.92 -2.19
CA GLN A 446 11.26 -37.67 -1.40
C GLN A 446 12.12 -36.64 -2.10
N LEU A 447 12.05 -36.63 -3.42
CA LEU A 447 12.83 -35.67 -4.23
C LEU A 447 12.17 -34.28 -4.36
N LEU A 448 10.90 -34.32 -4.74
CA LEU A 448 10.11 -33.13 -4.96
C LEU A 448 9.94 -32.37 -3.68
N GLU A 449 9.98 -33.06 -2.55
CA GLU A 449 9.85 -32.43 -1.24
C GLU A 449 11.06 -31.54 -0.92
N LYS A 450 12.22 -31.95 -1.43
CA LYS A 450 13.46 -31.23 -1.23
C LYS A 450 13.50 -30.09 -2.22
N TRP A 451 13.13 -30.38 -3.47
CA TRP A 451 13.11 -29.32 -4.49
C TRP A 451 12.20 -28.16 -4.01
N LEU A 452 11.07 -28.52 -3.41
CA LEU A 452 10.07 -27.59 -2.86
C LEU A 452 10.67 -26.76 -1.71
N LYS A 453 11.09 -27.45 -0.66
CA LYS A 453 11.68 -26.80 0.49
C LYS A 453 12.74 -25.85 -0.02
N GLU A 454 13.29 -26.19 -1.17
CA GLU A 454 14.33 -25.36 -1.71
C GLU A 454 13.86 -24.17 -2.50
N ASP A 455 12.63 -24.20 -3.02
CA ASP A 455 12.10 -23.09 -3.84
C ASP A 455 12.79 -23.12 -5.23
N LYS A 456 12.70 -24.26 -5.91
CA LYS A 456 13.35 -24.40 -7.20
C LYS A 456 12.32 -24.68 -8.28
N LEU A 457 11.14 -24.97 -7.82
CA LEU A 457 10.04 -25.27 -8.71
C LEU A 457 9.07 -24.09 -8.68
N GLU A 458 8.44 -23.84 -9.81
CA GLU A 458 7.45 -22.80 -9.86
C GLU A 458 6.17 -23.65 -9.85
N CYS A 459 5.41 -23.63 -8.78
CA CYS A 459 4.22 -24.46 -8.79
C CYS A 459 3.14 -24.09 -9.81
N SER A 460 2.12 -24.93 -9.95
CA SER A 460 1.08 -24.71 -10.93
C SER A 460 -0.10 -25.51 -10.43
N GLU A 461 -1.27 -25.31 -11.00
CA GLU A 461 -2.45 -26.08 -10.57
C GLU A 461 -2.30 -27.49 -11.06
N GLU A 462 -1.67 -27.61 -12.23
CA GLU A 462 -1.37 -28.86 -12.93
C GLU A 462 -0.29 -29.72 -12.26
N LEU A 463 0.83 -29.10 -11.91
CA LEU A 463 1.91 -29.78 -11.19
C LEU A 463 1.32 -30.28 -9.89
N GLY A 464 0.32 -29.57 -9.41
CA GLY A 464 -0.35 -29.92 -8.19
C GLY A 464 -1.23 -31.09 -8.44
N ASP A 465 -2.04 -31.04 -9.49
CA ASP A 465 -2.93 -32.16 -9.80
C ASP A 465 -2.11 -33.46 -9.92
N LEU A 466 -0.92 -33.35 -10.51
CA LEU A 466 -0.04 -34.50 -10.65
C LEU A 466 0.29 -35.03 -9.27
N VAL A 467 0.72 -34.16 -8.38
CA VAL A 467 1.09 -34.58 -7.05
C VAL A 467 -0.05 -35.07 -6.18
N LYS A 468 -1.19 -34.38 -6.20
CA LYS A 468 -2.35 -34.76 -5.40
C LYS A 468 -2.41 -36.27 -5.22
N SER A 469 -2.21 -37.01 -6.31
CA SER A 469 -2.22 -38.49 -6.32
C SER A 469 -1.37 -39.04 -5.20
N VAL A 470 -0.06 -38.95 -5.46
CA VAL A 470 0.97 -39.37 -4.56
C VAL A 470 0.69 -38.84 -3.13
N ASP A 471 1.07 -37.60 -2.89
CA ASP A 471 0.89 -36.98 -1.57
C ASP A 471 -0.12 -35.83 -1.61
N PRO A 472 -1.09 -35.85 -0.68
CA PRO A 472 -2.13 -34.82 -0.56
C PRO A 472 -1.64 -33.50 0.06
N THR A 473 -0.91 -33.61 1.16
CA THR A 473 -0.38 -32.45 1.85
C THR A 473 0.70 -31.75 1.06
N LEU A 474 1.27 -32.46 0.09
CA LEU A 474 2.35 -31.94 -0.76
C LEU A 474 1.75 -31.17 -1.91
N ALA A 475 0.50 -31.51 -2.18
CA ALA A 475 -0.25 -30.91 -3.26
C ALA A 475 -0.94 -29.70 -2.66
N LEU A 476 -1.28 -29.82 -1.38
CA LEU A 476 -1.96 -28.74 -0.70
C LEU A 476 -1.04 -27.49 -0.76
N SER A 477 0.23 -27.74 -0.44
CA SER A 477 1.31 -26.74 -0.39
C SER A 477 1.83 -26.27 -1.78
N VAL A 478 1.82 -27.18 -2.77
CA VAL A 478 2.17 -26.88 -4.18
C VAL A 478 1.01 -26.00 -4.74
N TYR A 479 -0.25 -26.34 -4.39
CA TYR A 479 -1.44 -25.55 -4.78
C TYR A 479 -1.32 -24.22 -4.06
N LEU A 480 -1.16 -24.28 -2.74
CA LEU A 480 -0.98 -23.07 -1.95
C LEU A 480 0.07 -22.21 -2.68
N ARG A 481 1.22 -22.81 -3.00
CA ARG A 481 2.27 -22.07 -3.69
C ARG A 481 1.78 -21.55 -5.06
N ALA A 482 1.20 -22.37 -5.91
CA ALA A 482 0.78 -21.87 -7.20
C ALA A 482 -0.46 -21.00 -7.01
N ASN A 483 -1.14 -21.14 -5.87
CA ASN A 483 -2.30 -20.30 -5.54
C ASN A 483 -3.52 -20.51 -6.42
N VAL A 484 -4.53 -21.25 -5.94
CA VAL A 484 -5.73 -21.53 -6.74
C VAL A 484 -7.14 -21.11 -6.27
N PRO A 485 -8.03 -20.79 -7.20
CA PRO A 485 -9.38 -20.40 -6.78
C PRO A 485 -9.95 -21.46 -5.89
N ASN A 486 -11.07 -21.16 -5.26
CA ASN A 486 -11.72 -22.10 -4.36
C ASN A 486 -12.50 -23.15 -5.16
N LYS A 487 -11.76 -23.94 -5.92
CA LYS A 487 -12.30 -25.02 -6.76
C LYS A 487 -11.81 -26.41 -6.26
N MET B 1 -30.09 -16.42 9.44
CA MET B 1 -30.41 -15.01 9.11
C MET B 1 -29.79 -14.71 7.75
N ALA B 2 -29.41 -13.43 7.55
CA ALA B 2 -28.73 -12.93 6.35
C ALA B 2 -27.40 -13.62 6.44
N GLN B 3 -26.74 -13.89 5.33
CA GLN B 3 -25.49 -14.59 5.45
C GLN B 3 -24.35 -14.20 4.53
N ILE B 4 -24.29 -12.93 4.20
CA ILE B 4 -23.19 -12.38 3.41
C ILE B 4 -23.48 -10.93 3.50
N LEU B 5 -22.46 -10.17 3.85
CA LEU B 5 -22.61 -8.73 4.01
C LEU B 5 -22.67 -8.16 2.59
N PRO B 6 -23.78 -7.45 2.22
CA PRO B 6 -23.94 -6.87 0.89
C PRO B 6 -23.43 -5.41 0.80
N ILE B 7 -23.12 -4.77 1.93
CA ILE B 7 -22.63 -3.40 1.87
C ILE B 7 -21.35 -3.27 2.67
N ARG B 8 -20.66 -2.13 2.61
CA ARG B 8 -19.47 -1.91 3.43
C ARG B 8 -19.91 -0.71 4.22
N PHE B 9 -19.51 -0.64 5.48
CA PHE B 9 -19.89 0.44 6.37
C PHE B 9 -18.54 0.88 6.86
N GLN B 10 -18.05 2.02 6.35
CA GLN B 10 -16.72 2.56 6.71
C GLN B 10 -16.78 3.87 7.47
N GLU B 11 -15.78 4.14 8.30
CA GLU B 11 -15.72 5.37 9.09
C GLU B 11 -14.50 6.10 8.68
N HIS B 12 -14.60 7.03 7.73
CA HIS B 12 -13.47 7.75 7.19
C HIS B 12 -12.70 8.67 8.10
N LEU B 13 -13.32 9.16 9.14
CA LEU B 13 -12.55 10.01 10.04
C LEU B 13 -13.44 10.28 11.22
N GLN B 14 -12.86 10.66 12.35
CA GLN B 14 -13.62 10.91 13.55
C GLN B 14 -13.30 12.37 13.91
N LEU B 15 -14.26 13.24 13.69
CA LEU B 15 -13.96 14.66 13.85
C LEU B 15 -13.38 15.13 15.16
N GLN B 16 -13.78 14.57 16.28
CA GLN B 16 -13.22 15.07 17.51
C GLN B 16 -11.70 14.79 17.55
N ASN B 17 -11.25 13.77 16.83
CA ASN B 17 -9.83 13.46 16.78
C ASN B 17 -9.09 14.60 16.08
N LEU B 18 -9.84 15.58 15.58
CA LEU B 18 -9.22 16.69 14.91
C LEU B 18 -9.47 17.81 15.90
N GLY B 19 -9.85 17.39 17.08
CA GLY B 19 -10.10 18.35 18.13
C GLY B 19 -11.12 19.36 17.75
N ILE B 20 -12.26 18.92 17.23
CA ILE B 20 -13.35 19.83 16.87
C ILE B 20 -14.39 19.80 17.98
N ASN B 21 -14.82 20.99 18.40
CA ASN B 21 -15.80 21.09 19.47
C ASN B 21 -17.05 20.44 18.94
N PRO B 22 -17.55 19.42 19.65
CA PRO B 22 -18.75 18.68 19.26
C PRO B 22 -20.02 19.48 19.37
N ALA B 23 -19.87 20.73 19.79
CA ALA B 23 -21.01 21.63 19.87
C ALA B 23 -21.19 22.15 18.44
N ASN B 24 -20.11 22.09 17.69
CA ASN B 24 -20.10 22.56 16.33
C ASN B 24 -20.34 21.54 15.26
N ILE B 25 -20.64 20.29 15.64
CA ILE B 25 -20.92 19.28 14.64
C ILE B 25 -22.42 19.20 14.53
N GLY B 26 -22.98 20.12 13.75
CA GLY B 26 -24.40 20.16 13.54
C GLY B 26 -24.72 20.82 12.22
N PHE B 27 -26.00 20.68 11.87
CA PHE B 27 -26.66 21.23 10.67
C PHE B 27 -26.24 22.66 10.37
N SER B 28 -26.27 23.50 11.40
CA SER B 28 -25.94 24.87 11.16
C SER B 28 -24.50 25.25 11.20
N THR B 29 -23.67 24.38 11.71
CA THR B 29 -22.28 24.76 11.82
C THR B 29 -21.43 23.84 10.97
N LEU B 30 -21.99 22.70 10.54
CA LEU B 30 -21.20 21.80 9.72
C LEU B 30 -21.88 21.57 8.39
N THR B 31 -21.12 21.71 7.31
CA THR B 31 -21.68 21.45 5.99
C THR B 31 -20.80 20.51 5.20
N MET B 32 -21.45 19.70 4.37
CA MET B 32 -20.82 18.76 3.49
C MET B 32 -21.56 18.79 2.11
N GLU B 33 -21.08 19.66 1.19
CA GLU B 33 -21.59 19.87 -0.15
C GLU B 33 -21.11 18.83 -1.12
N SER B 34 -20.12 18.08 -0.76
CA SER B 34 -19.62 17.01 -1.61
C SER B 34 -18.72 16.14 -0.69
N ASP B 35 -18.20 15.03 -1.20
CA ASP B 35 -17.35 14.20 -0.39
C ASP B 35 -15.94 14.73 -0.39
N LYS B 36 -15.74 15.93 -0.94
CA LYS B 36 -14.41 16.54 -1.05
C LYS B 36 -13.96 17.35 0.15
N PHE B 37 -14.88 18.02 0.83
CA PHE B 37 -14.51 18.89 1.96
C PHE B 37 -15.58 18.83 3.01
N ILE B 38 -15.23 19.18 4.23
CA ILE B 38 -16.21 19.29 5.28
C ILE B 38 -15.85 20.66 5.82
N CYS B 39 -16.84 21.46 6.18
CA CYS B 39 -16.48 22.78 6.65
C CYS B 39 -17.27 23.09 7.90
N ILE B 40 -16.53 23.38 8.98
CA ILE B 40 -17.08 23.70 10.30
C ILE B 40 -16.76 25.16 10.66
N ARG B 41 -17.75 25.80 11.29
CA ARG B 41 -17.65 27.18 11.70
C ARG B 41 -17.55 27.00 13.22
N GLU B 42 -16.42 27.46 13.80
CA GLU B 42 -16.09 27.38 15.25
C GLU B 42 -15.68 28.73 15.84
N LYS B 43 -16.04 28.97 17.10
CA LYS B 43 -15.67 30.22 17.77
C LYS B 43 -14.55 29.88 18.71
N VAL B 44 -13.32 29.77 18.23
CA VAL B 44 -12.27 29.40 19.17
C VAL B 44 -11.97 30.56 20.08
N GLY B 45 -12.36 30.37 21.32
CA GLY B 45 -12.18 31.39 22.32
C GLY B 45 -13.30 32.38 22.12
N GLU B 46 -12.92 33.60 21.77
CA GLU B 46 -13.89 34.65 21.53
C GLU B 46 -13.84 34.90 20.02
N GLN B 47 -12.94 34.16 19.34
CA GLN B 47 -12.77 34.31 17.90
C GLN B 47 -13.52 33.29 17.07
N ALA B 48 -13.96 33.75 15.89
CA ALA B 48 -14.69 32.93 14.96
C ALA B 48 -13.85 32.52 13.77
N GLN B 49 -13.90 31.23 13.47
CA GLN B 49 -13.12 30.72 12.36
C GLN B 49 -13.89 29.67 11.60
N VAL B 50 -13.26 29.22 10.52
CA VAL B 50 -13.80 28.21 9.63
C VAL B 50 -12.76 27.14 9.52
N VAL B 51 -13.16 25.91 9.78
CA VAL B 51 -12.20 24.84 9.65
C VAL B 51 -12.63 24.11 8.38
N ILE B 52 -11.70 23.92 7.47
CA ILE B 52 -12.00 23.26 6.22
C ILE B 52 -11.21 21.98 6.14
N ILE B 53 -11.94 20.88 6.17
CA ILE B 53 -11.34 19.57 6.10
C ILE B 53 -11.45 19.01 4.69
N ASP B 54 -10.29 18.82 4.08
CA ASP B 54 -10.19 18.30 2.73
C ASP B 54 -10.11 16.81 2.88
N MET B 55 -11.16 16.15 2.49
CA MET B 55 -11.18 14.73 2.63
C MET B 55 -10.09 14.03 1.91
N ASN B 56 -9.16 14.74 1.31
CA ASN B 56 -8.07 13.99 0.70
C ASN B 56 -6.78 14.05 1.48
N ASP B 57 -6.90 14.38 2.76
CA ASP B 57 -5.80 14.52 3.70
C ASP B 57 -6.53 15.14 4.82
N PRO B 58 -7.47 14.41 5.40
CA PRO B 58 -8.28 14.92 6.51
C PRO B 58 -7.51 15.21 7.79
N SER B 59 -6.32 14.63 7.84
CA SER B 59 -5.46 14.72 8.98
C SER B 59 -5.04 16.15 9.18
N ASN B 60 -5.22 16.95 8.15
CA ASN B 60 -4.76 18.33 8.24
C ASN B 60 -5.74 19.45 7.84
N PRO B 61 -6.68 19.80 8.73
CA PRO B 61 -7.64 20.86 8.43
C PRO B 61 -6.95 22.18 8.03
N ILE B 62 -7.74 23.13 7.50
CA ILE B 62 -7.29 24.48 7.10
C ILE B 62 -8.18 25.37 7.94
N ARG B 63 -7.61 26.24 8.75
CA ARG B 63 -8.42 27.08 9.65
C ARG B 63 -8.25 28.52 9.18
N ARG B 64 -9.31 29.34 9.30
CA ARG B 64 -9.23 30.75 8.93
C ARG B 64 -10.21 31.50 9.79
N PRO B 65 -9.83 32.70 10.27
CA PRO B 65 -10.76 33.45 11.12
C PRO B 65 -11.69 33.94 10.08
N ILE B 66 -12.98 33.79 10.31
CA ILE B 66 -13.90 34.19 9.30
C ILE B 66 -15.22 34.24 9.96
N SER B 67 -15.73 35.43 10.22
CA SER B 67 -17.05 35.52 10.80
C SER B 67 -18.01 35.40 9.60
N ALA B 68 -18.97 34.50 9.73
CA ALA B 68 -19.90 34.25 8.66
C ALA B 68 -21.10 33.56 9.26
N ASP B 69 -22.29 33.97 8.85
CA ASP B 69 -23.50 33.37 9.30
C ASP B 69 -23.48 31.93 8.81
N SER B 70 -22.78 31.74 7.69
CA SER B 70 -22.68 30.44 7.05
C SER B 70 -21.55 30.34 6.07
N ALA B 71 -21.09 29.11 5.84
CA ALA B 71 -20.02 28.87 4.88
C ALA B 71 -20.24 27.51 4.19
N ILE B 72 -20.10 27.48 2.87
CA ILE B 72 -20.25 26.21 2.20
C ILE B 72 -19.19 26.19 1.11
N MET B 73 -18.45 25.10 1.04
CA MET B 73 -17.35 24.96 0.09
C MET B 73 -17.80 24.49 -1.29
N ASN B 74 -16.97 24.75 -2.29
CA ASN B 74 -17.31 24.31 -3.64
C ASN B 74 -17.32 22.80 -3.68
N PRO B 75 -18.15 22.19 -4.53
CA PRO B 75 -18.10 20.74 -4.53
C PRO B 75 -16.78 20.22 -4.99
N ALA B 76 -15.95 21.07 -5.58
CA ALA B 76 -14.72 20.53 -6.12
C ALA B 76 -13.50 21.38 -6.06
N SER B 77 -13.65 22.67 -5.84
CA SER B 77 -12.45 23.47 -5.82
C SER B 77 -12.36 24.19 -4.51
N LYS B 78 -11.17 24.71 -4.22
CA LYS B 78 -10.95 25.44 -2.96
C LYS B 78 -11.55 26.82 -3.06
N VAL B 79 -12.86 26.89 -3.27
CA VAL B 79 -13.59 28.14 -3.40
C VAL B 79 -14.67 27.98 -2.35
N ILE B 80 -14.90 29.00 -1.54
CA ILE B 80 -15.86 28.95 -0.44
C ILE B 80 -16.83 30.07 -0.60
N ALA B 81 -18.08 29.83 -0.19
CA ALA B 81 -19.12 30.85 -0.26
C ALA B 81 -19.54 31.27 1.14
N LEU B 82 -19.12 32.45 1.56
CA LEU B 82 -19.46 32.92 2.91
C LEU B 82 -20.64 33.86 2.88
N LYS B 83 -21.47 33.76 3.90
CA LYS B 83 -22.63 34.63 3.94
C LYS B 83 -22.68 35.41 5.22
N ALA B 84 -22.58 36.74 5.10
CA ALA B 84 -22.64 37.63 6.24
C ALA B 84 -24.00 38.29 6.25
N GLY B 85 -24.97 37.61 6.86
CA GLY B 85 -26.31 38.18 6.94
C GLY B 85 -27.05 38.31 5.63
N LYS B 86 -26.61 39.23 4.77
CA LYS B 86 -27.27 39.42 3.48
C LYS B 86 -26.23 39.66 2.41
N THR B 87 -25.00 39.76 2.84
CA THR B 87 -23.93 39.94 1.88
C THR B 87 -23.28 38.60 1.60
N LEU B 88 -23.52 38.08 0.40
CA LEU B 88 -22.94 36.81 0.02
C LEU B 88 -21.58 37.16 -0.54
N GLN B 89 -20.61 36.26 -0.33
CA GLN B 89 -19.27 36.41 -0.86
C GLN B 89 -18.81 35.03 -1.30
N ILE B 90 -18.03 34.98 -2.38
CA ILE B 90 -17.47 33.75 -2.94
C ILE B 90 -15.97 34.00 -3.05
N PHE B 91 -15.24 33.48 -2.07
CA PHE B 91 -13.81 33.68 -1.92
C PHE B 91 -12.97 32.49 -2.37
N ASN B 92 -11.74 32.74 -2.81
CA ASN B 92 -10.90 31.64 -3.22
C ASN B 92 -9.88 31.34 -2.14
N ILE B 93 -10.24 30.37 -1.29
CA ILE B 93 -9.46 29.86 -0.16
C ILE B 93 -8.02 29.58 -0.60
N GLU B 94 -7.93 28.89 -1.74
CA GLU B 94 -6.69 28.52 -2.40
C GLU B 94 -5.68 29.64 -2.44
N MET B 95 -6.03 30.72 -3.13
CA MET B 95 -5.16 31.88 -3.28
C MET B 95 -5.71 33.15 -2.61
N LYS B 96 -6.39 32.93 -1.50
CA LYS B 96 -6.96 33.98 -0.70
C LYS B 96 -7.52 35.20 -1.40
N SER B 97 -7.92 35.07 -2.66
CA SER B 97 -8.50 36.22 -3.36
C SER B 97 -10.01 36.23 -3.24
N LYS B 98 -10.64 37.41 -3.34
CA LYS B 98 -12.09 37.46 -3.25
C LYS B 98 -12.71 37.40 -4.63
N MET B 99 -13.30 36.29 -4.97
CA MET B 99 -13.89 36.11 -6.27
C MET B 99 -15.16 36.90 -6.61
N LYS B 100 -16.03 37.20 -5.65
CA LYS B 100 -17.28 37.82 -6.09
C LYS B 100 -18.25 37.95 -4.93
N ALA B 101 -19.02 39.01 -4.84
CA ALA B 101 -19.98 39.14 -3.75
C ALA B 101 -21.32 39.68 -4.20
N HIS B 102 -22.25 39.86 -3.26
CA HIS B 102 -23.56 40.36 -3.65
C HIS B 102 -24.50 40.48 -2.47
N THR B 103 -24.94 41.67 -2.16
CA THR B 103 -25.86 41.82 -1.06
C THR B 103 -27.22 41.48 -1.54
N MET B 104 -27.79 40.43 -1.00
CA MET B 104 -29.13 40.08 -1.40
C MET B 104 -30.09 41.15 -0.83
N THR B 105 -31.31 41.22 -1.37
CA THR B 105 -32.29 42.18 -0.92
C THR B 105 -32.94 41.60 0.30
N ASP B 106 -33.19 40.31 0.27
CA ASP B 106 -33.79 39.66 1.43
C ASP B 106 -32.74 38.66 1.87
N ASP B 107 -32.87 38.13 3.07
CA ASP B 107 -31.88 37.18 3.60
C ASP B 107 -31.95 35.77 3.03
N VAL B 108 -30.81 35.23 2.61
CA VAL B 108 -30.81 33.90 2.07
C VAL B 108 -31.10 32.99 3.22
N THR B 109 -32.17 32.24 3.10
CA THR B 109 -32.59 31.37 4.17
C THR B 109 -32.10 29.92 4.13
N PHE B 110 -31.34 29.57 3.10
CA PHE B 110 -30.76 28.26 2.94
C PHE B 110 -30.01 28.44 1.64
N TRP B 111 -28.88 27.81 1.43
CA TRP B 111 -28.20 27.95 0.16
C TRP B 111 -27.37 26.71 -0.08
N LYS B 112 -26.74 26.50 -1.22
CA LYS B 112 -26.05 25.25 -1.41
C LYS B 112 -25.53 25.06 -2.79
N TRP B 113 -24.29 24.72 -2.97
CA TRP B 113 -23.76 24.51 -4.30
C TRP B 113 -24.54 23.42 -4.99
N ILE B 114 -25.05 23.68 -6.19
CA ILE B 114 -25.79 22.68 -6.95
C ILE B 114 -24.93 22.23 -8.09
N SER B 115 -23.69 22.71 -8.11
CA SER B 115 -22.78 22.24 -9.13
C SER B 115 -21.42 22.87 -8.96
N LEU B 116 -20.49 22.42 -9.77
CA LEU B 116 -19.16 22.91 -9.75
C LEU B 116 -19.06 24.41 -9.75
N ASN B 117 -20.09 25.13 -10.15
CA ASN B 117 -19.92 26.58 -10.09
C ASN B 117 -21.12 27.45 -9.99
N THR B 118 -22.16 26.93 -9.36
CA THR B 118 -23.41 27.63 -9.14
C THR B 118 -23.92 27.35 -7.74
N VAL B 119 -24.26 28.40 -7.02
CA VAL B 119 -24.82 28.35 -5.69
C VAL B 119 -26.32 28.56 -5.82
N ALA B 120 -27.11 28.01 -4.91
CA ALA B 120 -28.56 28.14 -4.95
C ALA B 120 -28.92 28.89 -3.71
N LEU B 121 -29.57 30.04 -3.84
CA LEU B 121 -29.97 30.89 -2.70
C LEU B 121 -31.45 30.78 -2.54
N VAL B 122 -31.85 30.36 -1.36
CA VAL B 122 -33.23 30.21 -1.07
C VAL B 122 -33.59 31.30 -0.13
N THR B 123 -34.52 32.10 -0.62
CA THR B 123 -35.06 33.26 0.07
C THR B 123 -36.39 32.81 0.66
N ASP B 124 -36.93 33.68 1.45
CA ASP B 124 -38.18 33.38 2.05
C ASP B 124 -39.27 33.25 0.97
N ASN B 125 -39.00 33.82 -0.21
CA ASN B 125 -39.98 33.82 -1.28
C ASN B 125 -39.48 33.21 -2.58
N ALA B 126 -38.18 33.21 -2.79
CA ALA B 126 -37.71 32.64 -4.04
C ALA B 126 -36.34 31.95 -4.02
N VAL B 127 -36.11 31.11 -5.01
CA VAL B 127 -34.89 30.39 -5.15
C VAL B 127 -34.21 31.04 -6.33
N TYR B 128 -32.91 31.34 -6.19
CA TYR B 128 -32.09 31.97 -7.27
C TYR B 128 -30.96 31.01 -7.57
N HIS B 129 -30.12 31.31 -8.55
CA HIS B 129 -28.98 30.45 -8.81
C HIS B 129 -27.92 31.48 -9.13
N TRP B 130 -26.77 31.44 -8.44
CA TRP B 130 -25.68 32.37 -8.65
C TRP B 130 -24.46 31.67 -9.19
N SER B 131 -24.01 32.04 -10.36
CA SER B 131 -22.81 31.39 -10.88
C SER B 131 -21.58 32.07 -10.31
N MET B 132 -20.60 31.29 -9.90
CA MET B 132 -19.40 31.84 -9.34
C MET B 132 -18.55 32.39 -10.50
N GLU B 133 -19.11 32.36 -11.69
CA GLU B 133 -18.39 32.87 -12.85
C GLU B 133 -18.77 34.31 -13.20
N GLY B 134 -17.79 35.07 -13.64
CA GLY B 134 -18.05 36.44 -14.07
C GLY B 134 -18.62 37.50 -13.16
N GLU B 135 -19.14 38.55 -13.80
CA GLU B 135 -19.71 39.66 -13.06
C GLU B 135 -21.17 39.40 -12.81
N SER B 136 -21.68 38.30 -13.37
CA SER B 136 -23.09 37.92 -13.24
C SER B 136 -23.68 38.10 -11.84
N GLN B 137 -24.98 38.22 -11.72
CA GLN B 137 -25.54 38.32 -10.40
C GLN B 137 -26.55 37.16 -10.24
N PRO B 138 -27.13 36.99 -9.03
CA PRO B 138 -28.11 35.93 -8.75
C PRO B 138 -29.28 36.01 -9.73
N VAL B 139 -29.79 34.87 -10.21
CA VAL B 139 -30.88 34.83 -11.16
C VAL B 139 -32.09 34.06 -10.69
N LYS B 140 -33.16 34.73 -10.28
CA LYS B 140 -34.35 33.99 -9.83
C LYS B 140 -34.76 32.84 -10.77
N MET B 141 -35.07 31.67 -10.22
CA MET B 141 -35.46 30.51 -11.05
C MET B 141 -36.92 30.27 -10.86
N PHE B 142 -37.42 30.62 -9.69
CA PHE B 142 -38.82 30.44 -9.40
C PHE B 142 -39.14 31.04 -8.09
N ASP B 143 -40.43 31.01 -7.74
CA ASP B 143 -40.97 31.58 -6.51
C ASP B 143 -41.50 30.47 -5.64
N ARG B 144 -41.14 30.53 -4.38
CA ARG B 144 -41.55 29.50 -3.47
C ARG B 144 -43.03 29.22 -3.53
N HIS B 145 -43.38 27.96 -3.62
CA HIS B 145 -44.78 27.58 -3.64
C HIS B 145 -45.29 27.80 -2.24
N SER B 146 -46.58 27.88 -2.05
CA SER B 146 -47.14 28.18 -0.74
C SER B 146 -47.23 27.05 0.27
N SER B 147 -47.15 25.83 -0.22
CA SER B 147 -47.25 24.70 0.67
C SER B 147 -46.04 24.68 1.60
N LEU B 148 -45.01 25.39 1.18
CA LEU B 148 -43.77 25.47 1.92
C LEU B 148 -43.65 26.76 2.73
N ALA B 149 -44.77 27.38 3.06
CA ALA B 149 -44.69 28.62 3.82
C ALA B 149 -44.43 28.32 5.33
N GLY B 150 -43.44 28.99 5.88
CA GLY B 150 -43.13 28.75 7.26
C GLY B 150 -42.47 27.39 7.53
N CYS B 151 -41.88 26.81 6.48
CA CYS B 151 -41.22 25.51 6.56
C CYS B 151 -39.75 25.69 6.86
N GLN B 152 -39.16 24.77 7.59
CA GLN B 152 -37.76 24.81 7.87
C GLN B 152 -37.18 24.22 6.56
N ILE B 153 -36.47 25.01 5.77
CA ILE B 153 -35.93 24.50 4.51
C ILE B 153 -34.71 23.60 4.81
N ILE B 154 -34.79 22.33 4.40
CA ILE B 154 -33.71 21.42 4.67
C ILE B 154 -32.90 21.01 3.47
N ASN B 155 -33.43 21.16 2.27
CA ASN B 155 -32.62 20.82 1.10
C ASN B 155 -33.14 21.39 -0.21
N TYR B 156 -32.26 21.41 -1.21
CA TYR B 156 -32.58 21.87 -2.54
C TYR B 156 -31.74 21.06 -3.52
N ARG B 157 -32.41 20.41 -4.47
CA ARG B 157 -31.76 19.59 -5.46
C ARG B 157 -32.24 19.92 -6.87
N THR B 158 -31.47 19.45 -7.83
CA THR B 158 -31.63 19.71 -9.23
C THR B 158 -31.42 18.44 -10.04
N ASP B 159 -31.86 18.37 -11.28
CA ASP B 159 -31.57 17.15 -12.01
C ASP B 159 -30.23 17.47 -12.71
N ALA B 160 -29.58 16.51 -13.36
CA ALA B 160 -28.30 16.88 -13.98
C ALA B 160 -28.39 18.09 -14.89
N LYS B 161 -29.47 18.17 -15.64
CA LYS B 161 -29.60 19.26 -16.56
C LYS B 161 -30.20 20.52 -15.97
N GLN B 162 -30.37 20.54 -14.67
CA GLN B 162 -30.95 21.72 -14.01
C GLN B 162 -32.20 22.22 -14.70
N LYS B 163 -32.99 21.29 -15.19
CA LYS B 163 -34.23 21.64 -15.82
C LYS B 163 -35.38 21.37 -14.85
N TRP B 164 -35.15 20.60 -13.79
CA TRP B 164 -36.16 20.28 -12.76
C TRP B 164 -35.43 20.59 -11.49
N LEU B 165 -36.09 21.38 -10.63
CA LEU B 165 -35.55 21.81 -9.35
C LEU B 165 -36.51 21.42 -8.23
N LEU B 166 -35.96 20.98 -7.09
CA LEU B 166 -36.80 20.50 -6.00
C LEU B 166 -36.44 21.20 -4.72
N LEU B 167 -37.42 21.73 -4.00
CA LEU B 167 -37.14 22.40 -2.73
C LEU B 167 -37.85 21.63 -1.63
N THR B 168 -37.20 21.43 -0.48
CA THR B 168 -37.83 20.64 0.61
C THR B 168 -37.70 21.34 1.89
N GLY B 169 -38.77 21.27 2.66
CA GLY B 169 -38.83 21.89 3.97
C GLY B 169 -39.65 20.93 4.82
N ILE B 170 -39.56 21.06 6.13
CA ILE B 170 -40.31 20.21 7.04
C ILE B 170 -41.01 21.05 8.10
N SER B 171 -42.11 20.51 8.61
CA SER B 171 -42.91 21.21 9.60
C SER B 171 -43.26 20.23 10.70
N ALA B 172 -43.51 20.75 11.88
CA ALA B 172 -43.94 19.92 13.00
C ALA B 172 -45.44 20.03 13.10
N GLN B 173 -46.11 19.56 12.10
CA GLN B 173 -47.51 19.73 12.10
C GLN B 173 -48.26 18.76 12.92
N GLN B 174 -48.93 19.23 13.89
CA GLN B 174 -49.78 18.37 14.67
C GLN B 174 -49.05 17.10 15.09
N ASN B 175 -47.83 17.28 15.68
CA ASN B 175 -47.09 16.27 16.38
C ASN B 175 -46.35 15.37 15.42
N ARG B 176 -46.17 15.64 14.13
CA ARG B 176 -45.27 14.86 13.22
C ARG B 176 -44.45 15.84 12.40
N VAL B 177 -43.25 15.40 12.02
CA VAL B 177 -42.38 16.20 11.19
C VAL B 177 -42.83 15.86 9.83
N VAL B 178 -43.59 16.79 9.27
CA VAL B 178 -44.16 16.65 7.95
C VAL B 178 -43.24 17.38 6.96
N GLY B 179 -42.95 16.74 5.80
CA GLY B 179 -42.05 17.30 4.81
C GLY B 179 -42.84 17.83 3.64
N ALA B 180 -42.37 18.95 3.09
CA ALA B 180 -43.01 19.61 1.97
C ALA B 180 -42.03 19.83 0.83
N MET B 181 -42.33 19.27 -0.34
CA MET B 181 -41.43 19.48 -1.45
C MET B 181 -42.12 20.28 -2.57
N GLN B 182 -41.33 21.09 -3.28
CA GLN B 182 -41.85 21.85 -4.38
C GLN B 182 -41.02 21.49 -5.61
N LEU B 183 -41.62 20.75 -6.54
CA LEU B 183 -40.93 20.31 -7.74
C LEU B 183 -41.23 21.27 -8.88
N TYR B 184 -40.30 22.17 -9.20
CA TYR B 184 -40.46 23.16 -10.26
C TYR B 184 -39.88 22.84 -11.64
N SER B 185 -40.72 22.89 -12.69
CA SER B 185 -40.24 22.61 -14.03
C SER B 185 -39.79 23.88 -14.64
N VAL B 186 -38.53 23.89 -15.07
CA VAL B 186 -37.87 25.05 -15.67
C VAL B 186 -38.43 25.27 -17.07
N ASP B 187 -38.21 24.29 -17.94
CA ASP B 187 -38.70 24.38 -19.29
C ASP B 187 -40.22 24.62 -19.33
N ARG B 188 -41.03 23.84 -18.63
CA ARG B 188 -42.46 24.06 -18.72
C ARG B 188 -42.95 25.02 -17.65
N LYS B 189 -42.09 25.93 -17.23
CA LYS B 189 -42.43 26.91 -16.17
C LYS B 189 -43.56 26.66 -15.16
N VAL B 190 -43.82 25.39 -14.86
CA VAL B 190 -44.85 24.97 -13.92
C VAL B 190 -44.18 24.47 -12.64
N SER B 191 -44.96 24.34 -11.57
CA SER B 191 -44.41 23.88 -10.33
C SER B 191 -45.45 23.18 -9.47
N GLN B 192 -45.13 22.00 -8.92
CA GLN B 192 -46.09 21.28 -8.11
C GLN B 192 -45.59 20.83 -6.79
N PRO B 193 -46.49 20.77 -5.83
CA PRO B 193 -46.25 20.36 -4.45
C PRO B 193 -46.41 18.83 -4.22
N ILE B 194 -45.43 18.26 -3.52
CA ILE B 194 -45.41 16.83 -3.19
C ILE B 194 -45.04 16.72 -1.72
N GLU B 195 -45.62 15.75 -1.03
CA GLU B 195 -45.32 15.55 0.39
C GLU B 195 -44.17 14.62 0.30
N GLY B 196 -43.02 15.05 0.82
CA GLY B 196 -41.85 14.21 0.71
C GLY B 196 -40.88 14.55 1.78
N HIS B 197 -40.08 13.56 2.15
CA HIS B 197 -39.11 13.75 3.19
C HIS B 197 -37.70 13.85 2.61
N ALA B 198 -37.39 13.02 1.64
CA ALA B 198 -36.08 12.99 1.08
C ALA B 198 -36.23 12.55 -0.35
N ALA B 199 -35.35 13.03 -1.24
CA ALA B 199 -35.38 12.69 -2.66
C ALA B 199 -34.07 12.92 -3.33
N SER B 200 -34.01 12.57 -4.60
CA SER B 200 -32.83 12.74 -5.41
C SER B 200 -33.26 12.41 -6.86
N PHE B 201 -32.54 12.92 -7.84
CA PHE B 201 -32.83 12.66 -9.23
C PHE B 201 -31.80 11.67 -9.71
N ALA B 202 -32.01 11.04 -10.87
CA ALA B 202 -31.00 10.09 -11.37
C ALA B 202 -31.18 9.95 -12.84
N GLN B 203 -30.08 9.73 -13.56
CA GLN B 203 -30.11 9.50 -15.00
C GLN B 203 -30.12 7.99 -15.11
N PHE B 204 -30.98 7.41 -15.94
CA PHE B 204 -31.03 5.97 -15.96
C PHE B 204 -31.42 5.56 -17.34
N LYS B 205 -30.53 4.87 -18.05
CA LYS B 205 -30.86 4.44 -19.40
C LYS B 205 -31.58 3.07 -19.36
N MET B 206 -32.90 3.07 -19.54
CA MET B 206 -33.64 1.82 -19.48
C MET B 206 -33.16 0.78 -20.46
N GLU B 207 -33.51 -0.46 -20.15
CA GLU B 207 -33.18 -1.59 -21.02
C GLU B 207 -33.92 -1.36 -22.32
N GLY B 208 -33.16 -1.30 -23.41
CA GLY B 208 -33.74 -1.09 -24.72
C GLY B 208 -33.98 0.33 -25.21
N ASN B 209 -33.50 1.34 -24.48
CA ASN B 209 -33.66 2.72 -24.92
C ASN B 209 -32.28 3.26 -25.21
N ALA B 210 -32.17 4.35 -25.98
CA ALA B 210 -30.84 4.80 -26.28
C ALA B 210 -30.53 6.04 -25.55
N GLU B 211 -31.48 6.49 -24.77
CA GLU B 211 -31.29 7.71 -24.01
C GLU B 211 -31.56 7.47 -22.54
N GLU B 212 -30.89 8.24 -21.69
CA GLU B 212 -31.12 8.06 -20.29
C GLU B 212 -32.41 8.76 -19.95
N SER B 213 -33.13 8.18 -19.03
CA SER B 213 -34.32 8.80 -18.57
C SER B 213 -33.78 9.69 -17.44
N THR B 214 -34.60 10.59 -16.95
CA THR B 214 -34.23 11.42 -15.84
C THR B 214 -35.27 11.02 -14.84
N LEU B 215 -34.83 10.43 -13.74
CA LEU B 215 -35.78 9.99 -12.75
C LEU B 215 -35.72 10.90 -11.59
N PHE B 216 -36.79 10.88 -10.81
CA PHE B 216 -36.91 11.71 -9.60
C PHE B 216 -37.45 10.71 -8.59
N CYS B 217 -36.65 10.46 -7.57
CA CYS B 217 -36.99 9.50 -6.56
C CYS B 217 -37.23 10.25 -5.25
N PHE B 218 -38.26 9.86 -4.50
CA PHE B 218 -38.45 10.57 -3.27
C PHE B 218 -39.13 9.64 -2.31
N ALA B 219 -38.93 9.90 -1.02
CA ALA B 219 -39.47 9.06 0.01
C ALA B 219 -40.09 9.92 1.06
N VAL B 220 -41.07 9.32 1.73
CA VAL B 220 -41.86 9.99 2.73
C VAL B 220 -42.53 9.01 3.66
N ARG B 221 -42.84 9.50 4.85
CA ARG B 221 -43.58 8.69 5.75
C ARG B 221 -44.82 9.51 6.03
N GLY B 222 -45.97 9.08 5.51
CA GLY B 222 -47.22 9.80 5.70
C GLY B 222 -48.19 8.97 6.53
N GLN B 223 -49.47 9.36 6.56
CA GLN B 223 -50.46 8.60 7.33
C GLN B 223 -50.45 7.16 6.87
N ALA B 224 -50.31 6.93 5.58
CA ALA B 224 -50.33 5.58 5.06
C ALA B 224 -49.01 4.88 5.16
N GLY B 225 -48.16 5.44 6.00
CA GLY B 225 -46.84 4.87 6.17
C GLY B 225 -45.89 5.51 5.19
N GLY B 226 -44.68 4.99 5.22
CA GLY B 226 -43.61 5.45 4.37
C GLY B 226 -43.65 4.75 3.02
N LYS B 227 -43.30 5.52 2.00
CA LYS B 227 -43.31 4.98 0.69
C LYS B 227 -42.18 5.65 -0.06
N LEU B 228 -41.74 4.99 -1.10
CA LEU B 228 -40.68 5.50 -1.93
C LEU B 228 -41.28 5.47 -3.33
N HIS B 229 -41.08 6.57 -4.06
CA HIS B 229 -41.58 6.73 -5.41
C HIS B 229 -40.45 7.03 -6.33
N ILE B 230 -40.42 6.35 -7.47
CA ILE B 230 -39.42 6.57 -8.52
C ILE B 230 -40.20 6.89 -9.83
N ILE B 231 -40.13 8.13 -10.29
CA ILE B 231 -40.88 8.44 -11.49
C ILE B 231 -40.04 9.21 -12.46
N GLU B 232 -40.28 9.00 -13.77
CA GLU B 232 -39.55 9.71 -14.83
C GLU B 232 -40.03 11.14 -14.79
N VAL B 233 -39.19 12.09 -15.13
CA VAL B 233 -39.61 13.46 -15.04
C VAL B 233 -39.43 14.15 -16.40
N GLY B 234 -40.54 14.68 -16.92
CA GLY B 234 -40.53 15.29 -18.25
C GLY B 234 -40.89 14.34 -19.40
N THR B 235 -40.47 14.70 -20.61
CA THR B 235 -40.79 13.92 -21.82
C THR B 235 -39.62 13.11 -22.26
N PRO B 236 -39.82 11.81 -22.36
CA PRO B 236 -38.85 10.82 -22.76
C PRO B 236 -38.15 11.26 -23.98
N PRO B 237 -36.84 10.97 -24.08
CA PRO B 237 -36.14 11.38 -25.31
C PRO B 237 -36.97 10.79 -26.42
N THR B 238 -36.94 11.39 -27.58
CA THR B 238 -37.77 10.84 -28.64
C THR B 238 -37.26 9.46 -28.96
N GLY B 239 -38.15 8.49 -29.05
CA GLY B 239 -37.70 7.14 -29.37
C GLY B 239 -37.47 6.25 -28.14
N ASN B 240 -37.71 6.82 -26.97
CA ASN B 240 -37.52 6.09 -25.73
C ASN B 240 -38.85 5.57 -25.26
N GLN B 241 -38.86 4.36 -24.72
CA GLN B 241 -40.08 3.84 -24.13
C GLN B 241 -40.12 4.60 -22.84
N PRO B 242 -41.30 4.87 -22.30
CA PRO B 242 -41.26 5.60 -21.04
C PRO B 242 -40.92 4.66 -19.85
N PHE B 243 -40.47 5.24 -18.76
CA PHE B 243 -40.13 4.48 -17.58
C PHE B 243 -41.37 4.38 -16.67
N PRO B 244 -41.86 3.20 -16.46
CA PRO B 244 -43.02 3.01 -15.60
C PRO B 244 -42.82 3.52 -14.20
N LYS B 245 -43.54 4.56 -13.80
CA LYS B 245 -43.48 5.08 -12.46
C LYS B 245 -43.56 3.90 -11.49
N LYS B 246 -42.82 4.00 -10.39
CA LYS B 246 -42.77 2.98 -9.30
C LYS B 246 -43.14 3.51 -7.90
N ALA B 247 -43.59 2.62 -7.02
CA ALA B 247 -43.91 3.03 -5.67
C ALA B 247 -43.80 1.80 -4.82
N VAL B 248 -43.01 1.91 -3.78
CA VAL B 248 -42.64 0.84 -2.85
C VAL B 248 -42.80 1.37 -1.46
N ASP B 249 -43.09 0.55 -0.47
CA ASP B 249 -43.20 1.17 0.85
C ASP B 249 -41.88 0.98 1.53
N VAL B 250 -41.51 1.92 2.40
CA VAL B 250 -40.28 1.86 3.17
C VAL B 250 -40.68 1.61 4.59
N PHE B 251 -40.27 0.45 5.05
CA PHE B 251 -40.55 -0.09 6.38
C PHE B 251 -39.96 0.66 7.55
N PHE B 252 -40.70 0.68 8.65
CA PHE B 252 -40.17 1.28 9.86
C PHE B 252 -40.49 0.30 10.98
N PRO B 253 -39.50 -0.15 11.77
CA PRO B 253 -39.94 -1.09 12.78
C PRO B 253 -40.57 -0.32 13.92
N PRO B 254 -41.33 -1.02 14.75
CA PRO B 254 -42.03 -0.50 15.91
C PRO B 254 -41.08 0.28 16.79
N GLU B 255 -39.87 -0.23 16.95
CA GLU B 255 -38.87 0.46 17.76
C GLU B 255 -38.58 1.80 17.09
N ALA B 256 -38.67 1.82 15.77
CA ALA B 256 -38.45 3.04 15.01
C ALA B 256 -39.75 3.82 15.08
N GLN B 257 -40.07 4.20 16.32
CA GLN B 257 -41.30 4.94 16.65
C GLN B 257 -41.68 6.00 15.62
N ASN B 258 -41.09 7.16 15.79
CA ASN B 258 -41.36 8.23 14.88
C ASN B 258 -40.18 8.56 14.02
N ASP B 259 -39.64 7.55 13.35
CA ASP B 259 -38.53 7.80 12.44
C ASP B 259 -39.15 8.31 11.11
N PHE B 260 -38.32 8.84 10.22
CA PHE B 260 -38.83 9.30 8.94
C PHE B 260 -37.59 9.55 8.07
N PRO B 261 -37.73 9.50 6.74
CA PRO B 261 -36.62 9.73 5.82
C PRO B 261 -35.94 11.04 6.06
N VAL B 262 -34.65 11.08 5.77
CA VAL B 262 -33.89 12.25 6.06
C VAL B 262 -32.90 12.54 4.98
N ALA B 263 -32.38 11.52 4.31
CA ALA B 263 -31.41 11.73 3.24
C ALA B 263 -31.48 10.64 2.20
N MET B 264 -31.09 10.95 0.97
CA MET B 264 -31.12 9.97 -0.11
C MET B 264 -30.05 10.30 -1.10
N GLN B 265 -29.41 9.28 -1.63
CA GLN B 265 -28.37 9.46 -2.65
C GLN B 265 -28.49 8.23 -3.46
N ILE B 266 -28.21 8.31 -4.74
CA ILE B 266 -28.43 7.18 -5.60
C ILE B 266 -27.10 6.87 -6.24
N SER B 267 -26.78 5.61 -6.39
CA SER B 267 -25.52 5.25 -7.03
C SER B 267 -25.78 5.12 -8.52
N GLU B 268 -25.13 5.92 -9.32
CA GLU B 268 -25.39 5.79 -10.73
C GLU B 268 -24.58 4.60 -11.19
N LYS B 269 -23.50 4.31 -10.47
CA LYS B 269 -22.71 3.16 -10.85
C LYS B 269 -23.45 1.82 -10.65
N HIS B 270 -24.30 1.71 -9.63
CA HIS B 270 -25.04 0.46 -9.39
C HIS B 270 -26.57 0.53 -9.53
N ASP B 271 -27.11 1.74 -9.68
CA ASP B 271 -28.54 1.98 -9.80
C ASP B 271 -29.23 1.50 -8.57
N VAL B 272 -28.70 1.92 -7.43
CA VAL B 272 -29.25 1.58 -6.14
C VAL B 272 -29.55 2.89 -5.46
N VAL B 273 -30.65 2.91 -4.71
CA VAL B 273 -31.07 4.09 -3.99
C VAL B 273 -30.68 3.91 -2.53
N PHE B 274 -29.96 4.86 -1.95
CA PHE B 274 -29.60 4.78 -0.56
C PHE B 274 -30.46 5.71 0.20
N LEU B 275 -31.19 5.20 1.19
CA LEU B 275 -32.05 6.07 2.02
C LEU B 275 -31.62 5.99 3.50
N ILE B 276 -31.47 7.15 4.16
CA ILE B 276 -31.10 7.21 5.55
C ILE B 276 -32.24 7.85 6.31
N THR B 277 -32.63 7.27 7.44
CA THR B 277 -33.73 7.77 8.26
C THR B 277 -33.20 8.65 9.36
N LYS B 278 -34.11 9.31 10.08
CA LYS B 278 -33.77 10.21 11.18
C LYS B 278 -32.99 9.53 12.34
N TYR B 279 -33.34 8.27 12.61
CA TYR B 279 -32.78 7.47 13.69
C TYR B 279 -31.59 6.63 13.34
N GLY B 280 -30.93 6.94 12.22
CA GLY B 280 -29.74 6.21 11.81
C GLY B 280 -29.86 4.94 10.99
N TYR B 281 -31.05 4.67 10.42
CA TYR B 281 -31.25 3.46 9.61
C TYR B 281 -30.89 3.67 8.18
N ILE B 282 -30.51 2.61 7.48
CA ILE B 282 -30.14 2.73 6.07
C ILE B 282 -30.84 1.66 5.22
N HIS B 283 -31.36 2.03 4.06
CA HIS B 283 -31.99 1.07 3.18
C HIS B 283 -31.41 1.26 1.81
N LEU B 284 -31.35 0.17 1.08
CA LEU B 284 -30.87 0.16 -0.29
C LEU B 284 -32.04 -0.40 -1.07
N TYR B 285 -32.41 0.30 -2.15
CA TYR B 285 -33.49 -0.06 -3.04
C TYR B 285 -32.94 -0.09 -4.46
N ASP B 286 -33.49 -0.97 -5.26
CA ASP B 286 -33.11 -1.07 -6.66
C ASP B 286 -33.79 0.12 -7.30
N LEU B 287 -33.03 0.92 -8.04
CA LEU B 287 -33.53 2.13 -8.70
C LEU B 287 -34.55 1.88 -9.83
N GLU B 288 -34.34 0.83 -10.60
CA GLU B 288 -35.24 0.53 -11.67
C GLU B 288 -36.55 -0.13 -11.24
N THR B 289 -36.57 -0.91 -10.17
CA THR B 289 -37.81 -1.55 -9.77
C THR B 289 -38.29 -1.10 -8.42
N GLY B 290 -37.42 -0.53 -7.61
CA GLY B 290 -37.86 -0.09 -6.32
C GLY B 290 -37.83 -1.19 -5.33
N THR B 291 -37.29 -2.33 -5.74
CA THR B 291 -37.21 -3.49 -4.84
C THR B 291 -36.31 -3.18 -3.67
N CYS B 292 -36.71 -3.53 -2.44
CA CYS B 292 -35.83 -3.27 -1.30
C CYS B 292 -34.81 -4.37 -1.19
N ILE B 293 -33.55 -4.00 -1.28
CA ILE B 293 -32.44 -4.93 -1.24
C ILE B 293 -31.82 -5.13 0.13
N TYR B 294 -31.82 -4.11 0.99
CA TYR B 294 -31.17 -4.26 2.27
C TYR B 294 -31.59 -3.16 3.21
N MET B 295 -31.69 -3.48 4.50
CA MET B 295 -31.97 -2.48 5.54
C MET B 295 -31.17 -2.87 6.78
N ASN B 296 -30.79 -1.87 7.56
CA ASN B 296 -30.08 -2.10 8.79
C ASN B 296 -29.88 -0.79 9.49
N ARG B 297 -29.29 -0.85 10.67
CA ARG B 297 -29.11 0.39 11.36
C ARG B 297 -27.64 0.58 11.52
N ILE B 298 -27.11 1.73 11.12
CA ILE B 298 -25.70 1.95 11.19
C ILE B 298 -25.28 3.00 12.20
N SER B 299 -26.23 3.82 12.62
CA SER B 299 -25.96 4.91 13.55
C SER B 299 -27.13 5.05 14.53
N GLY B 300 -26.84 5.50 15.72
CA GLY B 300 -27.88 5.66 16.70
C GLY B 300 -28.09 7.14 16.71
N GLU B 301 -27.03 7.89 16.48
CA GLU B 301 -27.12 9.32 16.38
C GLU B 301 -27.60 9.58 14.93
N THR B 302 -28.07 10.78 14.67
CA THR B 302 -28.57 11.18 13.37
C THR B 302 -27.48 11.65 12.40
N ILE B 303 -27.53 11.15 11.18
CA ILE B 303 -26.59 11.52 10.14
C ILE B 303 -27.22 12.79 9.52
N PHE B 304 -26.84 13.96 10.04
CA PHE B 304 -27.45 15.19 9.62
C PHE B 304 -26.96 15.79 8.32
N VAL B 305 -26.10 15.10 7.58
CA VAL B 305 -25.68 15.69 6.31
C VAL B 305 -25.10 14.58 5.53
N THR B 306 -25.25 14.57 4.22
CA THR B 306 -24.70 13.51 3.39
C THR B 306 -24.31 13.93 1.98
N ALA B 307 -23.85 13.00 1.17
CA ALA B 307 -23.43 13.40 -0.14
C ALA B 307 -23.11 12.18 -0.86
N PRO B 308 -23.13 12.23 -2.17
CA PRO B 308 -22.75 10.93 -2.75
C PRO B 308 -21.24 10.75 -2.52
N HIS B 309 -20.82 9.49 -2.43
CA HIS B 309 -19.45 9.11 -2.23
C HIS B 309 -18.91 8.71 -3.56
N GLU B 310 -18.20 9.57 -4.25
CA GLU B 310 -17.78 9.16 -5.57
C GLU B 310 -16.89 7.96 -5.66
N ALA B 311 -15.92 7.83 -4.75
CA ALA B 311 -15.03 6.68 -4.84
C ALA B 311 -15.77 5.37 -4.86
N THR B 312 -16.77 5.22 -4.02
CA THR B 312 -17.44 3.95 -3.98
C THR B 312 -18.78 3.89 -4.63
N ALA B 313 -19.28 5.05 -5.05
CA ALA B 313 -20.61 5.17 -5.63
C ALA B 313 -21.55 4.80 -4.51
N GLY B 314 -21.36 5.40 -3.33
CA GLY B 314 -22.21 5.10 -2.21
C GLY B 314 -22.62 6.39 -1.56
N ILE B 315 -22.84 6.36 -0.27
CA ILE B 315 -23.27 7.55 0.42
C ILE B 315 -22.32 7.82 1.64
N ILE B 316 -21.97 9.09 1.89
CA ILE B 316 -21.11 9.45 3.00
C ILE B 316 -21.81 10.53 3.76
N GLY B 317 -21.74 10.52 5.08
CA GLY B 317 -22.42 11.54 5.86
C GLY B 317 -21.70 11.75 7.16
N VAL B 318 -22.20 12.60 8.04
CA VAL B 318 -21.59 12.88 9.31
C VAL B 318 -22.69 12.82 10.32
N ASN B 319 -22.44 12.29 11.51
CA ASN B 319 -23.51 12.26 12.51
C ASN B 319 -23.18 13.13 13.68
N ARG B 320 -23.98 13.12 14.73
CA ARG B 320 -23.71 13.99 15.86
C ARG B 320 -22.45 13.69 16.65
N LYS B 321 -21.92 12.46 16.61
CA LYS B 321 -20.69 12.16 17.37
C LYS B 321 -19.48 12.71 16.64
N GLY B 322 -19.61 12.94 15.35
CA GLY B 322 -18.48 13.48 14.61
C GLY B 322 -17.99 12.41 13.69
N GLN B 323 -18.73 11.31 13.59
CA GLN B 323 -18.29 10.25 12.73
C GLN B 323 -18.58 10.56 11.30
N VAL B 324 -17.60 10.44 10.41
CA VAL B 324 -17.84 10.68 9.01
C VAL B 324 -17.92 9.27 8.49
N LEU B 325 -19.17 8.77 8.38
CA LEU B 325 -19.53 7.42 7.89
C LEU B 325 -19.85 7.32 6.41
N SER B 326 -19.76 6.11 5.89
CA SER B 326 -20.08 5.89 4.53
C SER B 326 -20.61 4.47 4.36
N VAL B 327 -21.49 4.26 3.37
CA VAL B 327 -22.07 2.96 3.06
C VAL B 327 -22.09 2.83 1.54
N CYS B 328 -21.91 1.62 1.06
CA CYS B 328 -21.85 1.36 -0.36
C CYS B 328 -22.10 -0.13 -0.66
N VAL B 329 -22.34 -0.47 -1.90
CA VAL B 329 -22.58 -1.86 -2.31
C VAL B 329 -21.22 -2.58 -2.29
N GLU B 330 -21.16 -3.81 -1.82
CA GLU B 330 -19.91 -4.51 -1.87
C GLU B 330 -20.08 -5.24 -3.17
N GLU B 331 -19.44 -4.75 -4.24
CA GLU B 331 -19.60 -5.31 -5.58
C GLU B 331 -19.38 -6.78 -5.70
N GLU B 332 -18.71 -7.33 -4.75
CA GLU B 332 -18.45 -8.77 -4.85
C GLU B 332 -19.41 -9.63 -4.03
N ASN B 333 -20.23 -9.01 -3.19
CA ASN B 333 -21.19 -9.73 -2.37
C ASN B 333 -22.66 -9.53 -2.71
N ILE B 334 -23.00 -8.45 -3.41
CA ILE B 334 -24.40 -8.18 -3.70
C ILE B 334 -25.12 -9.17 -4.58
N ILE B 335 -24.59 -9.54 -5.73
CA ILE B 335 -25.32 -10.48 -6.56
C ILE B 335 -25.57 -11.75 -5.75
N PRO B 336 -24.53 -12.31 -5.08
CA PRO B 336 -24.69 -13.52 -4.22
C PRO B 336 -25.71 -13.29 -3.11
N TYR B 337 -25.71 -12.10 -2.52
CA TYR B 337 -26.67 -11.78 -1.49
C TYR B 337 -28.10 -11.76 -2.01
N ILE B 338 -28.34 -11.20 -3.20
CA ILE B 338 -29.70 -11.14 -3.76
C ILE B 338 -30.15 -12.59 -4.09
N THR B 339 -29.23 -13.39 -4.64
CA THR B 339 -29.56 -14.77 -4.95
C THR B 339 -29.80 -15.65 -3.73
N ASN B 340 -28.90 -15.65 -2.76
CA ASN B 340 -29.06 -16.49 -1.57
C ASN B 340 -29.83 -15.98 -0.37
N VAL B 341 -29.63 -14.74 0.03
CA VAL B 341 -30.35 -14.19 1.15
C VAL B 341 -31.73 -13.71 0.64
N LEU B 342 -31.76 -12.87 -0.39
CA LEU B 342 -33.03 -12.39 -0.96
C LEU B 342 -33.76 -13.51 -1.71
N GLN B 343 -33.00 -14.49 -2.14
CA GLN B 343 -33.60 -15.60 -2.86
C GLN B 343 -34.42 -15.01 -4.00
N ASN B 344 -33.74 -14.12 -4.72
CA ASN B 344 -34.33 -13.47 -5.86
C ASN B 344 -33.31 -13.50 -7.00
N PRO B 345 -33.12 -14.67 -7.63
CA PRO B 345 -32.16 -14.84 -8.71
C PRO B 345 -32.47 -14.10 -9.95
N ASP B 346 -33.70 -13.65 -10.08
CA ASP B 346 -34.05 -12.91 -11.26
C ASP B 346 -33.55 -11.48 -11.09
N LEU B 347 -33.76 -10.89 -9.91
CA LEU B 347 -33.26 -9.53 -9.66
C LEU B 347 -31.76 -9.60 -9.78
N ALA B 348 -31.19 -10.68 -9.22
CA ALA B 348 -29.76 -10.92 -9.19
C ALA B 348 -29.10 -10.96 -10.56
N LEU B 349 -29.69 -11.70 -11.49
CA LEU B 349 -29.14 -11.78 -12.84
C LEU B 349 -29.32 -10.45 -13.57
N ARG B 350 -30.41 -9.74 -13.30
CA ARG B 350 -30.63 -8.50 -14.00
C ARG B 350 -29.62 -7.49 -13.52
N MET B 351 -29.64 -7.31 -12.21
CA MET B 351 -28.70 -6.40 -11.61
C MET B 351 -27.23 -6.77 -12.04
N ALA B 352 -26.92 -8.05 -12.13
CA ALA B 352 -25.59 -8.51 -12.50
C ALA B 352 -25.24 -8.08 -13.91
N VAL B 353 -26.03 -8.48 -14.90
CA VAL B 353 -25.77 -8.06 -16.26
C VAL B 353 -25.88 -6.53 -16.39
N ARG B 354 -26.99 -5.96 -15.92
CA ARG B 354 -27.13 -4.53 -15.98
C ARG B 354 -25.88 -3.80 -15.52
N ASN B 355 -25.33 -4.23 -14.40
CA ASN B 355 -24.18 -3.55 -13.84
C ASN B 355 -22.84 -4.26 -13.97
N ASN B 356 -22.80 -5.34 -14.70
CA ASN B 356 -21.55 -6.01 -14.85
C ASN B 356 -20.91 -6.36 -13.56
N LEU B 357 -21.70 -6.90 -12.65
CA LEU B 357 -21.26 -7.29 -11.32
C LEU B 357 -21.12 -8.79 -11.36
N ALA B 358 -20.28 -9.34 -10.48
CA ALA B 358 -20.12 -10.79 -10.41
C ALA B 358 -20.84 -11.54 -9.26
N GLY B 359 -20.92 -12.84 -9.46
CA GLY B 359 -21.57 -13.69 -8.49
C GLY B 359 -22.68 -14.50 -9.10
N ALA B 360 -23.04 -14.28 -10.36
CA ALA B 360 -24.13 -15.08 -10.87
C ALA B 360 -23.65 -16.00 -11.98
N GLU B 361 -22.37 -16.37 -11.93
CA GLU B 361 -21.79 -17.21 -12.96
C GLU B 361 -22.50 -18.53 -13.19
N GLU B 362 -22.94 -19.20 -12.13
CA GLU B 362 -23.60 -20.49 -12.25
C GLU B 362 -24.99 -20.38 -12.84
N LEU B 363 -25.65 -19.25 -12.58
CA LEU B 363 -26.97 -19.01 -13.09
C LEU B 363 -26.92 -18.70 -14.57
N PHE B 364 -25.81 -18.10 -14.99
CA PHE B 364 -25.60 -17.73 -16.38
C PHE B 364 -25.26 -18.94 -17.24
N ALA B 365 -24.40 -19.81 -16.74
CA ALA B 365 -24.04 -21.00 -17.49
C ALA B 365 -25.33 -21.76 -17.65
N ARG B 366 -25.99 -22.02 -16.53
CA ARG B 366 -27.29 -22.68 -16.46
C ARG B 366 -28.27 -22.16 -17.55
N LYS B 367 -28.44 -20.84 -17.56
CA LYS B 367 -29.31 -20.16 -18.49
C LYS B 367 -28.87 -20.35 -19.93
N PHE B 368 -27.55 -20.31 -20.17
CA PHE B 368 -27.02 -20.53 -21.50
C PHE B 368 -27.34 -21.98 -21.87
N ASN B 369 -26.80 -22.90 -21.09
CA ASN B 369 -27.03 -24.29 -21.33
C ASN B 369 -28.50 -24.55 -21.60
N ALA B 370 -29.39 -23.98 -20.79
CA ALA B 370 -30.81 -24.21 -21.02
C ALA B 370 -31.27 -23.78 -22.39
N LEU B 371 -30.94 -22.56 -22.78
CA LEU B 371 -31.37 -22.11 -24.09
C LEU B 371 -30.76 -22.96 -25.21
N PHE B 372 -29.58 -23.54 -24.96
CA PHE B 372 -28.90 -24.34 -25.98
C PHE B 372 -29.69 -25.58 -26.39
N ALA B 373 -30.39 -26.17 -25.44
CA ALA B 373 -31.21 -27.36 -25.71
C ALA B 373 -32.33 -26.87 -26.60
N GLN B 374 -33.19 -26.04 -26.04
CA GLN B 374 -34.27 -25.49 -26.80
C GLN B 374 -33.70 -25.13 -28.17
N GLY B 375 -32.38 -25.08 -28.26
CA GLY B 375 -31.74 -24.76 -29.52
C GLY B 375 -31.99 -23.33 -29.93
N ASN B 376 -32.15 -22.43 -28.97
CA ASN B 376 -32.38 -21.03 -29.33
C ASN B 376 -31.04 -20.33 -29.43
N TYR B 377 -30.12 -20.99 -30.09
CA TYR B 377 -28.79 -20.47 -30.25
C TYR B 377 -28.73 -18.97 -30.18
N SER B 378 -29.75 -18.30 -30.68
CA SER B 378 -29.69 -16.85 -30.67
C SER B 378 -29.87 -16.27 -29.28
N GLU B 379 -30.78 -16.84 -28.51
CA GLU B 379 -30.97 -16.34 -27.17
C GLU B 379 -29.74 -16.75 -26.39
N ALA B 380 -29.33 -18.00 -26.57
CA ALA B 380 -28.15 -18.52 -25.89
C ALA B 380 -26.92 -17.64 -26.07
N ALA B 381 -26.73 -17.06 -27.25
CA ALA B 381 -25.57 -16.22 -27.56
C ALA B 381 -25.69 -14.81 -27.02
N LYS B 382 -26.92 -14.39 -26.80
CA LYS B 382 -27.19 -13.08 -26.24
C LYS B 382 -26.62 -13.25 -24.82
N VAL B 383 -27.09 -14.25 -24.10
CA VAL B 383 -26.61 -14.53 -22.77
C VAL B 383 -25.08 -14.64 -22.62
N ALA B 384 -24.40 -15.28 -23.55
CA ALA B 384 -22.96 -15.38 -23.39
C ALA B 384 -22.35 -14.05 -23.74
N ALA B 385 -22.95 -13.29 -24.65
CA ALA B 385 -22.36 -12.02 -25.01
C ALA B 385 -22.53 -10.95 -23.97
N ASN B 386 -23.55 -11.07 -23.13
CA ASN B 386 -23.83 -10.06 -22.10
C ASN B 386 -23.59 -10.44 -20.68
N ALA B 387 -23.46 -11.72 -20.37
CA ALA B 387 -23.17 -12.14 -19.00
C ALA B 387 -21.88 -11.39 -18.60
N PRO B 388 -21.80 -10.90 -17.34
CA PRO B 388 -20.64 -10.13 -16.81
C PRO B 388 -19.27 -10.75 -16.69
N LYS B 389 -18.28 -9.88 -16.65
CA LYS B 389 -16.90 -10.29 -16.50
C LYS B 389 -16.45 -11.38 -17.40
N GLY B 390 -16.99 -11.34 -18.64
CA GLY B 390 -16.68 -12.28 -19.72
C GLY B 390 -16.75 -13.76 -19.42
N ILE B 391 -17.59 -14.08 -18.45
CA ILE B 391 -17.71 -15.42 -18.01
C ILE B 391 -18.08 -16.43 -19.12
N LEU B 392 -18.81 -16.08 -20.20
CA LEU B 392 -19.10 -17.09 -21.26
C LEU B 392 -18.47 -16.76 -22.62
N ARG B 393 -17.70 -15.66 -22.68
CA ARG B 393 -17.05 -15.26 -23.92
C ARG B 393 -15.82 -16.09 -23.93
N THR B 394 -16.00 -17.39 -24.05
CA THR B 394 -14.88 -18.30 -24.02
C THR B 394 -14.74 -19.06 -25.32
N PRO B 395 -13.56 -19.66 -25.51
CA PRO B 395 -13.15 -20.47 -26.66
C PRO B 395 -13.99 -21.71 -26.60
N ASP B 396 -14.35 -22.11 -25.42
CA ASP B 396 -15.18 -23.25 -25.34
C ASP B 396 -16.53 -22.82 -25.81
N THR B 397 -16.93 -21.60 -25.48
CA THR B 397 -18.26 -21.15 -25.94
C THR B 397 -18.31 -21.06 -27.47
N ILE B 398 -17.16 -20.78 -28.10
CA ILE B 398 -17.12 -20.72 -29.55
C ILE B 398 -17.17 -22.19 -30.04
N ARG B 399 -16.45 -23.10 -29.38
CA ARG B 399 -16.42 -24.52 -29.77
C ARG B 399 -17.80 -25.10 -29.67
N ARG B 400 -18.60 -24.58 -28.75
CA ARG B 400 -19.97 -25.08 -28.58
C ARG B 400 -20.78 -24.76 -29.83
N PHE B 401 -20.80 -23.48 -30.19
CA PHE B 401 -21.55 -22.99 -31.32
C PHE B 401 -21.01 -23.49 -32.66
N GLN B 402 -19.73 -23.78 -32.65
CA GLN B 402 -19.04 -24.30 -33.81
C GLN B 402 -19.44 -25.73 -34.09
N SER B 403 -19.94 -26.42 -33.07
CA SER B 403 -20.32 -27.82 -33.16
C SER B 403 -21.70 -28.16 -33.65
N VAL B 404 -22.59 -27.18 -33.73
CA VAL B 404 -23.93 -27.47 -34.20
C VAL B 404 -24.03 -27.10 -35.65
N PRO B 405 -24.40 -28.06 -36.47
CA PRO B 405 -24.55 -27.93 -37.90
C PRO B 405 -25.53 -26.90 -38.40
N ALA B 406 -25.16 -26.30 -39.52
CA ALA B 406 -25.96 -25.30 -40.20
C ALA B 406 -26.99 -26.03 -41.12
N GLN B 407 -28.18 -26.28 -40.59
CA GLN B 407 -29.22 -26.92 -41.38
C GLN B 407 -29.42 -25.95 -42.54
N PRO B 408 -29.86 -26.45 -43.71
CA PRO B 408 -30.05 -25.55 -44.86
C PRO B 408 -31.07 -24.42 -44.67
N GLY B 409 -30.62 -23.18 -44.91
CA GLY B 409 -31.53 -22.06 -44.77
C GLY B 409 -31.00 -20.84 -44.02
N GLN B 410 -31.26 -20.81 -42.71
CA GLN B 410 -30.85 -19.72 -41.79
C GLN B 410 -29.34 -19.53 -41.71
N THR B 411 -28.90 -18.83 -40.66
CA THR B 411 -27.48 -18.58 -40.44
C THR B 411 -26.99 -19.43 -39.27
N SER B 412 -25.74 -19.89 -39.37
CA SER B 412 -25.07 -20.73 -38.36
C SER B 412 -25.11 -20.18 -36.95
N PRO B 413 -25.27 -21.07 -35.94
CA PRO B 413 -25.33 -20.52 -34.59
C PRO B 413 -24.06 -19.77 -34.24
N LEU B 414 -22.95 -20.12 -34.90
CA LEU B 414 -21.69 -19.46 -34.61
C LEU B 414 -21.65 -18.12 -35.23
N LEU B 415 -22.00 -18.08 -36.51
CA LEU B 415 -22.01 -16.82 -37.22
C LEU B 415 -23.02 -15.93 -36.53
N GLN B 416 -24.08 -16.54 -36.02
CA GLN B 416 -25.11 -15.83 -35.28
C GLN B 416 -24.51 -15.11 -34.06
N TYR B 417 -23.83 -15.91 -33.24
CA TYR B 417 -23.13 -15.48 -32.03
C TYR B 417 -22.13 -14.37 -32.41
N PHE B 418 -21.25 -14.61 -33.38
CA PHE B 418 -20.31 -13.60 -33.82
C PHE B 418 -21.05 -12.37 -34.31
N GLY B 419 -22.31 -12.53 -34.69
CA GLY B 419 -23.05 -11.38 -35.15
C GLY B 419 -23.30 -10.51 -33.96
N ILE B 420 -23.83 -11.13 -32.91
CA ILE B 420 -24.15 -10.46 -31.66
C ILE B 420 -22.94 -9.75 -31.09
N LEU B 421 -21.81 -10.43 -31.11
CA LEU B 421 -20.62 -9.83 -30.59
C LEU B 421 -20.24 -8.59 -31.40
N LEU B 422 -20.16 -8.75 -32.73
CA LEU B 422 -19.80 -7.67 -33.62
C LEU B 422 -20.70 -6.45 -33.45
N ASP B 423 -21.91 -6.70 -32.97
CA ASP B 423 -22.85 -5.62 -32.73
C ASP B 423 -22.43 -5.04 -31.41
N GLN B 424 -22.46 -5.91 -30.43
CA GLN B 424 -22.07 -5.58 -29.08
C GLN B 424 -20.84 -4.70 -29.13
N GLY B 425 -19.82 -5.13 -29.86
CA GLY B 425 -18.63 -4.32 -29.94
C GLY B 425 -17.42 -4.77 -30.75
N GLN B 426 -16.31 -4.94 -30.04
CA GLN B 426 -15.05 -5.37 -30.62
C GLN B 426 -14.77 -6.79 -30.13
N LEU B 427 -14.22 -7.64 -31.02
CA LEU B 427 -13.90 -9.04 -30.70
C LEU B 427 -12.42 -9.16 -30.26
N ASN B 428 -12.10 -10.17 -29.45
CA ASN B 428 -10.73 -10.37 -28.93
C ASN B 428 -9.71 -10.77 -29.96
N LYS B 429 -8.79 -11.60 -29.51
CA LYS B 429 -7.76 -12.10 -30.39
C LYS B 429 -8.26 -13.44 -30.89
N TYR B 430 -8.74 -14.27 -29.98
CA TYR B 430 -9.22 -15.60 -30.34
C TYR B 430 -10.45 -15.58 -31.23
N GLU B 431 -11.35 -14.66 -30.90
CA GLU B 431 -12.62 -14.51 -31.60
C GLU B 431 -12.39 -13.96 -32.98
N SER B 432 -11.46 -13.02 -33.09
CA SER B 432 -11.19 -12.45 -34.38
C SER B 432 -10.60 -13.51 -35.28
N LEU B 433 -9.74 -14.35 -34.70
CA LEU B 433 -9.08 -15.42 -35.45
C LEU B 433 -10.10 -16.43 -35.94
N GLU B 434 -11.02 -16.83 -35.05
CA GLU B 434 -12.05 -17.81 -35.37
C GLU B 434 -13.09 -17.29 -36.36
N LEU B 435 -13.26 -15.97 -36.36
CA LEU B 435 -14.19 -15.28 -37.23
C LEU B 435 -13.58 -15.17 -38.61
N CYS B 436 -12.29 -14.84 -38.64
CA CYS B 436 -11.60 -14.58 -39.88
C CYS B 436 -11.13 -15.74 -40.67
N ARG B 437 -10.63 -16.74 -39.98
CA ARG B 437 -10.12 -17.99 -40.57
C ARG B 437 -10.91 -18.50 -41.80
N PRO B 438 -12.21 -18.82 -41.62
CA PRO B 438 -13.07 -19.29 -42.70
C PRO B 438 -13.13 -18.23 -43.79
N VAL B 439 -13.74 -17.07 -43.46
CA VAL B 439 -13.87 -15.93 -44.41
C VAL B 439 -12.65 -15.73 -45.33
N LEU B 440 -11.47 -15.83 -44.74
CA LEU B 440 -10.24 -15.68 -45.47
C LEU B 440 -10.12 -16.79 -46.49
N GLN B 441 -10.60 -17.99 -46.16
CA GLN B 441 -10.55 -19.07 -47.13
C GLN B 441 -11.53 -18.78 -48.23
N GLN B 442 -12.74 -18.34 -47.85
CA GLN B 442 -13.80 -18.02 -48.81
C GLN B 442 -13.52 -16.80 -49.69
N GLY B 443 -12.25 -16.43 -49.82
CA GLY B 443 -11.84 -15.31 -50.67
C GLY B 443 -12.49 -13.98 -50.39
N ARG B 444 -13.12 -13.91 -49.22
CA ARG B 444 -13.81 -12.73 -48.80
C ARG B 444 -12.89 -11.69 -48.18
N LYS B 445 -12.22 -10.90 -49.04
CA LYS B 445 -11.29 -9.86 -48.58
C LYS B 445 -12.08 -8.69 -48.07
N GLN B 446 -12.87 -8.15 -48.97
CA GLN B 446 -13.70 -7.01 -48.69
C GLN B 446 -14.28 -7.04 -47.28
N LEU B 447 -14.85 -8.18 -46.89
CA LEU B 447 -15.51 -8.36 -45.59
C LEU B 447 -14.63 -8.19 -44.38
N LEU B 448 -13.41 -8.68 -44.47
CA LEU B 448 -12.47 -8.56 -43.36
C LEU B 448 -11.94 -7.14 -43.41
N GLU B 449 -11.94 -6.54 -44.61
CA GLU B 449 -11.51 -5.16 -44.80
C GLU B 449 -12.43 -4.17 -44.07
N LYS B 450 -13.72 -4.47 -44.06
CA LYS B 450 -14.69 -3.63 -43.42
C LYS B 450 -14.63 -3.88 -41.93
N TRP B 451 -14.51 -5.14 -41.53
CA TRP B 451 -14.44 -5.44 -40.12
C TRP B 451 -13.25 -4.70 -39.51
N LEU B 452 -12.17 -4.63 -40.29
CA LEU B 452 -10.92 -3.98 -39.90
C LEU B 452 -11.16 -2.51 -39.73
N LYS B 453 -11.53 -1.86 -40.83
CA LYS B 453 -11.82 -0.41 -40.83
C LYS B 453 -12.77 0.02 -39.70
N GLU B 454 -13.91 -0.62 -39.64
CA GLU B 454 -14.88 -0.28 -38.65
C GLU B 454 -14.28 -0.64 -37.34
N ASP B 455 -12.99 -0.94 -37.34
CA ASP B 455 -12.24 -1.32 -36.13
C ASP B 455 -12.90 -2.41 -35.24
N LYS B 456 -13.39 -3.49 -35.83
CA LYS B 456 -14.05 -4.50 -35.01
C LYS B 456 -13.18 -5.70 -34.61
N LEU B 457 -12.00 -5.85 -35.22
CA LEU B 457 -11.08 -6.98 -34.90
C LEU B 457 -9.83 -6.55 -34.14
N GLU B 458 -9.48 -7.33 -33.12
CA GLU B 458 -8.29 -7.04 -32.36
C GLU B 458 -7.13 -7.61 -33.14
N CYS B 459 -6.59 -6.90 -34.13
CA CYS B 459 -5.47 -7.45 -34.88
C CYS B 459 -4.42 -8.19 -34.03
N SER B 460 -3.60 -9.01 -34.67
CA SER B 460 -2.62 -9.79 -33.92
C SER B 460 -1.62 -10.24 -34.96
N GLU B 461 -0.43 -10.65 -34.56
CA GLU B 461 0.60 -11.11 -35.50
C GLU B 461 0.16 -12.39 -36.20
N GLU B 462 -0.64 -13.16 -35.48
CA GLU B 462 -1.19 -14.43 -35.90
C GLU B 462 -2.31 -14.30 -36.90
N LEU B 463 -3.26 -13.39 -36.63
CA LEU B 463 -4.37 -13.15 -37.57
C LEU B 463 -3.73 -12.63 -38.84
N GLY B 464 -2.57 -12.01 -38.69
CA GLY B 464 -1.88 -11.47 -39.83
C GLY B 464 -1.26 -12.62 -40.60
N ASP B 465 -0.55 -13.49 -39.89
CA ASP B 465 0.09 -14.63 -40.54
C ASP B 465 -0.97 -15.40 -41.34
N LEU B 466 -2.15 -15.54 -40.79
CA LEU B 466 -3.24 -16.23 -41.46
C LEU B 466 -3.50 -15.55 -42.75
N VAL B 467 -3.73 -14.23 -42.69
CA VAL B 467 -4.01 -13.45 -43.88
C VAL B 467 -2.86 -13.46 -44.87
N LYS B 468 -1.62 -13.51 -44.38
CA LYS B 468 -0.47 -13.53 -45.29
C LYS B 468 -0.58 -14.78 -46.16
N SER B 469 -1.26 -15.81 -45.66
CA SER B 469 -1.43 -17.04 -46.42
C SER B 469 -2.36 -16.82 -47.60
N VAL B 470 -3.06 -15.69 -47.61
CA VAL B 470 -3.99 -15.41 -48.67
C VAL B 470 -3.77 -14.06 -49.35
N ASP B 471 -3.24 -13.12 -48.57
CA ASP B 471 -3.02 -11.77 -49.02
C ASP B 471 -1.82 -11.27 -48.25
N PRO B 472 -0.62 -11.49 -48.75
CA PRO B 472 0.53 -10.99 -47.97
C PRO B 472 0.43 -9.50 -47.80
N THR B 473 -0.24 -8.86 -48.76
CA THR B 473 -0.48 -7.40 -48.81
C THR B 473 -1.52 -6.99 -47.77
N LEU B 474 -2.57 -7.79 -47.59
CA LEU B 474 -3.57 -7.49 -46.57
C LEU B 474 -3.02 -7.65 -45.13
N ALA B 475 -1.96 -8.46 -45.04
CA ALA B 475 -1.23 -8.76 -43.81
C ALA B 475 -0.72 -7.47 -43.20
N LEU B 476 0.27 -6.86 -43.88
CA LEU B 476 0.90 -5.59 -43.46
C LEU B 476 -0.12 -4.74 -42.72
N SER B 477 -1.30 -4.67 -43.30
CA SER B 477 -2.36 -3.90 -42.70
C SER B 477 -2.70 -4.25 -41.26
N VAL B 478 -2.76 -5.56 -40.98
CA VAL B 478 -3.11 -6.11 -39.64
C VAL B 478 -1.94 -6.00 -38.70
N TYR B 479 -0.77 -6.28 -39.28
CA TYR B 479 0.51 -6.25 -38.59
C TYR B 479 0.82 -4.83 -38.15
N LEU B 480 0.64 -3.91 -39.09
CA LEU B 480 0.86 -2.51 -38.83
C LEU B 480 -0.10 -2.11 -37.68
N ARG B 481 -1.17 -2.89 -37.49
CA ARG B 481 -2.10 -2.60 -36.39
C ARG B 481 -1.90 -3.56 -35.29
N ALA B 482 -1.04 -4.55 -35.52
CA ALA B 482 -0.88 -5.58 -34.54
C ALA B 482 0.21 -5.42 -33.46
N ASN B 483 1.10 -4.43 -33.60
CA ASN B 483 2.17 -4.30 -32.59
C ASN B 483 3.13 -5.52 -32.68
N VAL B 484 3.65 -5.76 -33.87
CA VAL B 484 4.58 -6.86 -34.11
C VAL B 484 5.97 -6.22 -34.06
N PRO B 485 7.02 -6.98 -34.35
CA PRO B 485 8.39 -6.47 -34.37
C PRO B 485 8.80 -6.29 -35.84
N ASN B 486 9.77 -5.43 -36.10
CA ASN B 486 10.20 -5.18 -37.48
C ASN B 486 10.31 -6.42 -38.35
N LYS B 487 10.96 -7.45 -37.81
CA LYS B 487 11.19 -8.71 -38.52
C LYS B 487 9.98 -9.07 -39.34
N VAL B 488 8.81 -8.92 -38.74
CA VAL B 488 7.57 -9.24 -39.39
C VAL B 488 7.33 -8.33 -40.59
N ILE B 489 7.80 -7.09 -40.48
CA ILE B 489 7.59 -6.16 -41.57
C ILE B 489 8.70 -6.25 -42.60
N GLN B 490 9.93 -6.47 -42.11
CA GLN B 490 11.11 -6.58 -42.99
C GLN B 490 11.04 -7.81 -43.87
N CYS B 491 10.18 -8.75 -43.48
CA CYS B 491 10.01 -9.97 -44.25
C CYS B 491 9.36 -9.56 -45.55
N PHE B 492 8.53 -8.52 -45.46
CA PHE B 492 7.83 -7.99 -46.62
C PHE B 492 8.77 -7.25 -47.57
N ALA B 493 10.07 -7.38 -47.35
CA ALA B 493 11.10 -6.70 -48.15
C ALA B 493 11.30 -7.14 -49.64
N MET C 1 -32.47 -11.07 11.94
CA MET C 1 -31.52 -10.06 11.37
C MET C 1 -30.98 -9.05 12.39
N ALA C 2 -30.35 -7.98 11.88
CA ALA C 2 -29.79 -6.97 12.79
C ALA C 2 -30.56 -5.67 12.93
N GLN C 3 -30.91 -5.38 14.18
CA GLN C 3 -31.59 -4.16 14.51
C GLN C 3 -30.42 -3.19 14.54
N ILE C 4 -29.23 -3.70 14.27
CA ILE C 4 -28.07 -2.84 14.27
C ILE C 4 -26.84 -3.58 13.74
N LEU C 5 -25.89 -2.79 13.23
CA LEU C 5 -24.61 -3.26 12.69
C LEU C 5 -23.60 -2.96 13.79
N PRO C 6 -23.06 -4.01 14.45
CA PRO C 6 -22.09 -3.91 15.54
C PRO C 6 -20.63 -3.79 15.07
N ILE C 7 -20.39 -4.00 13.78
CA ILE C 7 -19.05 -3.90 13.21
C ILE C 7 -19.06 -3.03 11.98
N ARG C 8 -17.88 -2.59 11.58
CA ARG C 8 -17.67 -1.82 10.38
C ARG C 8 -16.99 -2.77 9.44
N PHE C 9 -17.21 -2.69 8.14
CA PHE C 9 -16.56 -3.60 7.21
C PHE C 9 -16.01 -2.66 6.14
N GLN C 10 -14.68 -2.59 5.95
CA GLN C 10 -14.06 -1.64 5.02
C GLN C 10 -13.13 -2.12 4.00
N GLU C 11 -12.91 -1.32 2.98
CA GLU C 11 -11.98 -1.67 1.96
C GLU C 11 -10.98 -0.57 2.00
N HIS C 12 -9.69 -0.90 2.09
CA HIS C 12 -8.71 0.14 2.23
C HIS C 12 -8.05 0.25 0.91
N LEU C 13 -8.17 -0.78 0.09
CA LEU C 13 -7.47 -0.75 -1.19
C LEU C 13 -7.98 -1.80 -2.10
N GLN C 14 -7.60 -1.71 -3.35
CA GLN C 14 -8.08 -2.68 -4.31
C GLN C 14 -6.82 -2.83 -5.14
N LEU C 15 -6.04 -3.88 -4.83
CA LEU C 15 -4.71 -4.01 -5.42
C LEU C 15 -4.57 -3.98 -6.91
N GLN C 16 -5.55 -4.49 -7.65
CA GLN C 16 -5.40 -4.44 -9.09
C GLN C 16 -5.44 -2.98 -9.60
N ASN C 17 -6.06 -2.08 -8.84
CA ASN C 17 -6.06 -0.67 -9.21
C ASN C 17 -4.64 -0.13 -9.13
N LEU C 18 -3.73 -0.91 -8.57
CA LEU C 18 -2.35 -0.49 -8.47
C LEU C 18 -1.71 -1.27 -9.56
N GLY C 19 -2.56 -1.78 -10.45
CA GLY C 19 -2.08 -2.58 -11.55
C GLY C 19 -1.16 -3.68 -11.12
N ILE C 20 -1.61 -4.49 -10.15
CA ILE C 20 -0.82 -5.63 -9.64
C ILE C 20 -1.39 -6.89 -10.23
N ASN C 21 -0.49 -7.71 -10.80
CA ASN C 21 -0.87 -8.94 -11.45
C ASN C 21 -1.53 -9.78 -10.40
N PRO C 22 -2.78 -10.15 -10.62
CA PRO C 22 -3.54 -10.96 -9.66
C PRO C 22 -3.01 -12.40 -9.51
N ALA C 23 -1.98 -12.73 -10.27
CA ALA C 23 -1.41 -14.05 -10.17
C ALA C 23 -0.46 -13.91 -9.00
N ASN C 24 -0.12 -12.69 -8.64
CA ASN C 24 0.80 -12.46 -7.54
C ASN C 24 0.14 -12.15 -6.23
N ILE C 25 -1.17 -12.23 -6.15
CA ILE C 25 -1.84 -11.89 -4.92
C ILE C 25 -2.11 -13.18 -4.22
N GLY C 26 -1.06 -13.73 -3.64
CA GLY C 26 -1.17 -14.99 -2.93
C GLY C 26 -0.18 -15.11 -1.80
N PHE C 27 -0.43 -16.17 -1.02
CA PHE C 27 0.35 -16.58 0.15
C PHE C 27 1.85 -16.48 -0.04
N SER C 28 2.32 -17.02 -1.17
CA SER C 28 3.73 -17.02 -1.47
C SER C 28 4.30 -15.83 -2.16
N THR C 29 3.46 -14.97 -2.69
CA THR C 29 3.98 -13.78 -3.35
C THR C 29 3.56 -12.51 -2.62
N LEU C 30 2.57 -12.59 -1.74
CA LEU C 30 2.11 -11.39 -1.02
C LEU C 30 2.20 -11.58 0.49
N THR C 31 2.78 -10.60 1.19
CA THR C 31 2.91 -10.67 2.64
C THR C 31 2.51 -9.38 3.32
N MET C 32 1.92 -9.53 4.48
CA MET C 32 1.44 -8.43 5.27
C MET C 32 1.83 -8.71 6.74
N GLU C 33 3.03 -8.25 7.11
CA GLU C 33 3.59 -8.46 8.45
C GLU C 33 2.99 -7.57 9.48
N SER C 34 2.33 -6.50 9.02
CA SER C 34 1.62 -5.52 9.88
C SER C 34 0.70 -4.73 8.98
N ASP C 35 -0.10 -3.85 9.55
CA ASP C 35 -1.00 -3.04 8.73
C ASP C 35 -0.26 -1.87 8.10
N LYS C 36 1.04 -1.83 8.22
CA LYS C 36 1.84 -0.74 7.70
C LYS C 36 2.27 -0.89 6.26
N PHE C 37 2.54 -2.10 5.77
CA PHE C 37 3.03 -2.22 4.38
C PHE C 37 2.46 -3.51 3.86
N ILE C 38 2.58 -3.74 2.56
CA ILE C 38 2.13 -4.97 1.89
C ILE C 38 3.24 -5.05 0.92
N CYS C 39 3.71 -6.25 0.68
CA CYS C 39 4.87 -6.42 -0.21
C CYS C 39 4.59 -7.59 -1.12
N ILE C 40 4.67 -7.31 -2.42
CA ILE C 40 4.39 -8.26 -3.50
C ILE C 40 5.66 -8.48 -4.30
N ARG C 41 5.89 -9.72 -4.67
CA ARG C 41 7.04 -10.11 -5.47
C ARG C 41 6.40 -10.40 -6.80
N GLU C 42 6.80 -9.66 -7.82
CA GLU C 42 6.31 -9.75 -9.20
C GLU C 42 7.44 -9.89 -10.21
N LYS C 43 7.16 -10.58 -11.32
CA LYS C 43 8.15 -10.76 -12.38
C LYS C 43 7.69 -9.91 -13.50
N VAL C 44 7.94 -8.60 -13.48
CA VAL C 44 7.44 -7.77 -14.58
C VAL C 44 8.29 -8.05 -15.80
N GLY C 45 7.65 -8.70 -16.76
CA GLY C 45 8.33 -9.09 -17.97
C GLY C 45 9.15 -10.34 -17.67
N GLU C 46 10.47 -10.20 -17.78
CA GLU C 46 11.36 -11.29 -17.49
C GLU C 46 12.10 -10.90 -16.22
N GLN C 47 11.81 -9.70 -15.73
CA GLN C 47 12.45 -9.17 -14.53
C GLN C 47 11.64 -9.34 -13.26
N ALA C 48 12.37 -9.56 -12.18
CA ALA C 48 11.75 -9.74 -10.90
C ALA C 48 11.88 -8.52 -10.05
N GLN C 49 10.77 -8.13 -9.46
CA GLN C 49 10.78 -6.99 -8.57
C GLN C 49 9.97 -7.21 -7.35
N VAL C 50 10.03 -6.24 -6.44
CA VAL C 50 9.32 -6.27 -5.19
C VAL C 50 8.54 -4.97 -5.21
N VAL C 51 7.24 -5.07 -4.95
CA VAL C 51 6.45 -3.87 -4.87
C VAL C 51 6.12 -3.73 -3.40
N ILE C 52 6.44 -2.59 -2.84
CA ILE C 52 6.16 -2.32 -1.44
C ILE C 52 5.09 -1.21 -1.33
N ILE C 53 3.94 -1.60 -0.78
CA ILE C 53 2.86 -0.68 -0.61
C ILE C 53 2.79 -0.20 0.85
N ASP C 54 3.01 1.09 1.00
CA ASP C 54 2.99 1.73 2.28
C ASP C 54 1.56 2.11 2.58
N MET C 55 0.90 1.41 3.47
CA MET C 55 -0.46 1.72 3.73
C MET C 55 -0.68 3.13 4.21
N ASN C 56 0.35 3.94 4.21
CA ASN C 56 0.01 5.28 4.62
C ASN C 56 0.06 6.24 3.46
N ASP C 57 -0.10 5.68 2.26
CA ASP C 57 -0.08 6.38 0.99
C ASP C 57 -0.01 5.24 0.01
N PRO C 58 -1.02 4.39 0.04
CA PRO C 58 -1.10 3.21 -0.83
C PRO C 58 -1.11 3.52 -2.29
N SER C 59 -1.48 4.73 -2.58
CA SER C 59 -1.61 5.18 -3.93
C SER C 59 -0.25 5.16 -4.59
N ASN C 60 0.79 5.03 -3.80
CA ASN C 60 2.11 5.08 -4.42
C ASN C 60 3.13 4.00 -4.03
N PRO C 61 3.00 2.80 -4.61
CA PRO C 61 3.92 1.70 -4.32
C PRO C 61 5.39 2.09 -4.51
N ILE C 62 6.32 1.24 -4.01
CA ILE C 62 7.76 1.43 -4.16
C ILE C 62 8.12 0.16 -4.89
N ARG C 63 8.78 0.26 -6.02
CA ARG C 63 9.15 -0.93 -6.78
C ARG C 63 10.67 -1.07 -6.85
N ARG C 64 11.21 -2.29 -6.76
CA ARG C 64 12.66 -2.48 -6.82
C ARG C 64 12.88 -3.83 -7.44
N PRO C 65 13.91 -3.96 -8.28
CA PRO C 65 14.20 -5.25 -8.92
C PRO C 65 14.86 -5.93 -7.78
N ILE C 66 14.42 -7.14 -7.46
CA ILE C 66 14.95 -7.82 -6.32
C ILE C 66 14.55 -9.23 -6.48
N SER C 67 15.52 -10.09 -6.80
CA SER C 67 15.22 -11.52 -6.93
C SER C 67 15.31 -12.03 -5.48
N ALA C 68 14.27 -12.71 -5.04
CA ALA C 68 14.24 -13.23 -3.70
C ALA C 68 13.20 -14.31 -3.67
N ASP C 69 13.49 -15.37 -2.92
CA ASP C 69 12.57 -16.49 -2.81
C ASP C 69 11.45 -15.92 -2.00
N SER C 70 11.77 -14.94 -1.15
CA SER C 70 10.78 -14.38 -0.29
C SER C 70 11.15 -13.03 0.24
N ALA C 71 10.17 -12.23 0.65
CA ALA C 71 10.41 -10.87 1.15
C ALA C 71 9.35 -10.50 2.16
N ILE C 72 9.76 -9.98 3.30
CA ILE C 72 8.82 -9.60 4.32
C ILE C 72 9.35 -8.32 4.91
N MET C 73 8.51 -7.32 4.97
CA MET C 73 8.89 -6.02 5.49
C MET C 73 8.83 -5.95 7.00
N ASN C 74 9.56 -4.99 7.58
CA ASN C 74 9.52 -4.82 9.02
C ASN C 74 8.10 -4.42 9.49
N PRO C 75 7.68 -4.81 10.70
CA PRO C 75 6.34 -4.38 11.08
C PRO C 75 6.24 -2.87 11.14
N ALA C 76 7.36 -2.18 11.23
CA ALA C 76 7.27 -0.76 11.41
C ALA C 76 8.20 0.14 10.67
N SER C 77 9.34 -0.36 10.26
CA SER C 77 10.27 0.50 9.58
C SER C 77 10.48 0.06 8.19
N LYS C 78 11.10 0.91 7.38
CA LYS C 78 11.35 0.55 5.98
C LYS C 78 12.59 -0.32 5.85
N VAL C 79 12.55 -1.46 6.53
CA VAL C 79 13.62 -2.44 6.55
C VAL C 79 12.89 -3.67 6.00
N ILE C 80 13.51 -4.34 5.03
CA ILE C 80 12.94 -5.53 4.41
C ILE C 80 13.84 -6.76 4.55
N ALA C 81 13.28 -7.93 4.80
CA ALA C 81 14.12 -9.09 4.93
C ALA C 81 14.00 -9.97 3.67
N LEU C 82 15.03 -10.02 2.87
CA LEU C 82 14.95 -10.84 1.68
C LEU C 82 15.64 -12.19 1.87
N LYS C 83 15.13 -13.22 1.23
CA LYS C 83 15.70 -14.54 1.33
C LYS C 83 16.01 -15.12 -0.03
N ALA C 84 17.28 -15.36 -0.29
CA ALA C 84 17.71 -15.97 -1.54
C ALA C 84 18.10 -17.40 -1.23
N GLY C 85 17.15 -18.33 -1.30
CA GLY C 85 17.44 -19.72 -1.03
C GLY C 85 17.84 -20.05 0.41
N LYS C 86 19.05 -19.69 0.79
CA LYS C 86 19.52 -20.00 2.14
C LYS C 86 20.23 -18.83 2.73
N THR C 87 20.42 -17.82 1.91
CA THR C 87 21.07 -16.60 2.36
C THR C 87 20.04 -15.56 2.74
N LEU C 88 19.88 -15.32 4.04
CA LEU C 88 18.96 -14.33 4.54
C LEU C 88 19.66 -12.99 4.49
N GLN C 89 18.92 -11.93 4.19
CA GLN C 89 19.43 -10.58 4.10
C GLN C 89 18.38 -9.63 4.69
N ILE C 90 18.85 -8.63 5.42
CA ILE C 90 18.00 -7.62 6.05
C ILE C 90 18.54 -6.30 5.55
N PHE C 91 17.84 -5.75 4.56
CA PHE C 91 18.18 -4.52 3.86
C PHE C 91 17.35 -3.31 4.27
N ASN C 92 17.95 -2.14 4.16
CA ASN C 92 17.26 -0.90 4.53
C ASN C 92 16.80 -0.21 3.27
N ILE C 93 15.55 -0.48 2.92
CA ILE C 93 14.82 0.01 1.75
C ILE C 93 14.96 1.53 1.71
N GLU C 94 14.68 2.11 2.88
CA GLU C 94 14.76 3.54 3.18
C GLU C 94 16.01 4.17 2.58
N MET C 95 17.18 3.81 3.10
CA MET C 95 18.43 4.34 2.61
C MET C 95 19.28 3.32 1.86
N LYS C 96 18.61 2.44 1.14
CA LYS C 96 19.26 1.40 0.35
C LYS C 96 20.55 0.73 0.84
N SER C 97 20.77 0.70 2.15
CA SER C 97 21.98 0.07 2.68
C SER C 97 21.66 -1.34 3.11
N LYS C 98 22.65 -2.23 3.09
CA LYS C 98 22.44 -3.61 3.52
C LYS C 98 22.76 -3.81 5.00
N MET C 99 21.73 -3.96 5.81
CA MET C 99 21.90 -4.11 7.23
C MET C 99 22.52 -5.37 7.76
N LYS C 100 22.32 -6.52 7.14
CA LYS C 100 22.81 -7.70 7.81
C LYS C 100 22.38 -8.95 7.08
N ALA C 101 23.23 -9.98 7.02
CA ALA C 101 22.87 -11.19 6.30
C ALA C 101 23.34 -12.42 7.06
N HIS C 102 23.07 -13.62 6.50
CA HIS C 102 23.41 -14.86 7.15
C HIS C 102 22.97 -16.08 6.38
N THR C 103 23.90 -16.87 5.89
CA THR C 103 23.50 -18.05 5.18
C THR C 103 23.07 -19.10 6.18
N MET C 104 21.83 -19.52 6.12
CA MET C 104 21.42 -20.53 7.05
C MET C 104 22.06 -21.84 6.58
N THR C 105 22.08 -22.83 7.45
CA THR C 105 22.68 -24.14 7.14
C THR C 105 21.61 -24.95 6.40
N ASP C 106 20.38 -24.83 6.85
CA ASP C 106 19.28 -25.53 6.22
C ASP C 106 18.40 -24.42 5.73
N ASP C 107 17.47 -24.74 4.81
CA ASP C 107 16.60 -23.72 4.25
C ASP C 107 15.48 -23.24 5.15
N VAL C 108 15.31 -21.92 5.26
CA VAL C 108 14.25 -21.43 6.11
C VAL C 108 12.96 -21.77 5.39
N THR C 109 12.15 -22.55 6.05
CA THR C 109 10.93 -22.98 5.44
C THR C 109 9.66 -22.12 5.64
N PHE C 110 9.79 -21.03 6.41
CA PHE C 110 8.73 -20.10 6.73
C PHE C 110 9.42 -19.11 7.63
N TRP C 111 9.10 -17.83 7.56
CA TRP C 111 9.73 -16.88 8.45
C TRP C 111 8.77 -15.72 8.67
N LYS C 112 9.10 -14.75 9.51
CA LYS C 112 8.13 -13.72 9.74
C LYS C 112 8.54 -12.85 10.90
N TRP C 113 8.44 -11.55 10.74
CA TRP C 113 8.78 -10.63 11.80
C TRP C 113 7.87 -10.85 12.98
N ILE C 114 8.43 -11.04 14.17
CA ILE C 114 7.61 -11.27 15.36
C ILE C 114 7.74 -10.04 16.21
N SER C 115 8.45 -9.07 15.67
CA SER C 115 8.53 -7.82 16.39
C SER C 115 9.27 -6.78 15.61
N LEU C 116 9.29 -5.58 16.19
CA LEU C 116 9.93 -4.43 15.59
C LEU C 116 11.33 -4.71 15.12
N ASN C 117 11.99 -5.74 15.66
CA ASN C 117 13.34 -5.99 15.15
C ASN C 117 13.86 -7.40 15.19
N THR C 118 12.97 -8.39 15.22
CA THR C 118 13.37 -9.79 15.26
C THR C 118 12.56 -10.57 14.24
N VAL C 119 13.27 -11.36 13.44
CA VAL C 119 12.67 -12.25 12.44
C VAL C 119 12.63 -13.68 13.07
N ALA C 120 11.66 -14.51 12.71
CA ALA C 120 11.56 -15.85 13.24
C ALA C 120 11.84 -16.73 12.03
N LEU C 121 12.84 -17.61 12.08
CA LEU C 121 13.15 -18.49 10.92
C LEU C 121 12.68 -19.89 11.29
N VAL C 122 11.89 -20.51 10.44
CA VAL C 122 11.41 -21.81 10.72
C VAL C 122 12.05 -22.70 9.74
N THR C 123 12.82 -23.61 10.31
CA THR C 123 13.60 -24.61 9.60
C THR C 123 12.79 -25.91 9.63
N ASP C 124 13.21 -26.82 8.79
CA ASP C 124 12.55 -28.09 8.73
C ASP C 124 12.59 -28.80 10.10
N ASN C 125 13.53 -28.42 10.95
CA ASN C 125 13.73 -29.01 12.27
C ASN C 125 13.67 -28.03 13.44
N ALA C 126 13.92 -26.74 13.20
CA ALA C 126 13.86 -25.79 14.31
C ALA C 126 13.49 -24.36 13.97
N VAL C 127 13.00 -23.68 15.00
CA VAL C 127 12.65 -22.29 14.95
C VAL C 127 13.76 -21.48 15.64
N TYR C 128 14.25 -20.42 14.97
CA TYR C 128 15.29 -19.52 15.51
C TYR C 128 14.70 -18.11 15.56
N HIS C 129 15.35 -17.19 16.22
CA HIS C 129 14.88 -15.80 16.22
C HIS C 129 16.14 -15.02 15.87
N TRP C 130 16.07 -14.16 14.83
CA TRP C 130 17.20 -13.35 14.39
C TRP C 130 16.93 -11.88 14.67
N SER C 131 17.76 -11.21 15.43
CA SER C 131 17.53 -9.79 15.66
C SER C 131 18.20 -9.04 14.53
N MET C 132 17.49 -8.03 14.02
CA MET C 132 18.04 -7.19 12.95
C MET C 132 19.07 -6.24 13.59
N GLU C 133 19.30 -6.37 14.89
CA GLU C 133 20.27 -5.54 15.56
C GLU C 133 21.66 -6.18 15.65
N GLY C 134 22.68 -5.37 15.45
CA GLY C 134 24.06 -5.84 15.58
C GLY C 134 24.67 -6.93 14.73
N GLU C 135 25.76 -7.51 15.26
CA GLU C 135 26.50 -8.58 14.57
C GLU C 135 25.96 -9.94 14.92
N SER C 136 25.06 -9.98 15.88
CA SER C 136 24.41 -11.22 16.30
C SER C 136 24.03 -12.17 15.18
N GLN C 137 23.77 -13.42 15.53
CA GLN C 137 23.34 -14.40 14.52
C GLN C 137 22.04 -15.06 14.97
N PRO C 138 21.43 -15.88 14.09
CA PRO C 138 20.16 -16.54 14.43
C PRO C 138 20.30 -17.39 15.66
N VAL C 139 19.35 -17.33 16.59
CA VAL C 139 19.43 -18.09 17.84
C VAL C 139 18.33 -19.12 18.08
N LYS C 140 18.61 -20.41 17.86
CA LYS C 140 17.60 -21.46 18.06
C LYS C 140 16.82 -21.31 19.35
N MET C 141 15.50 -21.40 19.27
CA MET C 141 14.66 -21.22 20.43
C MET C 141 14.08 -22.54 20.86
N PHE C 142 13.86 -23.40 19.86
CA PHE C 142 13.35 -24.72 20.09
C PHE C 142 13.40 -25.57 18.86
N ASP C 143 13.07 -26.85 19.02
CA ASP C 143 13.15 -27.81 17.94
C ASP C 143 11.75 -28.20 17.63
N ARG C 144 11.48 -28.27 16.35
CA ARG C 144 10.13 -28.59 15.93
C ARG C 144 9.67 -29.87 16.56
N HIS C 145 8.48 -29.85 17.11
CA HIS C 145 7.91 -31.06 17.68
C HIS C 145 7.54 -31.99 16.51
N SER C 146 7.38 -33.27 16.77
CA SER C 146 7.14 -34.22 15.68
C SER C 146 5.73 -34.29 15.09
N SER C 147 4.77 -33.76 15.82
CA SER C 147 3.40 -33.77 15.37
C SER C 147 3.24 -32.91 14.12
N LEU C 148 4.20 -32.03 13.92
CA LEU C 148 4.26 -31.12 12.82
C LEU C 148 5.20 -31.60 11.71
N ALA C 149 5.51 -32.89 11.67
CA ALA C 149 6.42 -33.35 10.64
C ALA C 149 5.67 -33.41 9.33
N GLY C 150 6.28 -32.86 8.27
CA GLY C 150 5.62 -32.87 6.95
C GLY C 150 4.41 -31.95 6.84
N CYS C 151 4.29 -30.97 7.73
CA CYS C 151 3.20 -30.03 7.73
C CYS C 151 3.56 -28.80 6.94
N GLN C 152 2.56 -28.20 6.33
CA GLN C 152 2.73 -26.96 5.54
C GLN C 152 2.71 -25.90 6.68
N ILE C 153 3.83 -25.23 6.90
CA ILE C 153 3.84 -24.30 7.99
C ILE C 153 3.11 -23.04 7.55
N ILE C 154 2.05 -22.65 8.28
CA ILE C 154 1.27 -21.46 7.89
C ILE C 154 1.41 -20.27 8.80
N ASN C 155 1.81 -20.47 10.05
CA ASN C 155 2.04 -19.32 10.94
C ASN C 155 2.94 -19.57 12.15
N TYR C 156 3.48 -18.49 12.72
CA TYR C 156 4.31 -18.53 13.92
C TYR C 156 4.00 -17.28 14.75
N ARG C 157 3.61 -17.47 16.00
CA ARG C 157 3.26 -16.39 16.87
C ARG C 157 3.95 -16.52 18.20
N THR C 158 3.92 -15.42 18.94
CA THR C 158 4.63 -15.24 20.20
C THR C 158 3.73 -14.51 21.14
N ASP C 159 4.02 -14.50 22.43
CA ASP C 159 3.15 -13.74 23.33
C ASP C 159 3.90 -12.41 23.43
N ALA C 160 3.32 -11.40 24.03
CA ALA C 160 4.08 -10.15 24.06
C ALA C 160 5.48 -10.31 24.60
N LYS C 161 5.64 -11.08 25.67
CA LYS C 161 6.94 -11.24 26.25
C LYS C 161 7.80 -12.29 25.57
N GLN C 162 7.36 -12.82 24.44
CA GLN C 162 8.13 -13.84 23.75
C GLN C 162 8.58 -14.92 24.70
N LYS C 163 7.73 -15.28 25.64
CA LYS C 163 8.09 -16.34 26.55
C LYS C 163 7.35 -17.61 26.16
N TRP C 164 6.32 -17.45 25.34
CA TRP C 164 5.52 -18.55 24.81
C TRP C 164 5.54 -18.36 23.28
N LEU C 165 5.88 -19.40 22.53
CA LEU C 165 5.95 -19.37 21.09
C LEU C 165 5.03 -20.46 20.54
N LEU C 166 4.36 -20.18 19.42
CA LEU C 166 3.39 -21.11 18.81
C LEU C 166 3.64 -21.35 17.34
N LEU C 167 3.75 -22.59 16.91
CA LEU C 167 4.03 -22.83 15.50
C LEU C 167 2.84 -23.62 14.91
N THR C 168 2.36 -23.24 13.72
CA THR C 168 1.22 -23.89 13.12
C THR C 168 1.49 -24.33 11.75
N GLY C 169 0.96 -25.52 11.46
CA GLY C 169 1.12 -26.15 10.18
C GLY C 169 -0.16 -26.93 9.96
N ILE C 170 -0.45 -27.22 8.69
CA ILE C 170 -1.65 -27.90 8.34
C ILE C 170 -1.26 -29.02 7.39
N SER C 171 -2.12 -30.04 7.34
CA SER C 171 -1.91 -31.25 6.55
C SER C 171 -3.18 -31.74 5.92
N ALA C 172 -3.06 -32.17 4.67
CA ALA C 172 -4.15 -32.72 3.88
C ALA C 172 -4.17 -34.11 4.37
N GLN C 173 -5.05 -34.39 5.33
CA GLN C 173 -5.14 -35.71 5.92
C GLN C 173 -5.50 -36.77 4.91
N GLN C 174 -6.79 -37.11 4.95
CA GLN C 174 -7.36 -38.07 4.03
C GLN C 174 -7.98 -37.08 3.04
N ASN C 175 -9.04 -36.41 3.51
CA ASN C 175 -9.72 -35.42 2.71
C ASN C 175 -10.10 -34.20 3.55
N ARG C 176 -9.37 -34.02 4.65
CA ARG C 176 -9.57 -32.91 5.60
C ARG C 176 -8.28 -32.08 5.72
N VAL C 177 -8.39 -30.83 6.16
CA VAL C 177 -7.16 -30.09 6.41
C VAL C 177 -7.08 -30.01 7.94
N VAL C 178 -6.07 -30.69 8.44
CA VAL C 178 -5.81 -30.82 9.85
C VAL C 178 -4.69 -29.84 10.26
N GLY C 179 -4.94 -29.07 11.30
CA GLY C 179 -3.95 -28.12 11.75
C GLY C 179 -3.19 -28.67 12.94
N ALA C 180 -1.88 -28.40 12.96
CA ALA C 180 -1.02 -28.89 14.00
C ALA C 180 -0.25 -27.78 14.66
N MET C 181 -0.51 -27.50 15.92
CA MET C 181 0.24 -26.43 16.58
C MET C 181 1.22 -26.97 17.65
N GLN C 182 2.33 -26.28 17.81
CA GLN C 182 3.34 -26.61 18.78
C GLN C 182 3.52 -25.41 19.68
N LEU C 183 2.99 -25.49 20.89
CA LEU C 183 3.09 -24.43 21.91
C LEU C 183 4.31 -24.62 22.85
N TYR C 184 5.43 -23.96 22.54
CA TYR C 184 6.66 -24.07 23.30
C TYR C 184 6.83 -23.05 24.44
N SER C 185 7.16 -23.52 25.63
CA SER C 185 7.40 -22.61 26.71
C SER C 185 8.88 -22.38 26.78
N VAL C 186 9.23 -21.10 26.81
CA VAL C 186 10.61 -20.63 26.83
C VAL C 186 11.22 -20.80 28.20
N ASP C 187 10.56 -20.19 29.18
CA ASP C 187 11.02 -20.28 30.54
C ASP C 187 11.04 -21.74 31.08
N ARG C 188 9.92 -22.46 30.92
CA ARG C 188 9.86 -23.79 31.37
C ARG C 188 10.32 -24.80 30.31
N LYS C 189 11.20 -24.40 29.41
CA LYS C 189 11.75 -25.24 28.33
C LYS C 189 11.03 -26.51 27.86
N VAL C 190 9.72 -26.52 28.05
CA VAL C 190 8.81 -27.62 27.69
C VAL C 190 8.01 -27.24 26.40
N SER C 191 7.46 -28.21 25.70
CA SER C 191 6.70 -27.87 24.50
C SER C 191 5.59 -28.90 24.28
N GLN C 192 4.40 -28.44 23.97
CA GLN C 192 3.30 -29.35 23.77
C GLN C 192 2.50 -29.17 22.52
N PRO C 193 2.00 -30.26 21.96
CA PRO C 193 1.18 -30.30 20.75
C PRO C 193 -0.29 -30.05 21.01
N ILE C 194 -0.89 -29.24 20.14
CA ILE C 194 -2.31 -28.89 20.19
C ILE C 194 -2.83 -28.92 18.79
N GLU C 195 -4.06 -29.39 18.62
CA GLU C 195 -4.70 -29.46 17.27
C GLU C 195 -5.36 -28.10 17.19
N GLY C 196 -4.90 -27.29 16.25
CA GLY C 196 -5.45 -25.96 16.19
C GLY C 196 -5.31 -25.45 14.81
N HIS C 197 -6.26 -24.58 14.44
CA HIS C 197 -6.26 -24.04 13.09
C HIS C 197 -5.73 -22.64 13.06
N ALA C 198 -6.13 -21.87 14.08
CA ALA C 198 -5.77 -20.44 14.17
C ALA C 198 -5.74 -20.09 15.63
N ALA C 199 -4.87 -19.16 15.99
CA ALA C 199 -4.74 -18.73 17.38
C ALA C 199 -4.03 -17.39 17.50
N SER C 200 -3.97 -16.88 18.73
CA SER C 200 -3.35 -15.62 18.99
C SER C 200 -3.23 -15.53 20.52
N PHE C 201 -2.28 -14.77 21.02
CA PHE C 201 -2.11 -14.57 22.47
C PHE C 201 -2.72 -13.22 22.80
N ALA C 202 -3.01 -12.93 24.06
CA ALA C 202 -3.56 -11.62 24.41
C ALA C 202 -3.25 -11.30 25.89
N GLN C 203 -2.96 -10.03 26.21
CA GLN C 203 -2.70 -9.63 27.59
C GLN C 203 -4.06 -9.24 28.07
N PHE C 204 -4.43 -9.65 29.26
CA PHE C 204 -5.76 -9.32 29.70
C PHE C 204 -5.74 -9.17 31.21
N LYS C 205 -6.01 -7.99 31.73
CA LYS C 205 -6.02 -7.77 33.17
C LYS C 205 -7.42 -8.06 33.68
N MET C 206 -7.61 -9.22 34.32
CA MET C 206 -8.93 -9.62 34.81
C MET C 206 -9.51 -8.67 35.82
N GLU C 207 -10.83 -8.77 35.99
CA GLU C 207 -11.54 -7.92 36.93
C GLU C 207 -11.04 -8.27 38.31
N GLY C 208 -10.44 -7.29 38.97
CA GLY C 208 -9.95 -7.54 40.30
C GLY C 208 -8.52 -8.01 40.47
N ASN C 209 -7.71 -8.01 39.41
CA ASN C 209 -6.31 -8.41 39.54
C ASN C 209 -5.48 -7.20 39.20
N ALA C 210 -4.21 -7.20 39.56
CA ALA C 210 -3.42 -6.02 39.26
C ALA C 210 -2.45 -6.22 38.15
N GLU C 211 -2.44 -7.44 37.64
CA GLU C 211 -1.54 -7.76 36.56
C GLU C 211 -2.31 -8.31 35.39
N GLU C 212 -1.74 -8.18 34.19
CA GLU C 212 -2.46 -8.72 33.04
C GLU C 212 -2.13 -10.18 32.99
N SER C 213 -3.10 -10.97 32.57
CA SER C 213 -2.88 -12.37 32.41
C SER C 213 -2.38 -12.43 30.98
N THR C 214 -1.78 -13.55 30.62
CA THR C 214 -1.32 -13.77 29.27
C THR C 214 -2.21 -14.91 28.80
N LEU C 215 -3.07 -14.63 27.84
CA LEU C 215 -3.95 -15.64 27.38
C LEU C 215 -3.47 -16.14 26.06
N PHE C 216 -3.97 -17.31 25.68
CA PHE C 216 -3.63 -17.96 24.44
C PHE C 216 -4.98 -18.48 24.02
N CYS C 217 -5.41 -18.02 22.86
CA CYS C 217 -6.70 -18.39 22.31
C CYS C 217 -6.44 -19.11 20.99
N PHE C 218 -7.21 -20.16 20.74
CA PHE C 218 -6.97 -20.87 19.52
C PHE C 218 -8.29 -21.51 19.14
N ALA C 219 -8.40 -21.77 17.83
CA ALA C 219 -9.62 -22.31 17.24
C ALA C 219 -9.28 -23.37 16.26
N VAL C 220 -10.23 -24.28 16.15
CA VAL C 220 -10.04 -25.46 15.36
C VAL C 220 -11.39 -26.05 15.04
N ARG C 221 -11.39 -26.82 13.98
CA ARG C 221 -12.56 -27.56 13.60
C ARG C 221 -12.07 -29.00 13.82
N GLY C 222 -12.25 -29.50 15.06
CA GLY C 222 -11.84 -30.85 15.41
C GLY C 222 -12.89 -31.89 14.99
N GLN C 223 -12.57 -33.18 15.05
CA GLN C 223 -13.57 -34.20 14.68
C GLN C 223 -14.74 -33.96 15.65
N ALA C 224 -14.48 -33.11 16.64
CA ALA C 224 -15.46 -32.75 17.64
C ALA C 224 -16.06 -31.46 17.17
N GLY C 225 -15.75 -31.13 15.91
CA GLY C 225 -16.24 -29.92 15.30
C GLY C 225 -15.42 -28.73 15.71
N GLY C 226 -15.90 -27.54 15.40
CA GLY C 226 -15.15 -26.34 15.69
C GLY C 226 -15.31 -25.88 17.12
N LYS C 227 -14.20 -25.47 17.70
CA LYS C 227 -14.23 -24.99 19.06
C LYS C 227 -13.21 -23.92 19.18
N LEU C 228 -13.42 -23.04 20.14
CA LEU C 228 -12.52 -21.95 20.40
C LEU C 228 -12.17 -22.09 21.88
N HIS C 229 -10.87 -21.99 22.16
CA HIS C 229 -10.39 -22.12 23.51
C HIS C 229 -9.62 -20.90 23.93
N ILE C 230 -9.92 -20.42 25.11
CA ILE C 230 -9.19 -19.29 25.68
C ILE C 230 -8.59 -19.79 27.03
N ILE C 231 -7.28 -19.94 27.10
CA ILE C 231 -6.68 -20.35 28.36
C ILE C 231 -5.48 -19.50 28.77
N GLU C 232 -5.29 -19.33 30.09
CA GLU C 232 -4.14 -18.57 30.62
C GLU C 232 -2.90 -19.39 30.36
N VAL C 233 -1.77 -18.76 30.15
CA VAL C 233 -0.61 -19.52 29.83
C VAL C 233 0.50 -19.14 30.80
N GLY C 234 0.98 -20.13 31.55
CA GLY C 234 2.01 -19.90 32.55
C GLY C 234 1.49 -19.69 33.98
N THR C 235 2.32 -19.10 34.82
CA THR C 235 1.91 -18.88 36.19
C THR C 235 1.48 -17.46 36.40
N PRO C 236 0.25 -17.29 36.90
CA PRO C 236 -0.36 -15.99 37.17
C PRO C 236 0.57 -15.06 37.90
N PRO C 237 0.53 -13.77 37.58
CA PRO C 237 1.43 -12.91 38.35
C PRO C 237 1.12 -13.20 39.85
N THR C 238 2.07 -12.94 40.74
CA THR C 238 1.77 -13.25 42.13
C THR C 238 0.68 -12.32 42.58
N GLY C 239 -0.34 -12.89 43.20
CA GLY C 239 -1.45 -12.11 43.71
C GLY C 239 -2.64 -12.01 42.76
N ASN C 240 -2.51 -12.68 41.62
CA ASN C 240 -3.55 -12.65 40.62
C ASN C 240 -4.41 -13.87 40.77
N GLN C 241 -5.72 -13.71 40.64
CA GLN C 241 -6.62 -14.85 40.69
C GLN C 241 -6.35 -15.44 39.31
N PRO C 242 -6.48 -16.75 39.16
CA PRO C 242 -6.22 -17.26 37.81
C PRO C 242 -7.41 -17.05 36.88
N PHE C 243 -7.15 -17.11 35.57
CA PHE C 243 -8.18 -16.89 34.56
C PHE C 243 -8.78 -18.24 34.19
N PRO C 244 -10.07 -18.43 34.46
CA PRO C 244 -10.74 -19.69 34.15
C PRO C 244 -10.66 -20.05 32.70
N LYS C 245 -9.95 -21.09 32.36
CA LYS C 245 -9.86 -21.50 30.96
C LYS C 245 -11.27 -21.55 30.42
N LYS C 246 -11.42 -21.20 29.13
CA LYS C 246 -12.72 -21.21 28.43
C LYS C 246 -12.75 -22.08 27.16
N ALA C 247 -13.95 -22.48 26.77
CA ALA C 247 -14.09 -23.26 25.54
C ALA C 247 -15.52 -23.07 25.05
N VAL C 248 -15.63 -22.67 23.79
CA VAL C 248 -16.88 -22.35 23.13
C VAL C 248 -16.82 -23.06 21.79
N ASP C 249 -17.94 -23.38 21.18
CA ASP C 249 -17.79 -23.97 19.86
C ASP C 249 -17.99 -22.86 18.84
N VAL C 250 -17.33 -23.03 17.69
CA VAL C 250 -17.45 -22.10 16.60
C VAL C 250 -18.30 -22.73 15.51
N PHE C 251 -19.44 -22.07 15.25
CA PHE C 251 -20.42 -22.50 14.27
C PHE C 251 -20.02 -22.49 12.81
N PHE C 252 -20.53 -23.44 12.05
CA PHE C 252 -20.24 -23.50 10.62
C PHE C 252 -21.58 -23.86 10.01
N PRO C 253 -22.05 -23.07 9.04
CA PRO C 253 -23.34 -23.49 8.53
C PRO C 253 -23.10 -24.57 7.53
N PRO C 254 -24.16 -25.28 7.20
CA PRO C 254 -24.18 -26.40 6.25
C PRO C 254 -23.58 -26.01 4.93
N GLU C 255 -23.89 -24.80 4.52
CA GLU C 255 -23.35 -24.32 3.27
C GLU C 255 -21.84 -24.27 3.39
N ALA C 256 -21.37 -23.94 4.60
CA ALA C 256 -19.96 -23.86 4.92
C ALA C 256 -19.51 -25.30 5.12
N GLN C 257 -19.59 -26.04 4.02
CA GLN C 257 -19.24 -27.46 3.97
C GLN C 257 -17.98 -27.77 4.76
N ASN C 258 -16.84 -27.60 4.11
CA ASN C 258 -15.59 -27.88 4.75
C ASN C 258 -14.81 -26.62 5.02
N ASP C 259 -15.41 -25.69 5.71
CA ASP C 259 -14.70 -24.47 6.05
C ASP C 259 -13.88 -24.82 7.30
N PHE C 260 -12.97 -23.96 7.71
CA PHE C 260 -12.22 -24.20 8.93
C PHE C 260 -11.49 -22.90 9.22
N PRO C 261 -11.17 -22.61 10.49
CA PRO C 261 -10.46 -21.39 10.89
C PRO C 261 -9.22 -21.18 10.10
N VAL C 262 -8.94 -19.92 9.82
CA VAL C 262 -7.75 -19.58 9.03
C VAL C 262 -6.93 -18.43 9.61
N ALA C 263 -7.57 -17.52 10.35
CA ALA C 263 -6.86 -16.40 10.92
C ALA C 263 -7.53 -15.88 12.16
N MET C 264 -6.76 -15.31 13.07
CA MET C 264 -7.30 -14.78 14.31
C MET C 264 -6.49 -13.61 14.71
N GLN C 265 -7.15 -12.62 15.31
CA GLN C 265 -6.48 -11.42 15.82
C GLN C 265 -7.40 -10.99 16.91
N ILE C 266 -6.82 -10.45 17.98
CA ILE C 266 -7.60 -10.03 19.11
C ILE C 266 -7.48 -8.53 19.32
N SER C 267 -8.57 -7.87 19.65
CA SER C 267 -8.49 -6.45 19.85
C SER C 267 -8.19 -6.26 21.32
N GLU C 268 -7.06 -5.66 21.62
CA GLU C 268 -6.75 -5.48 23.03
C GLU C 268 -7.60 -4.29 23.47
N LYS C 269 -7.90 -3.39 22.55
CA LYS C 269 -8.70 -2.26 22.92
C LYS C 269 -10.10 -2.69 23.34
N HIS C 270 -10.66 -3.74 22.76
CA HIS C 270 -12.03 -4.12 23.11
C HIS C 270 -12.21 -5.50 23.71
N ASP C 271 -11.12 -6.27 23.71
CA ASP C 271 -11.14 -7.64 24.26
C ASP C 271 -12.14 -8.49 23.52
N VAL C 272 -11.97 -8.48 22.21
CA VAL C 272 -12.83 -9.22 21.31
C VAL C 272 -11.88 -9.97 20.44
N VAL C 273 -12.24 -11.23 20.19
CA VAL C 273 -11.44 -12.14 19.35
C VAL C 273 -12.07 -12.12 17.96
N PHE C 274 -11.27 -11.86 16.92
CA PHE C 274 -11.77 -11.86 15.53
C PHE C 274 -11.29 -13.14 14.87
N LEU C 275 -12.24 -13.93 14.38
CA LEU C 275 -11.84 -15.16 13.72
C LEU C 275 -12.30 -15.17 12.25
N ILE C 276 -11.40 -15.52 11.32
CA ILE C 276 -11.75 -15.56 9.91
C ILE C 276 -11.59 -17.02 9.40
N THR C 277 -12.61 -17.52 8.70
CA THR C 277 -12.57 -18.88 8.21
C THR C 277 -12.06 -18.94 6.80
N LYS C 278 -11.75 -20.14 6.33
CA LYS C 278 -11.26 -20.35 4.97
C LYS C 278 -12.18 -19.81 3.86
N TYR C 279 -13.48 -19.87 4.08
CA TYR C 279 -14.48 -19.43 3.11
C TYR C 279 -14.94 -17.97 3.17
N GLY C 280 -14.21 -17.13 3.90
CA GLY C 280 -14.55 -15.73 3.99
C GLY C 280 -15.45 -15.33 5.13
N TYR C 281 -15.72 -16.20 6.11
CA TYR C 281 -16.58 -15.82 7.24
C TYR C 281 -15.81 -15.15 8.37
N ILE C 282 -16.49 -14.30 9.13
CA ILE C 282 -15.87 -13.61 10.25
C ILE C 282 -16.70 -13.79 11.53
N HIS C 283 -16.05 -14.07 12.67
CA HIS C 283 -16.80 -14.15 13.93
C HIS C 283 -16.09 -13.25 14.93
N LEU C 284 -16.86 -12.70 15.86
CA LEU C 284 -16.35 -11.88 16.93
C LEU C 284 -16.79 -12.63 18.19
N TYR C 285 -15.83 -12.89 19.08
CA TYR C 285 -16.07 -13.55 20.34
C TYR C 285 -15.55 -12.65 21.46
N ASP C 286 -16.21 -12.72 22.63
CA ASP C 286 -15.78 -11.94 23.78
C ASP C 286 -14.55 -12.63 24.32
N LEU C 287 -13.44 -11.94 24.45
CA LEU C 287 -12.22 -12.57 24.92
C LEU C 287 -12.26 -13.15 26.34
N GLU C 288 -12.98 -12.50 27.21
CA GLU C 288 -13.04 -12.93 28.59
C GLU C 288 -13.99 -14.07 28.84
N THR C 289 -15.03 -14.22 28.05
CA THR C 289 -15.96 -15.29 28.29
C THR C 289 -16.07 -16.24 27.13
N GLY C 290 -15.64 -15.82 25.96
CA GLY C 290 -15.72 -16.69 24.80
C GLY C 290 -17.11 -16.62 24.20
N THR C 291 -17.95 -15.72 24.72
CA THR C 291 -19.29 -15.57 24.16
C THR C 291 -19.19 -15.11 22.70
N CYS C 292 -20.02 -15.69 21.82
CA CYS C 292 -20.02 -15.29 20.41
C CYS C 292 -20.94 -14.10 20.21
N ILE C 293 -20.33 -13.00 19.81
CA ILE C 293 -20.99 -11.73 19.63
C ILE C 293 -21.59 -11.49 18.22
N TYR C 294 -20.88 -11.95 17.19
CA TYR C 294 -21.33 -11.68 15.84
C TYR C 294 -20.71 -12.62 14.85
N MET C 295 -21.45 -12.98 13.81
CA MET C 295 -20.93 -13.80 12.73
C MET C 295 -21.56 -13.29 11.43
N ASN C 296 -20.82 -13.41 10.33
CA ASN C 296 -21.30 -13.02 9.03
C ASN C 296 -20.28 -13.41 8.03
N ARG C 297 -20.59 -13.22 6.77
CA ARG C 297 -19.62 -13.55 5.75
C ARG C 297 -19.26 -12.27 5.02
N ILE C 298 -17.98 -11.95 4.98
CA ILE C 298 -17.54 -10.72 4.35
C ILE C 298 -16.83 -10.87 3.02
N SER C 299 -16.37 -12.08 2.74
CA SER C 299 -15.63 -12.39 1.53
C SER C 299 -16.01 -13.75 0.98
N GLY C 300 -15.94 -13.90 -0.32
CA GLY C 300 -16.30 -15.17 -0.92
C GLY C 300 -14.99 -15.82 -1.20
N GLU C 301 -14.03 -14.97 -1.53
CA GLU C 301 -12.67 -15.41 -1.79
C GLU C 301 -12.01 -15.50 -0.40
N THR C 302 -10.89 -16.21 -0.31
CA THR C 302 -10.19 -16.41 0.95
C THR C 302 -9.24 -15.25 1.29
N ILE C 303 -9.30 -14.84 2.55
CA ILE C 303 -8.46 -13.76 3.07
C ILE C 303 -7.23 -14.55 3.52
N PHE C 304 -6.25 -14.64 2.63
CA PHE C 304 -5.07 -15.41 2.93
C PHE C 304 -3.99 -14.75 3.80
N VAL C 305 -4.25 -13.58 4.35
CA VAL C 305 -3.23 -13.00 5.19
C VAL C 305 -3.89 -11.94 5.96
N THR C 306 -3.47 -11.70 7.19
CA THR C 306 -4.10 -10.66 8.01
C THR C 306 -3.15 -10.02 9.03
N ALA C 307 -3.65 -9.07 9.79
CA ALA C 307 -2.78 -8.50 10.78
C ALA C 307 -3.63 -7.69 11.64
N PRO C 308 -3.19 -7.36 12.85
CA PRO C 308 -4.14 -6.52 13.59
C PRO C 308 -4.15 -5.15 12.91
N HIS C 309 -5.29 -4.49 12.97
CA HIS C 309 -5.44 -3.17 12.39
C HIS C 309 -5.33 -2.24 13.54
N GLU C 310 -4.18 -1.58 13.71
CA GLU C 310 -4.04 -0.72 14.89
C GLU C 310 -5.02 0.44 14.98
N ALA C 311 -5.21 1.16 13.88
CA ALA C 311 -6.10 2.28 13.92
C ALA C 311 -7.43 1.94 14.50
N THR C 312 -8.01 0.83 14.10
CA THR C 312 -9.31 0.52 14.64
C THR C 312 -9.36 -0.51 15.71
N ALA C 313 -8.24 -1.19 15.94
CA ALA C 313 -8.19 -2.27 16.95
C ALA C 313 -9.03 -3.36 16.38
N GLY C 314 -8.75 -3.70 15.13
CA GLY C 314 -9.56 -4.71 14.46
C GLY C 314 -8.67 -5.57 13.66
N ILE C 315 -9.17 -6.11 12.56
CA ILE C 315 -8.36 -7.01 11.77
C ILE C 315 -8.37 -6.57 10.31
N ILE C 316 -7.22 -6.60 9.66
CA ILE C 316 -7.16 -6.21 8.26
C ILE C 316 -6.54 -7.36 7.49
N GLY C 317 -7.03 -7.68 6.30
CA GLY C 317 -6.46 -8.81 5.56
C GLY C 317 -6.54 -8.56 4.08
N VAL C 318 -6.03 -9.48 3.26
CA VAL C 318 -6.08 -9.36 1.82
C VAL C 318 -6.68 -10.64 1.28
N ASN C 319 -7.52 -10.56 0.26
CA ASN C 319 -8.09 -11.78 -0.29
C ASN C 319 -7.62 -12.03 -1.71
N ARG C 320 -8.13 -13.07 -2.34
CA ARG C 320 -7.67 -13.38 -3.69
C ARG C 320 -7.92 -12.35 -4.76
N LYS C 321 -8.97 -11.53 -4.62
CA LYS C 321 -9.29 -10.50 -5.62
C LYS C 321 -8.33 -9.35 -5.50
N GLY C 322 -7.73 -9.18 -4.34
CA GLY C 322 -6.77 -8.11 -4.14
C GLY C 322 -7.36 -7.07 -3.25
N GLN C 323 -8.48 -7.39 -2.62
CA GLN C 323 -9.12 -6.45 -1.73
C GLN C 323 -8.40 -6.46 -0.41
N VAL C 324 -8.06 -5.29 0.06
CA VAL C 324 -7.42 -5.15 1.38
C VAL C 324 -8.61 -4.70 2.26
N LEU C 325 -9.25 -5.67 2.92
CA LEU C 325 -10.43 -5.49 3.79
C LEU C 325 -10.02 -5.37 5.24
N SER C 326 -10.97 -4.89 6.04
CA SER C 326 -10.76 -4.75 7.44
C SER C 326 -12.12 -4.80 8.18
N VAL C 327 -12.14 -5.33 9.39
CA VAL C 327 -13.37 -5.44 10.20
C VAL C 327 -13.01 -5.01 11.61
N CYS C 328 -13.93 -4.35 12.28
CA CYS C 328 -13.64 -3.85 13.60
C CYS C 328 -14.95 -3.61 14.33
N VAL C 329 -14.87 -3.33 15.63
CA VAL C 329 -16.09 -3.08 16.44
C VAL C 329 -16.55 -1.63 16.17
N GLU C 330 -17.84 -1.42 16.00
CA GLU C 330 -18.29 -0.07 15.82
C GLU C 330 -18.57 0.29 17.28
N GLU C 331 -17.64 1.01 17.90
CA GLU C 331 -17.77 1.36 19.30
C GLU C 331 -19.03 2.01 19.70
N GLU C 332 -19.74 2.59 18.75
CA GLU C 332 -21.00 3.25 19.12
C GLU C 332 -22.23 2.34 18.97
N ASN C 333 -22.07 1.17 18.34
CA ASN C 333 -23.17 0.24 18.10
C ASN C 333 -23.15 -1.04 18.84
N ILE C 334 -21.97 -1.47 19.28
CA ILE C 334 -21.87 -2.78 19.96
C ILE C 334 -22.60 -3.00 21.28
N ILE C 335 -22.50 -2.07 22.22
CA ILE C 335 -23.22 -2.23 23.47
C ILE C 335 -24.73 -2.32 23.14
N PRO C 336 -25.25 -1.41 22.31
CA PRO C 336 -26.68 -1.50 21.97
C PRO C 336 -27.01 -2.82 21.28
N TYR C 337 -26.10 -3.27 20.42
CA TYR C 337 -26.32 -4.52 19.70
C TYR C 337 -26.39 -5.71 20.64
N ILE C 338 -25.49 -5.78 21.62
CA ILE C 338 -25.49 -6.88 22.58
C ILE C 338 -26.75 -6.83 23.49
N THR C 339 -27.03 -5.66 24.07
CA THR C 339 -28.19 -5.57 24.92
C THR C 339 -29.46 -5.81 24.16
N ASN C 340 -29.55 -5.24 22.99
CA ASN C 340 -30.78 -5.36 22.27
C ASN C 340 -30.89 -6.42 21.25
N VAL C 341 -29.90 -6.65 20.41
CA VAL C 341 -30.06 -7.67 19.37
C VAL C 341 -29.70 -9.00 19.92
N LEU C 342 -28.63 -8.99 20.68
CA LEU C 342 -28.09 -10.18 21.30
C LEU C 342 -28.85 -10.49 22.58
N GLN C 343 -29.54 -9.49 23.13
CA GLN C 343 -30.28 -9.72 24.37
C GLN C 343 -29.24 -10.30 25.35
N ASN C 344 -28.53 -9.42 26.05
CA ASN C 344 -27.46 -9.86 26.94
C ASN C 344 -26.78 -8.64 27.61
N PRO C 345 -27.52 -7.92 28.47
CA PRO C 345 -27.00 -6.74 29.15
C PRO C 345 -25.97 -7.08 30.19
N ASP C 346 -25.97 -8.34 30.60
CA ASP C 346 -25.00 -8.72 31.59
C ASP C 346 -23.70 -8.58 30.86
N LEU C 347 -23.64 -9.15 29.66
CA LEU C 347 -22.43 -9.06 28.82
C LEU C 347 -22.19 -7.60 28.43
N ALA C 348 -23.29 -6.95 28.00
CA ALA C 348 -23.32 -5.57 27.58
C ALA C 348 -22.65 -4.68 28.60
N LEU C 349 -23.10 -4.74 29.87
CA LEU C 349 -22.53 -3.91 30.95
C LEU C 349 -21.14 -4.35 31.30
N ARG C 350 -20.89 -5.65 31.21
CA ARG C 350 -19.55 -6.13 31.49
C ARG C 350 -18.68 -5.33 30.49
N MET C 351 -18.95 -5.60 29.21
CA MET C 351 -18.29 -4.95 28.07
C MET C 351 -18.20 -3.41 28.23
N ALA C 352 -19.36 -2.79 28.38
CA ALA C 352 -19.40 -1.34 28.56
C ALA C 352 -18.29 -0.82 29.52
N VAL C 353 -18.42 -1.16 30.81
CA VAL C 353 -17.47 -0.72 31.84
C VAL C 353 -16.06 -1.23 31.59
N ARG C 354 -15.97 -2.51 31.27
CA ARG C 354 -14.70 -3.15 31.03
C ARG C 354 -13.93 -2.35 30.03
N ASN C 355 -14.60 -1.95 28.96
CA ASN C 355 -13.93 -1.20 27.90
C ASN C 355 -14.29 0.28 27.70
N ASN C 356 -15.04 0.87 28.62
CA ASN C 356 -15.37 2.29 28.48
C ASN C 356 -16.22 2.53 27.28
N LEU C 357 -17.01 1.53 26.93
CA LEU C 357 -17.90 1.62 25.79
C LEU C 357 -19.18 2.35 26.18
N ALA C 358 -19.62 3.22 25.25
CA ALA C 358 -20.84 4.02 25.41
C ALA C 358 -22.04 3.13 25.15
N GLY C 359 -23.24 3.63 25.33
CA GLY C 359 -24.37 2.76 25.04
C GLY C 359 -25.12 2.19 26.20
N ALA C 360 -24.81 2.59 27.43
CA ALA C 360 -25.54 2.09 28.58
C ALA C 360 -25.69 3.11 29.69
N GLU C 361 -25.71 4.40 29.35
CA GLU C 361 -25.85 5.43 30.37
C GLU C 361 -27.09 5.18 31.21
N GLU C 362 -28.11 4.58 30.57
CA GLU C 362 -29.40 4.24 31.18
C GLU C 362 -29.28 3.29 32.36
N LEU C 363 -29.16 2.01 32.06
CA LEU C 363 -29.04 1.02 33.10
C LEU C 363 -27.78 1.24 33.94
N PHE C 364 -27.09 2.33 33.68
CA PHE C 364 -25.89 2.64 34.45
C PHE C 364 -26.31 3.74 35.41
N ALA C 365 -26.79 4.83 34.86
CA ALA C 365 -27.28 5.92 35.67
C ALA C 365 -28.47 5.39 36.45
N ARG C 366 -28.67 4.07 36.34
CA ARG C 366 -29.73 3.35 37.02
C ARG C 366 -29.14 2.56 38.20
N LYS C 367 -28.17 1.69 37.90
CA LYS C 367 -27.51 0.86 38.91
C LYS C 367 -27.09 1.65 40.16
N PHE C 368 -26.80 2.94 39.98
CA PHE C 368 -26.39 3.79 41.08
C PHE C 368 -27.58 4.00 41.99
N ASN C 369 -28.50 4.80 41.48
CA ASN C 369 -29.73 5.10 42.20
C ASN C 369 -30.28 3.79 42.73
N ALA C 370 -29.99 2.70 42.01
CA ALA C 370 -30.44 1.39 42.44
C ALA C 370 -30.01 1.18 43.89
N LEU C 371 -28.70 1.15 44.12
CA LEU C 371 -28.14 0.92 45.46
C LEU C 371 -28.35 2.05 46.47
N PHE C 372 -28.55 3.27 45.98
CA PHE C 372 -28.79 4.41 46.87
C PHE C 372 -30.14 4.22 47.52
N ALA C 373 -31.14 3.98 46.67
CA ALA C 373 -32.50 3.73 47.09
C ALA C 373 -32.47 2.46 47.94
N GLN C 374 -31.28 1.88 48.08
CA GLN C 374 -31.10 0.69 48.89
C GLN C 374 -30.41 1.20 50.12
N GLY C 375 -29.54 0.38 50.69
CA GLY C 375 -28.80 0.76 51.88
C GLY C 375 -27.31 0.69 51.56
N ASN C 376 -27.05 0.21 50.35
CA ASN C 376 -25.71 0.03 49.81
C ASN C 376 -25.24 1.31 49.17
N TYR C 377 -24.11 1.84 49.66
CA TYR C 377 -23.54 3.11 49.16
C TYR C 377 -22.02 3.08 48.97
N SER C 378 -21.47 1.89 48.76
CA SER C 378 -20.02 1.77 48.57
C SER C 378 -19.77 0.95 47.31
N GLU C 379 -20.84 0.26 46.90
CA GLU C 379 -20.82 -0.54 45.68
C GLU C 379 -21.44 0.41 44.67
N ALA C 380 -22.21 1.36 45.20
CA ALA C 380 -22.86 2.39 44.41
C ALA C 380 -21.75 3.31 43.89
N ALA C 381 -20.77 3.57 44.76
CA ALA C 381 -19.61 4.42 44.45
C ALA C 381 -18.74 3.70 43.44
N LYS C 382 -18.49 2.41 43.68
CA LYS C 382 -17.67 1.68 42.73
C LYS C 382 -18.42 1.84 41.44
N VAL C 383 -19.72 1.56 41.49
CA VAL C 383 -20.58 1.68 40.30
C VAL C 383 -20.46 3.04 39.62
N ALA C 384 -20.67 4.11 40.35
CA ALA C 384 -20.55 5.42 39.73
C ALA C 384 -19.10 5.88 39.79
N ALA C 385 -18.18 5.04 39.32
CA ALA C 385 -16.77 5.42 39.27
C ALA C 385 -16.12 4.63 38.12
N ASN C 386 -16.79 3.56 37.71
CA ASN C 386 -16.35 2.69 36.61
C ASN C 386 -17.33 2.78 35.39
N ALA C 387 -18.48 3.44 35.60
CA ALA C 387 -19.46 3.67 34.55
C ALA C 387 -18.64 4.49 33.54
N PRO C 388 -18.70 4.16 32.22
CA PRO C 388 -17.98 4.79 31.10
C PRO C 388 -18.18 6.25 30.71
N LYS C 389 -17.12 6.83 30.17
CA LYS C 389 -17.14 8.21 29.75
C LYS C 389 -17.48 9.17 30.86
N GLY C 390 -17.18 8.75 32.10
CA GLY C 390 -17.43 9.57 33.28
C GLY C 390 -18.90 9.83 33.51
N ILE C 391 -19.74 9.10 32.78
CA ILE C 391 -21.17 9.29 32.85
C ILE C 391 -21.73 9.78 34.18
N LEU C 392 -21.37 9.15 35.28
CA LEU C 392 -21.95 9.58 36.55
C LEU C 392 -20.94 10.34 37.41
N ARG C 393 -19.80 10.67 36.84
CA ARG C 393 -18.78 11.41 37.57
C ARG C 393 -19.33 12.83 37.67
N THR C 394 -20.54 12.95 38.19
CA THR C 394 -21.19 14.23 38.31
C THR C 394 -21.25 14.78 39.74
N PRO C 395 -21.32 16.13 39.88
CA PRO C 395 -21.39 16.77 41.20
C PRO C 395 -22.66 16.33 41.86
N ASP C 396 -23.71 16.28 41.05
CA ASP C 396 -25.01 15.86 41.52
C ASP C 396 -24.80 14.51 42.18
N THR C 397 -23.71 13.86 41.80
CA THR C 397 -23.34 12.55 42.32
C THR C 397 -22.55 12.69 43.61
N ILE C 398 -21.51 13.53 43.59
CA ILE C 398 -20.71 13.73 44.78
C ILE C 398 -21.65 14.28 45.83
N ARG C 399 -22.57 15.13 45.38
CA ARG C 399 -23.57 15.74 46.25
C ARG C 399 -24.38 14.64 46.91
N ARG C 400 -24.86 13.72 46.07
CA ARG C 400 -25.64 12.54 46.49
C ARG C 400 -24.83 11.82 47.57
N PHE C 401 -23.52 11.80 47.36
CA PHE C 401 -22.63 11.16 48.27
C PHE C 401 -22.29 11.99 49.49
N GLN C 402 -22.28 13.31 49.39
CA GLN C 402 -21.96 14.07 50.57
C GLN C 402 -23.09 13.81 51.56
N SER C 403 -24.32 14.00 51.09
CA SER C 403 -25.51 13.77 51.90
C SER C 403 -25.57 12.26 52.09
N VAL C 404 -24.39 11.71 52.40
CA VAL C 404 -24.26 10.28 52.58
C VAL C 404 -24.52 9.88 54.01
N PRO C 405 -25.14 8.71 54.18
CA PRO C 405 -25.46 8.13 55.49
C PRO C 405 -24.20 8.16 56.38
N ALA C 406 -24.13 9.16 57.26
CA ALA C 406 -23.02 9.32 58.21
C ALA C 406 -23.25 8.36 59.40
N GLN C 407 -22.74 7.14 59.25
CA GLN C 407 -22.90 6.11 60.29
C GLN C 407 -21.57 5.47 60.73
N PRO C 408 -21.15 5.80 61.96
CA PRO C 408 -19.96 5.41 62.75
C PRO C 408 -19.26 4.08 62.41
N GLY C 409 -17.93 4.14 62.32
CA GLY C 409 -17.16 2.94 62.00
C GLY C 409 -17.04 2.65 60.49
N GLN C 410 -18.11 2.98 59.75
CA GLN C 410 -18.15 2.76 58.31
C GLN C 410 -17.51 3.89 57.50
N THR C 411 -16.42 3.55 56.82
CA THR C 411 -15.70 4.50 55.98
C THR C 411 -16.66 5.33 55.17
N SER C 412 -16.41 6.63 55.08
CA SER C 412 -17.30 7.50 54.31
C SER C 412 -17.20 7.15 52.84
N PRO C 413 -18.33 6.74 52.23
CA PRO C 413 -18.43 6.39 50.81
C PRO C 413 -18.10 7.56 49.88
N LEU C 414 -18.24 8.80 50.37
CA LEU C 414 -17.88 9.91 49.53
C LEU C 414 -16.37 9.81 49.50
N LEU C 415 -15.80 9.45 50.65
CA LEU C 415 -14.37 9.29 50.74
C LEU C 415 -13.96 7.92 50.24
N GLN C 416 -14.89 6.97 50.24
CA GLN C 416 -14.62 5.65 49.72
C GLN C 416 -14.60 5.90 48.19
N TYR C 417 -15.59 6.67 47.73
CA TYR C 417 -15.74 7.03 46.31
C TYR C 417 -14.46 7.74 45.92
N PHE C 418 -14.19 8.86 46.60
CA PHE C 418 -13.01 9.69 46.36
C PHE C 418 -11.80 8.80 46.38
N GLY C 419 -12.06 7.53 46.69
CA GLY C 419 -11.01 6.54 46.75
C GLY C 419 -10.84 5.89 45.41
N ILE C 420 -11.95 5.40 44.88
CA ILE C 420 -11.92 4.75 43.57
C ILE C 420 -11.20 5.66 42.58
N LEU C 421 -11.65 6.90 42.49
CA LEU C 421 -11.04 7.84 41.59
C LEU C 421 -9.56 8.02 41.94
N LEU C 422 -9.28 8.22 43.24
CA LEU C 422 -7.90 8.43 43.73
C LEU C 422 -7.03 7.29 43.29
N ASP C 423 -7.53 6.08 43.49
CA ASP C 423 -6.82 4.88 43.08
C ASP C 423 -6.95 4.75 41.56
N GLN C 424 -7.76 5.61 40.96
CA GLN C 424 -8.01 5.60 39.51
C GLN C 424 -7.14 6.56 38.71
N GLY C 425 -6.88 7.73 39.27
CA GLY C 425 -6.04 8.70 38.59
C GLY C 425 -6.28 10.11 39.10
N GLN C 426 -6.46 11.05 38.17
CA GLN C 426 -6.73 12.44 38.55
C GLN C 426 -8.24 12.62 38.83
N LEU C 427 -8.54 13.54 39.76
CA LEU C 427 -9.90 13.86 40.13
C LEU C 427 -10.16 15.13 39.35
N ASN C 428 -11.38 15.32 38.85
CA ASN C 428 -11.71 16.51 38.06
C ASN C 428 -11.69 17.76 38.89
N LYS C 429 -11.64 18.89 38.21
CA LYS C 429 -11.61 20.20 38.86
C LYS C 429 -12.38 20.21 40.19
N TYR C 430 -13.68 19.90 40.13
CA TYR C 430 -14.57 19.90 41.30
C TYR C 430 -14.31 18.79 42.32
N GLU C 431 -14.23 17.55 41.85
CA GLU C 431 -13.97 16.41 42.70
C GLU C 431 -12.70 16.66 43.50
N SER C 432 -11.81 17.47 42.92
CA SER C 432 -10.53 17.80 43.55
C SER C 432 -10.65 19.03 44.43
N LEU C 433 -11.82 19.65 44.39
CA LEU C 433 -12.06 20.83 45.22
C LEU C 433 -12.72 20.41 46.52
N GLU C 434 -13.48 19.33 46.45
CA GLU C 434 -14.17 18.81 47.63
C GLU C 434 -13.34 17.73 48.34
N LEU C 435 -12.37 17.15 47.64
CA LEU C 435 -11.53 16.12 48.23
C LEU C 435 -10.63 16.91 49.12
N CYS C 436 -9.90 17.82 48.48
CA CYS C 436 -8.92 18.72 49.09
C CYS C 436 -9.48 19.54 50.24
N ARG C 437 -10.42 20.42 49.88
CA ARG C 437 -11.03 21.34 50.82
C ARG C 437 -11.09 20.93 52.30
N PRO C 438 -11.58 19.74 52.58
CA PRO C 438 -11.68 19.29 53.96
C PRO C 438 -10.34 19.00 54.55
N VAL C 439 -9.47 18.42 53.73
CA VAL C 439 -8.12 18.03 54.11
C VAL C 439 -7.41 19.28 54.59
N LEU C 440 -7.50 20.30 53.76
CA LEU C 440 -6.91 21.58 54.11
C LEU C 440 -7.87 22.16 55.14
N GLN C 441 -9.17 21.78 55.06
CA GLN C 441 -10.15 22.28 56.04
C GLN C 441 -9.51 21.88 57.39
N GLN C 442 -8.86 20.71 57.38
CA GLN C 442 -8.15 20.13 58.54
C GLN C 442 -6.81 20.86 58.68
N GLY C 443 -6.25 21.30 57.55
CA GLY C 443 -5.00 22.04 57.59
C GLY C 443 -3.80 21.16 57.33
N ARG C 444 -4.02 20.12 56.53
CA ARG C 444 -2.97 19.16 56.19
C ARG C 444 -2.37 19.32 54.78
N LYS C 445 -1.06 19.51 54.72
CA LYS C 445 -0.37 19.64 53.45
C LYS C 445 0.21 18.28 53.11
N GLN C 446 0.54 17.51 54.14
CA GLN C 446 1.14 16.19 53.96
C GLN C 446 0.50 15.32 52.86
N LEU C 447 -0.84 15.26 52.83
CA LEU C 447 -1.54 14.47 51.83
C LEU C 447 -1.76 15.26 50.55
N LEU C 448 -2.23 16.49 50.67
CA LEU C 448 -2.42 17.33 49.50
C LEU C 448 -1.18 17.20 48.60
N GLU C 449 -0.02 17.48 49.17
CA GLU C 449 1.23 17.40 48.45
C GLU C 449 1.28 16.08 47.68
N LYS C 450 1.28 14.97 48.40
CA LYS C 450 1.34 13.64 47.81
C LYS C 450 0.48 13.53 46.55
N TRP C 451 -0.84 13.65 46.70
CA TRP C 451 -1.75 13.57 45.56
C TRP C 451 -1.21 14.45 44.42
N LEU C 452 -0.78 15.66 44.77
CA LEU C 452 -0.27 16.62 43.78
C LEU C 452 0.97 16.10 43.06
N LYS C 453 1.97 15.68 43.83
CA LYS C 453 3.19 15.16 43.26
C LYS C 453 2.82 14.12 42.22
N GLU C 454 1.68 13.46 42.41
CA GLU C 454 1.26 12.41 41.50
C GLU C 454 0.18 12.79 40.48
N ASP C 455 -0.07 14.08 40.31
CA ASP C 455 -1.06 14.54 39.35
C ASP C 455 -2.48 13.99 39.60
N LYS C 456 -2.69 13.36 40.74
CA LYS C 456 -4.00 12.81 41.04
C LYS C 456 -5.05 13.91 41.14
N LEU C 457 -4.61 15.17 41.08
CA LEU C 457 -5.48 16.35 41.18
C LEU C 457 -5.37 17.32 40.01
N GLU C 458 -6.51 17.77 39.47
CA GLU C 458 -6.52 18.78 38.40
C GLU C 458 -6.79 20.07 39.17
N CYS C 459 -5.81 20.97 39.24
CA CYS C 459 -5.96 22.22 40.00
C CYS C 459 -6.91 23.22 39.39
N SER C 460 -7.16 24.31 40.12
CA SER C 460 -8.03 25.42 39.69
C SER C 460 -7.42 26.73 40.27
N GLU C 461 -8.18 27.83 40.23
CA GLU C 461 -7.74 29.10 40.83
C GLU C 461 -8.27 29.03 42.26
N GLU C 462 -9.37 28.29 42.42
CA GLU C 462 -10.02 28.06 43.71
C GLU C 462 -8.93 27.40 44.56
N LEU C 463 -8.76 26.11 44.35
CA LEU C 463 -7.75 25.37 45.03
C LEU C 463 -6.62 26.34 45.24
N GLY C 464 -6.38 27.17 44.23
CA GLY C 464 -5.32 28.16 44.34
C GLY C 464 -5.58 29.02 45.57
N ASP C 465 -6.60 29.86 45.48
CA ASP C 465 -6.97 30.75 46.56
C ASP C 465 -7.10 29.95 47.89
N LEU C 466 -7.31 28.65 47.76
CA LEU C 466 -7.45 27.76 48.93
C LEU C 466 -6.10 27.46 49.59
N VAL C 467 -5.42 26.43 49.07
CA VAL C 467 -4.12 25.98 49.56
C VAL C 467 -3.24 27.14 50.00
N LYS C 468 -3.60 28.34 49.54
CA LYS C 468 -2.86 29.56 49.87
C LYS C 468 -2.95 29.94 51.35
N SER C 469 -4.14 29.89 51.92
CA SER C 469 -4.29 30.24 53.33
C SER C 469 -3.34 29.44 54.20
N VAL C 470 -2.85 28.33 53.66
CA VAL C 470 -1.92 27.46 54.39
C VAL C 470 -0.46 27.86 54.17
N ASP C 471 0.04 27.56 52.96
CA ASP C 471 1.40 27.86 52.60
C ASP C 471 1.51 28.18 51.12
N PRO C 472 2.16 29.20 50.82
CA PRO C 472 2.18 29.70 49.45
C PRO C 472 2.77 28.75 48.43
N THR C 473 4.08 28.59 48.48
CA THR C 473 4.78 27.75 47.53
C THR C 473 4.06 26.47 47.12
N LEU C 474 3.18 25.96 47.96
CA LEU C 474 2.44 24.76 47.57
C LEU C 474 1.35 25.26 46.59
N ALA C 475 0.60 26.26 47.04
CA ALA C 475 -0.47 26.89 46.27
C ALA C 475 0.07 27.39 44.95
N LEU C 476 1.26 27.97 44.99
CA LEU C 476 1.92 28.50 43.80
C LEU C 476 1.92 27.39 42.79
N SER C 477 2.37 26.22 43.21
CA SER C 477 2.41 25.09 42.31
C SER C 477 1.02 24.77 41.72
N VAL C 478 0.05 24.72 42.62
CA VAL C 478 -1.33 24.42 42.30
C VAL C 478 -1.95 25.48 41.42
N TYR C 479 -1.50 26.70 41.65
CA TYR C 479 -1.94 27.89 40.92
C TYR C 479 -1.33 27.86 39.50
N LEU C 480 -0.07 27.40 39.42
CA LEU C 480 0.64 27.29 38.16
C LEU C 480 0.07 26.10 37.42
N ARG C 481 -0.07 24.96 38.09
CA ARG C 481 -0.63 23.80 37.42
C ARG C 481 -1.98 24.17 36.83
N ALA C 482 -2.70 25.06 37.49
CA ALA C 482 -4.02 25.51 37.05
C ALA C 482 -3.96 26.55 35.92
N ASN C 483 -2.92 27.47 35.89
CA ASN C 483 -2.55 28.56 35.00
C ASN C 483 -3.55 29.70 35.13
N VAL C 484 -3.07 30.81 35.78
CA VAL C 484 -3.77 32.10 35.90
C VAL C 484 -2.95 33.29 35.40
N PRO C 485 -3.70 34.53 35.34
CA PRO C 485 -3.08 35.70 34.73
C PRO C 485 -2.07 36.39 35.66
N ASN C 486 -1.32 37.33 35.13
CA ASN C 486 -0.27 38.04 35.84
C ASN C 486 -0.81 38.71 37.10
N LYS C 487 -1.97 38.36 37.54
CA LYS C 487 -2.60 38.86 38.75
C LYS C 487 -3.84 38.03 39.09
#